data_5Y7H
#
_entry.id   5Y7H
#
_cell.length_a   64.301
_cell.length_b   126.420
_cell.length_c   113.382
_cell.angle_alpha   90.00
_cell.angle_beta   100.43
_cell.angle_gamma   90.00
#
_symmetry.space_group_name_H-M   'P 1 21 1'
#
loop_
_entity.id
_entity.type
_entity.pdbx_description
1 polymer 'Dipeptidyl peptidase 4'
2 non-polymer (R)-4-(3-amino-4-(2,4,5-trifluorophenyl)butanoyl)piperazin-2-one
3 water water
#
_entity_poly.entity_id   1
_entity_poly.type   'polypeptide(L)'
_entity_poly.pdbx_seq_one_letter_code
;SRKTYTLTDYLKNTYRLKLYSLRWISDHEYLYKQENNILVFNAEYGNSSVFLENSTFDEFGHSINDYSISPDGQFILLEY
NYVKQWRHSYTASYDIYDLNKRQLITEERIPNNTQWVTWSPVGHKLAYVWNNDIYVKIEPNLPSYRITWTGKEDIIYNGI
TDWVYEEEVFSAYSALWWSPNGTFLAYAQFNDTEVPLIEYSFYSDESLQYPKTVRVPYPKAGAVNPTVKFFVVNTDSLSS
VTNATSIQITAPASMLIGDHYLCDVTWATQERISLQWLRRIQNYSVMDICDYDESSGRWNCLVARQHIEMSTTGWVGRFR
PSEPHFTLDGNSFYKIISNEEGYRHICYFQIDKKDCTFITKGTWEVIGIEALTSDYLYYISNEYKGMPGGRNLYKIQLSD
YTKVTCLSCELNPERCQYYSVSFSKEAKYYQLRCSGPGLPLYTLHSSVNDKGLRVLEDNSALDKMLQNVQMPSKKLDFII
LNETKFWYQMILPPHFDKSKKYPLLLDVYAGPCSQKADTVFRLNWATYLASTENIIVASFDGRGSGYQGDKIMHAINRRL
GTFEVEDQIEAARQFSKMGFVDNKRIAIWGWSYGGYVTSMVLGSGSGVFKCGIAVAPVSRWEYYDSVYTERYMGLPTPED
NLDHYRNSTVMSRAENFKQVEYLLIHGTADDNVHFQQSAQISKALVDVGVDFQAMWYTDEDHGIASSTAHQHIYTHMSHF
IKQCFSLP
;
_entity_poly.pdbx_strand_id   A,B
#
loop_
_chem_comp.id
_chem_comp.type
_chem_comp.name
_chem_comp.formula
8O3 non-polymer (R)-4-(3-amino-4-(2,4,5-trifluorophenyl)butanoyl)piperazin-2-one 'C14 H16 F3 N3 O2'
#
# COMPACT_ATOMS: atom_id res chain seq x y z
N LYS A 3 19.98 -34.55 -12.59
CA LYS A 3 19.89 -33.10 -12.45
C LYS A 3 19.06 -32.49 -13.57
N THR A 4 18.20 -31.53 -13.23
CA THR A 4 17.26 -30.94 -14.16
C THR A 4 17.42 -29.42 -14.16
N TYR A 5 16.57 -28.76 -14.93
CA TYR A 5 16.54 -27.30 -15.00
C TYR A 5 15.86 -26.77 -13.75
N THR A 6 16.65 -26.15 -12.86
CA THR A 6 16.19 -25.78 -11.54
C THR A 6 15.77 -24.31 -11.50
N LEU A 7 15.10 -23.94 -10.41
CA LEU A 7 14.70 -22.55 -10.21
C LEU A 7 15.92 -21.64 -10.07
N THR A 8 16.98 -22.14 -9.44
CA THR A 8 18.22 -21.37 -9.35
C THR A 8 18.79 -21.11 -10.75
N ASP A 9 18.71 -22.10 -11.63
CA ASP A 9 19.17 -21.90 -13.01
C ASP A 9 18.39 -20.78 -13.68
N TYR A 10 17.06 -20.80 -13.55
CA TYR A 10 16.26 -19.77 -14.19
C TYR A 10 16.53 -18.39 -13.60
N LEU A 11 16.62 -18.31 -12.28
CA LEU A 11 16.80 -17.01 -11.61
C LEU A 11 18.21 -16.45 -11.80
N LYS A 12 19.19 -17.29 -12.08
CA LYS A 12 20.57 -16.85 -12.25
C LYS A 12 21.03 -16.87 -13.71
N ASN A 13 20.17 -17.28 -14.65
CA ASN A 13 20.51 -17.30 -16.07
C ASN A 13 21.68 -18.25 -16.33
N THR A 14 21.57 -19.46 -15.80
CA THR A 14 22.65 -20.44 -15.96
C THR A 14 22.84 -20.79 -17.43
N TYR A 15 21.78 -21.22 -18.10
CA TYR A 15 21.83 -21.58 -19.52
C TYR A 15 21.26 -20.41 -20.32
N ARG A 16 22.16 -19.57 -20.85
CA ARG A 16 21.77 -18.33 -21.50
C ARG A 16 21.68 -18.53 -23.02
N LEU A 17 20.55 -18.14 -23.59
CA LEU A 17 20.41 -18.11 -25.04
C LEU A 17 21.33 -17.06 -25.64
N LYS A 18 21.80 -17.33 -26.85
CA LYS A 18 22.67 -16.41 -27.57
C LYS A 18 21.87 -15.67 -28.64
N LEU A 19 22.01 -14.35 -28.66
CA LEU A 19 21.37 -13.51 -29.67
C LEU A 19 22.38 -13.11 -30.73
N TYR A 20 21.91 -12.40 -31.76
CA TYR A 20 22.78 -11.85 -32.79
C TYR A 20 22.24 -10.47 -33.15
N SER A 21 22.56 -9.48 -32.32
CA SER A 21 22.11 -8.11 -32.52
C SER A 21 23.00 -7.44 -33.56
N LEU A 22 22.45 -7.18 -34.74
CA LEU A 22 23.16 -6.50 -35.81
C LEU A 22 22.40 -5.25 -36.22
N ARG A 23 23.13 -4.26 -36.70
CA ARG A 23 22.56 -2.97 -37.08
C ARG A 23 22.98 -2.66 -38.51
N TRP A 24 22.04 -2.80 -39.45
CA TRP A 24 22.30 -2.47 -40.85
C TRP A 24 22.61 -0.99 -40.99
N ILE A 25 23.84 -0.66 -41.36
CA ILE A 25 24.20 0.73 -41.64
C ILE A 25 24.03 1.09 -43.10
N SER A 26 24.07 0.12 -44.00
CA SER A 26 23.91 0.36 -45.43
C SER A 26 23.09 -0.78 -46.01
N ASP A 27 23.19 -0.95 -47.34
CA ASP A 27 22.51 -2.04 -48.01
C ASP A 27 23.30 -3.34 -47.99
N HIS A 28 24.56 -3.30 -47.53
CA HIS A 28 25.39 -4.50 -47.54
C HIS A 28 26.36 -4.56 -46.36
N GLU A 29 26.18 -3.74 -45.32
CA GLU A 29 27.08 -3.72 -44.18
C GLU A 29 26.27 -3.56 -42.90
N TYR A 30 26.56 -4.40 -41.91
CA TYR A 30 25.86 -4.38 -40.64
C TYR A 30 26.87 -4.47 -39.49
N LEU A 31 26.61 -3.73 -38.42
CA LEU A 31 27.47 -3.73 -37.25
C LEU A 31 27.12 -4.87 -36.31
N TYR A 32 28.11 -5.32 -35.54
CA TYR A 32 27.94 -6.43 -34.62
C TYR A 32 28.68 -6.15 -33.32
N LYS A 33 28.13 -6.66 -32.22
CA LYS A 33 28.68 -6.44 -30.89
C LYS A 33 29.62 -7.58 -30.54
N GLN A 34 30.91 -7.39 -30.81
CA GLN A 34 31.94 -8.37 -30.48
C GLN A 34 32.72 -7.87 -29.27
N GLU A 35 32.82 -8.72 -28.25
CA GLU A 35 33.41 -8.31 -26.98
C GLU A 35 32.71 -7.04 -26.51
N ASN A 36 33.46 -5.94 -26.42
CA ASN A 36 32.88 -4.61 -26.33
C ASN A 36 33.28 -3.76 -27.52
N ASN A 37 33.95 -4.33 -28.51
CA ASN A 37 34.33 -3.63 -29.73
C ASN A 37 33.16 -3.62 -30.71
N ILE A 38 33.18 -2.65 -31.62
CA ILE A 38 32.17 -2.51 -32.64
C ILE A 38 32.78 -2.90 -33.97
N LEU A 39 32.18 -3.90 -34.62
CA LEU A 39 32.62 -4.37 -35.94
C LEU A 39 31.65 -3.89 -37.01
N VAL A 40 32.08 -4.04 -38.25
CA VAL A 40 31.25 -3.72 -39.42
C VAL A 40 31.40 -4.87 -40.39
N PHE A 41 30.40 -5.74 -40.44
CA PHE A 41 30.44 -6.91 -41.32
C PHE A 41 29.96 -6.54 -42.71
N ASN A 42 30.58 -7.15 -43.71
CA ASN A 42 30.12 -7.07 -45.09
C ASN A 42 29.25 -8.30 -45.36
N ALA A 43 27.94 -8.07 -45.51
CA ALA A 43 27.01 -9.19 -45.64
C ALA A 43 27.33 -10.08 -46.83
N GLU A 44 27.85 -9.49 -47.92
CA GLU A 44 28.08 -10.27 -49.13
C GLU A 44 29.19 -11.30 -48.94
N TYR A 45 30.23 -10.95 -48.19
CA TYR A 45 31.40 -11.80 -48.05
C TYR A 45 31.61 -12.38 -46.66
N GLY A 46 30.90 -11.87 -45.64
CA GLY A 46 31.00 -12.41 -44.30
C GLY A 46 32.22 -11.98 -43.53
N ASN A 47 33.10 -11.17 -44.11
CA ASN A 47 34.24 -10.64 -43.38
C ASN A 47 33.87 -9.32 -42.72
N SER A 48 34.62 -8.96 -41.68
CA SER A 48 34.36 -7.76 -40.91
C SER A 48 35.62 -6.93 -40.81
N SER A 49 35.47 -5.73 -40.27
CA SER A 49 36.59 -4.83 -40.01
C SER A 49 36.23 -3.98 -38.80
N VAL A 50 37.20 -3.82 -37.89
CA VAL A 50 36.92 -3.15 -36.63
C VAL A 50 36.54 -1.70 -36.87
N PHE A 51 35.37 -1.31 -36.36
CA PHE A 51 34.91 0.07 -36.46
C PHE A 51 35.27 0.90 -35.23
N LEU A 52 35.43 0.25 -34.07
CA LEU A 52 35.71 0.97 -32.84
C LEU A 52 36.22 -0.02 -31.81
N GLU A 53 37.43 0.23 -31.28
CA GLU A 53 37.95 -0.63 -30.23
C GLU A 53 37.17 -0.40 -28.93
N ASN A 54 37.20 -1.42 -28.07
CA ASN A 54 36.57 -1.33 -26.76
C ASN A 54 37.36 -0.48 -25.78
N SER A 55 38.39 0.23 -26.26
CA SER A 55 39.15 1.16 -25.45
C SER A 55 38.91 2.62 -25.82
N THR A 56 38.14 2.89 -26.88
CA THR A 56 37.83 4.27 -27.23
C THR A 56 37.14 4.99 -26.07
N PHE A 57 36.32 4.26 -25.32
CA PHE A 57 35.65 4.78 -24.14
C PHE A 57 36.23 4.18 -22.85
N ASP A 58 37.49 3.75 -22.92
CA ASP A 58 38.15 3.19 -21.74
C ASP A 58 38.34 4.25 -20.67
N GLU A 59 38.87 5.42 -21.05
CA GLU A 59 39.05 6.55 -20.15
C GLU A 59 37.88 7.52 -20.21
N PHE A 60 36.65 7.01 -20.31
CA PHE A 60 35.49 7.87 -20.49
C PHE A 60 35.03 8.48 -19.18
N GLY A 61 35.01 7.70 -18.10
CA GLY A 61 34.58 8.17 -16.79
C GLY A 61 33.21 7.68 -16.38
N HIS A 62 32.40 7.21 -17.33
CA HIS A 62 31.07 6.68 -17.02
C HIS A 62 30.95 5.30 -17.67
N SER A 63 29.72 4.87 -17.90
CA SER A 63 29.46 3.59 -18.54
C SER A 63 28.34 3.76 -19.56
N ILE A 64 28.62 3.46 -20.82
CA ILE A 64 27.63 3.59 -21.88
C ILE A 64 26.59 2.49 -21.73
N ASN A 65 25.32 2.86 -21.83
CA ASN A 65 24.25 1.87 -21.88
C ASN A 65 23.88 1.51 -23.31
N ASP A 66 23.90 2.49 -24.21
CA ASP A 66 23.63 2.25 -25.62
C ASP A 66 24.32 3.33 -26.44
N TYR A 67 24.75 2.96 -27.64
CA TYR A 67 25.38 3.87 -28.57
C TYR A 67 24.42 4.19 -29.71
N SER A 68 24.80 5.16 -30.55
CA SER A 68 23.93 5.59 -31.64
C SER A 68 24.81 6.32 -32.66
N ILE A 69 25.34 5.57 -33.63
CA ILE A 69 26.13 6.16 -34.71
C ILE A 69 25.22 7.02 -35.57
N SER A 70 25.73 8.15 -36.04
CA SER A 70 24.97 8.96 -36.96
C SER A 70 24.82 8.23 -38.30
N PRO A 71 23.75 8.50 -39.04
CA PRO A 71 23.55 7.79 -40.31
C PRO A 71 24.76 7.85 -41.24
N ASP A 72 25.29 9.05 -41.49
CA ASP A 72 26.46 9.17 -42.36
C ASP A 72 27.67 8.48 -41.77
N GLY A 73 27.77 8.43 -40.44
CA GLY A 73 28.91 7.85 -39.77
C GLY A 73 29.96 8.83 -39.28
N GLN A 74 29.60 10.10 -39.15
CA GLN A 74 30.55 11.12 -38.72
C GLN A 74 30.46 11.44 -37.23
N PHE A 75 29.40 11.01 -36.55
CA PHE A 75 29.25 11.23 -35.12
C PHE A 75 28.60 10.01 -34.50
N ILE A 76 28.88 9.81 -33.20
CA ILE A 76 28.32 8.70 -32.43
C ILE A 76 27.83 9.25 -31.10
N LEU A 77 26.55 9.02 -30.80
CA LEU A 77 25.95 9.50 -29.57
C LEU A 77 26.05 8.44 -28.48
N LEU A 78 26.43 8.87 -27.28
CA LEU A 78 26.64 7.98 -26.16
C LEU A 78 25.55 8.18 -25.12
N GLU A 79 25.04 7.07 -24.59
CA GLU A 79 23.94 7.08 -23.62
C GLU A 79 24.45 6.50 -22.31
N TYR A 80 24.40 7.30 -21.25
CA TYR A 80 24.83 6.88 -19.92
C TYR A 80 23.93 7.53 -18.88
N ASN A 81 24.14 7.16 -17.62
CA ASN A 81 23.30 7.62 -16.52
C ASN A 81 21.84 7.27 -16.76
N TYR A 82 21.62 6.03 -17.17
CA TYR A 82 20.28 5.56 -17.50
C TYR A 82 19.38 5.58 -16.28
N VAL A 83 18.17 6.10 -16.43
CA VAL A 83 17.18 6.15 -15.36
C VAL A 83 15.83 5.77 -15.97
N LYS A 84 15.29 4.62 -15.57
CA LYS A 84 14.05 4.12 -16.13
C LYS A 84 12.85 4.87 -15.56
N GLN A 85 11.81 5.02 -16.38
CA GLN A 85 10.58 5.68 -15.95
C GLN A 85 9.41 4.72 -16.02
N TRP A 86 8.72 4.67 -17.16
CA TRP A 86 7.62 3.74 -17.35
C TRP A 86 8.09 2.56 -18.19
N ARG A 87 7.15 1.87 -18.85
CA ARG A 87 7.48 0.68 -19.61
C ARG A 87 8.55 0.97 -20.67
N HIS A 88 8.32 1.98 -21.51
CA HIS A 88 9.26 2.33 -22.56
C HIS A 88 10.06 3.58 -22.25
N SER A 89 9.49 4.53 -21.53
CA SER A 89 10.15 5.81 -21.29
C SER A 89 11.36 5.63 -20.38
N TYR A 90 12.26 6.62 -20.45
CA TYR A 90 13.44 6.68 -19.60
C TYR A 90 14.15 7.99 -19.86
N THR A 91 15.02 8.38 -18.93
CA THR A 91 15.81 9.59 -19.04
C THR A 91 17.26 9.28 -18.69
N ALA A 92 18.18 9.91 -19.39
CA ALA A 92 19.60 9.60 -19.22
C ALA A 92 20.42 10.80 -19.67
N SER A 93 21.75 10.64 -19.67
CA SER A 93 22.70 11.63 -20.13
C SER A 93 23.29 11.21 -21.47
N TYR A 94 23.83 12.18 -22.21
CA TYR A 94 24.32 11.93 -23.55
C TYR A 94 25.58 12.73 -23.84
N ASP A 95 26.53 12.08 -24.51
CA ASP A 95 27.76 12.72 -24.95
C ASP A 95 27.97 12.38 -26.43
N ILE A 96 28.27 13.41 -27.22
CA ILE A 96 28.49 13.26 -28.65
C ILE A 96 29.99 13.11 -28.90
N TYR A 97 30.36 12.13 -29.71
CA TYR A 97 31.76 11.85 -30.04
C TYR A 97 31.99 12.15 -31.51
N ASP A 98 32.94 13.05 -31.78
CA ASP A 98 33.30 13.40 -33.15
C ASP A 98 34.23 12.31 -33.69
N LEU A 99 33.66 11.39 -34.46
CA LEU A 99 34.45 10.27 -34.98
C LEU A 99 35.62 10.76 -35.83
N ASN A 100 35.41 11.85 -36.58
CA ASN A 100 36.45 12.33 -37.50
C ASN A 100 37.60 12.97 -36.73
N LYS A 101 37.30 13.92 -35.85
CA LYS A 101 38.33 14.49 -34.99
C LYS A 101 38.86 13.49 -33.99
N ARG A 102 38.10 12.44 -33.67
CA ARG A 102 38.46 11.48 -32.64
C ARG A 102 38.54 12.12 -31.27
N GLN A 103 37.67 13.11 -31.02
CA GLN A 103 37.57 13.80 -29.74
C GLN A 103 36.14 13.67 -29.22
N LEU A 104 35.84 14.39 -28.16
CA LEU A 104 34.53 14.38 -27.53
C LEU A 104 33.97 15.80 -27.50
N ILE A 105 32.74 15.96 -27.97
CA ILE A 105 32.10 17.28 -28.00
C ILE A 105 31.94 17.78 -26.57
N THR A 106 32.47 18.95 -26.29
CA THR A 106 32.35 19.60 -24.99
C THR A 106 31.52 20.88 -25.03
N GLU A 107 31.62 21.65 -26.10
CA GLU A 107 30.85 22.88 -26.25
C GLU A 107 29.41 22.57 -26.63
N GLU A 108 28.47 23.26 -26.00
CA GLU A 108 27.04 23.11 -26.27
C GLU A 108 26.63 21.64 -26.22
N ARG A 109 26.92 21.02 -25.07
CA ARG A 109 26.60 19.61 -24.88
C ARG A 109 25.10 19.42 -24.66
N ILE A 110 24.61 18.24 -25.03
CA ILE A 110 23.20 17.92 -24.82
C ILE A 110 22.89 18.03 -23.33
N PRO A 111 21.81 18.69 -22.93
CA PRO A 111 21.52 18.81 -21.50
C PRO A 111 21.35 17.45 -20.85
N ASN A 112 21.65 17.39 -19.55
CA ASN A 112 21.42 16.17 -18.81
C ASN A 112 19.93 16.01 -18.51
N ASN A 113 19.55 14.79 -18.15
CA ASN A 113 18.15 14.46 -17.90
C ASN A 113 17.31 14.66 -19.16
N THR A 114 17.85 14.24 -20.30
CA THR A 114 17.15 14.36 -21.57
C THR A 114 16.16 13.22 -21.73
N GLN A 115 14.90 13.57 -22.02
CA GLN A 115 13.84 12.58 -22.09
C GLN A 115 13.89 11.75 -23.37
N TRP A 116 14.37 12.33 -24.47
CA TRP A 116 14.45 11.59 -25.73
C TRP A 116 15.39 12.30 -26.69
N VAL A 117 16.11 11.50 -27.48
CA VAL A 117 17.02 12.00 -28.49
C VAL A 117 17.06 11.01 -29.65
N THR A 118 17.26 11.53 -30.86
CA THR A 118 17.32 10.70 -32.05
C THR A 118 17.96 11.47 -33.18
N TRP A 119 18.62 10.74 -34.08
CA TRP A 119 19.23 11.35 -35.25
C TRP A 119 18.20 11.56 -36.36
N SER A 120 18.57 12.39 -37.32
CA SER A 120 17.80 12.47 -38.55
C SER A 120 18.13 11.25 -39.42
N PRO A 121 17.22 10.88 -40.32
CA PRO A 121 17.43 9.64 -41.10
C PRO A 121 18.75 9.60 -41.84
N VAL A 122 19.21 10.74 -42.36
CA VAL A 122 20.45 10.79 -43.14
C VAL A 122 21.26 12.00 -42.67
N GLY A 123 22.58 11.84 -42.64
CA GLY A 123 23.47 12.90 -42.25
C GLY A 123 23.82 12.87 -40.78
N HIS A 124 23.80 14.04 -40.12
CA HIS A 124 24.10 14.12 -38.70
C HIS A 124 23.20 15.10 -37.96
N LYS A 125 22.13 15.58 -38.60
CA LYS A 125 21.19 16.45 -37.91
C LYS A 125 20.62 15.74 -36.68
N LEU A 126 20.46 16.49 -35.59
CA LEU A 126 20.14 15.91 -34.30
C LEU A 126 18.98 16.65 -33.66
N ALA A 127 17.99 15.91 -33.19
CA ALA A 127 16.85 16.45 -32.47
C ALA A 127 16.64 15.67 -31.18
N TYR A 128 16.35 16.39 -30.09
CA TYR A 128 16.13 15.75 -28.81
C TYR A 128 15.10 16.52 -28.03
N VAL A 129 14.41 15.83 -27.12
CA VAL A 129 13.40 16.42 -26.26
C VAL A 129 13.98 16.52 -24.85
N TRP A 130 13.89 17.70 -24.26
CA TRP A 130 14.41 17.95 -22.92
C TRP A 130 13.46 18.89 -22.19
N ASN A 131 12.96 18.45 -21.03
CA ASN A 131 11.99 19.22 -20.26
C ASN A 131 10.70 19.45 -21.05
N ASN A 132 10.31 18.43 -21.82
CA ASN A 132 9.07 18.43 -22.58
C ASN A 132 9.09 19.40 -23.76
N ASP A 133 10.28 19.73 -24.26
CA ASP A 133 10.41 20.65 -25.38
C ASP A 133 11.44 20.12 -26.36
N ILE A 134 11.29 20.52 -27.62
CA ILE A 134 12.07 19.97 -28.73
C ILE A 134 13.23 20.90 -29.03
N TYR A 135 14.44 20.35 -29.07
CA TYR A 135 15.64 21.05 -29.48
C TYR A 135 16.29 20.31 -30.64
N VAL A 136 16.77 21.06 -31.62
CA VAL A 136 17.42 20.51 -32.80
C VAL A 136 18.80 21.12 -32.94
N LYS A 137 19.81 20.27 -33.13
CA LYS A 137 21.19 20.70 -33.36
C LYS A 137 21.58 20.28 -34.77
N ILE A 138 21.67 21.26 -35.67
CA ILE A 138 22.13 20.98 -37.03
C ILE A 138 23.49 20.28 -36.99
N GLU A 139 24.39 20.76 -36.14
CA GLU A 139 25.69 20.16 -35.92
C GLU A 139 25.88 19.89 -34.44
N PRO A 140 26.61 18.83 -34.09
CA PRO A 140 26.80 18.52 -32.67
C PRO A 140 27.37 19.68 -31.85
N ASN A 141 28.23 20.50 -32.45
CA ASN A 141 28.86 21.60 -31.74
C ASN A 141 28.10 22.91 -31.84
N LEU A 142 27.03 22.97 -32.66
CA LEU A 142 26.30 24.22 -32.77
C LEU A 142 25.21 24.32 -31.71
N PRO A 143 24.85 25.54 -31.31
CA PRO A 143 23.76 25.71 -30.36
C PRO A 143 22.44 25.17 -30.91
N SER A 144 21.65 24.57 -30.04
CA SER A 144 20.38 23.98 -30.44
C SER A 144 19.30 25.04 -30.57
N TYR A 145 18.38 24.81 -31.49
CA TYR A 145 17.23 25.68 -31.69
C TYR A 145 16.05 25.17 -30.88
N ARG A 146 15.33 26.09 -30.24
CA ARG A 146 14.17 25.74 -29.42
C ARG A 146 12.93 25.79 -30.30
N ILE A 147 12.40 24.61 -30.65
CA ILE A 147 11.23 24.54 -31.52
C ILE A 147 9.96 24.85 -30.73
N THR A 148 9.81 24.25 -29.56
CA THR A 148 8.65 24.45 -28.71
C THR A 148 9.05 25.15 -27.43
N TRP A 149 8.11 25.93 -26.88
CA TRP A 149 8.32 26.65 -25.64
C TRP A 149 7.25 26.35 -24.59
N THR A 150 6.30 25.47 -24.90
CA THR A 150 5.20 25.17 -23.99
C THR A 150 5.46 23.94 -23.13
N GLY A 151 6.64 23.33 -23.24
CA GLY A 151 6.98 22.17 -22.43
C GLY A 151 6.75 22.41 -20.95
N LYS A 152 5.94 21.55 -20.32
CA LYS A 152 5.57 21.72 -18.93
C LYS A 152 5.38 20.35 -18.31
N GLU A 153 6.04 20.12 -17.18
CA GLU A 153 6.05 18.79 -16.58
C GLU A 153 4.66 18.35 -16.19
N ASP A 154 4.29 17.13 -16.60
CA ASP A 154 3.02 16.50 -16.25
C ASP A 154 1.82 17.22 -16.86
N ILE A 155 2.02 18.06 -17.86
CA ILE A 155 0.91 18.79 -18.48
C ILE A 155 1.07 18.83 -19.99
N ILE A 156 2.14 19.48 -20.46
CA ILE A 156 2.35 19.70 -21.89
C ILE A 156 3.51 18.81 -22.33
N TYR A 157 3.23 17.91 -23.28
CA TYR A 157 4.24 16.99 -23.80
C TYR A 157 4.48 17.33 -25.27
N ASN A 158 5.65 17.92 -25.55
CA ASN A 158 6.06 18.25 -26.91
C ASN A 158 7.21 17.32 -27.28
N GLY A 159 6.98 16.43 -28.24
CA GLY A 159 7.97 15.50 -28.70
C GLY A 159 7.98 14.16 -27.99
N ILE A 160 7.30 14.05 -26.84
CA ILE A 160 7.21 12.80 -26.10
C ILE A 160 5.74 12.52 -25.81
N THR A 161 5.42 11.24 -25.70
CA THR A 161 4.05 10.83 -25.36
C THR A 161 3.86 10.83 -23.85
N ASP A 162 2.64 11.12 -23.42
CA ASP A 162 2.30 11.04 -22.02
C ASP A 162 2.18 9.57 -21.63
N TRP A 163 1.59 9.31 -20.46
CA TRP A 163 1.55 7.93 -19.95
C TRP A 163 0.69 7.05 -20.86
N VAL A 164 -0.56 7.42 -21.08
CA VAL A 164 -1.49 6.55 -21.79
C VAL A 164 -1.05 6.35 -23.23
N TYR A 165 -0.54 7.40 -23.87
CA TYR A 165 -0.10 7.27 -25.26
C TYR A 165 1.14 6.39 -25.37
N GLU A 166 2.05 6.48 -24.40
CA GLU A 166 3.21 5.61 -24.40
C GLU A 166 2.82 4.16 -24.18
N GLU A 167 1.90 3.91 -23.24
CA GLU A 167 1.59 2.54 -22.83
C GLU A 167 0.61 1.87 -23.76
N GLU A 168 -0.34 2.61 -24.32
CA GLU A 168 -1.46 2.02 -25.04
C GLU A 168 -1.47 2.29 -26.53
N VAL A 169 -0.59 3.14 -27.04
CA VAL A 169 -0.65 3.53 -28.45
C VAL A 169 0.69 3.28 -29.13
N PHE A 170 1.63 4.21 -28.96
CA PHE A 170 2.88 4.16 -29.70
C PHE A 170 3.90 3.18 -29.13
N SER A 171 3.70 2.71 -27.91
CA SER A 171 4.67 1.82 -27.26
C SER A 171 6.08 2.41 -27.34
N ALA A 172 6.18 3.69 -27.00
CA ALA A 172 7.46 4.36 -27.03
C ALA A 172 7.32 5.74 -26.41
N TYR A 173 8.41 6.21 -25.79
CA TYR A 173 8.47 7.56 -25.24
C TYR A 173 8.55 8.61 -26.34
N SER A 174 8.89 8.21 -27.56
CA SER A 174 9.18 9.13 -28.65
C SER A 174 7.90 9.54 -29.37
N ALA A 175 7.62 10.85 -29.38
CA ALA A 175 6.55 11.43 -30.17
C ALA A 175 7.11 12.31 -31.30
N LEU A 176 8.29 11.96 -31.80
CA LEU A 176 8.94 12.67 -32.89
C LEU A 176 8.94 11.81 -34.15
N TRP A 177 8.95 12.47 -35.30
CA TRP A 177 8.93 11.75 -36.58
C TRP A 177 9.72 12.58 -37.59
N TRP A 178 10.87 12.06 -38.02
CA TRP A 178 11.67 12.70 -39.05
C TRP A 178 11.12 12.38 -40.43
N SER A 179 11.25 13.36 -41.34
CA SER A 179 10.95 13.11 -42.74
C SER A 179 11.98 12.13 -43.30
N PRO A 180 11.66 11.47 -44.41
CA PRO A 180 12.58 10.45 -44.97
C PRO A 180 14.03 10.91 -45.04
N ASN A 181 14.27 12.18 -45.36
CA ASN A 181 15.61 12.75 -45.31
C ASN A 181 15.63 13.88 -44.30
N GLY A 182 16.83 14.23 -43.85
CA GLY A 182 16.99 15.29 -42.86
C GLY A 182 16.44 16.62 -43.34
N THR A 183 15.13 16.82 -43.19
CA THR A 183 14.50 18.06 -43.63
C THR A 183 13.40 18.47 -42.67
N PHE A 184 12.30 17.72 -42.65
CA PHE A 184 11.16 18.03 -41.81
C PHE A 184 11.22 17.27 -40.48
N LEU A 185 10.55 17.82 -39.48
CA LEU A 185 10.41 17.19 -38.17
C LEU A 185 8.95 17.32 -37.74
N ALA A 186 8.26 16.19 -37.65
CA ALA A 186 6.89 16.16 -37.16
C ALA A 186 6.87 15.70 -35.71
N TYR A 187 5.91 16.24 -34.95
CA TYR A 187 5.80 15.91 -33.54
C TYR A 187 4.37 16.13 -33.10
N ALA A 188 4.01 15.51 -31.98
CA ALA A 188 2.71 15.65 -31.37
C ALA A 188 2.81 16.44 -30.08
N GLN A 189 1.70 17.04 -29.67
CA GLN A 189 1.62 17.81 -28.44
C GLN A 189 0.46 17.29 -27.61
N PHE A 190 0.77 16.70 -26.46
CA PHE A 190 -0.23 16.11 -25.58
C PHE A 190 -0.48 17.04 -24.40
N ASN A 191 -1.76 17.33 -24.13
CA ASN A 191 -2.17 18.23 -23.06
C ASN A 191 -2.95 17.43 -22.03
N ASP A 192 -2.33 17.19 -20.88
CA ASP A 192 -2.95 16.44 -19.79
C ASP A 192 -3.46 17.37 -18.68
N THR A 193 -3.85 18.60 -19.03
CA THR A 193 -4.26 19.56 -18.01
C THR A 193 -5.44 19.03 -17.20
N GLU A 194 -6.50 18.59 -17.88
CA GLU A 194 -7.71 18.13 -17.21
C GLU A 194 -7.73 16.61 -17.02
N VAL A 195 -6.59 15.95 -17.13
CA VAL A 195 -6.51 14.50 -16.93
C VAL A 195 -6.33 14.23 -15.44
N PRO A 196 -7.19 13.41 -14.83
CA PRO A 196 -7.03 13.10 -13.40
C PRO A 196 -5.68 12.47 -13.12
N LEU A 197 -5.29 12.53 -11.85
CA LEU A 197 -3.99 12.05 -11.41
C LEU A 197 -4.16 10.83 -10.50
N ILE A 198 -3.31 9.83 -10.71
CA ILE A 198 -3.21 8.69 -9.81
C ILE A 198 -2.16 9.00 -8.76
N GLU A 199 -2.49 8.72 -7.49
CA GLU A 199 -1.59 9.03 -6.38
C GLU A 199 -1.36 7.76 -5.57
N TYR A 200 -0.11 7.29 -5.55
CA TYR A 200 0.30 6.16 -4.74
C TYR A 200 1.57 6.52 -4.00
N SER A 201 1.79 5.87 -2.85
CA SER A 201 2.93 6.20 -2.01
C SER A 201 4.19 5.49 -2.48
N PHE A 202 5.32 6.18 -2.35
CA PHE A 202 6.63 5.63 -2.68
C PHE A 202 7.51 5.75 -1.44
N TYR A 203 8.02 4.62 -0.96
CA TYR A 203 8.74 4.59 0.31
C TYR A 203 10.25 4.76 0.15
N SER A 204 10.78 4.51 -1.05
CA SER A 204 12.17 4.84 -1.38
C SER A 204 13.12 4.05 -0.46
N ASP A 205 14.32 4.57 -0.27
CA ASP A 205 15.31 3.90 0.56
C ASP A 205 14.97 4.05 2.04
N GLU A 206 15.63 3.22 2.85
CA GLU A 206 15.33 3.17 4.29
C GLU A 206 15.37 4.54 4.94
N SER A 207 16.20 5.45 4.43
CA SER A 207 16.41 6.74 5.07
C SER A 207 15.41 7.80 4.64
N LEU A 208 14.43 7.46 3.81
CA LEU A 208 13.37 8.41 3.44
C LEU A 208 12.36 8.44 4.58
N GLN A 209 12.42 9.50 5.41
CA GLN A 209 11.60 9.54 6.61
C GLN A 209 10.11 9.65 6.27
N TYR A 210 9.76 10.58 5.38
CA TYR A 210 8.37 10.77 4.97
C TYR A 210 8.17 10.21 3.57
N PRO A 211 7.28 9.23 3.39
CA PRO A 211 7.12 8.61 2.07
C PRO A 211 6.66 9.62 1.03
N LYS A 212 7.36 9.64 -0.11
CA LYS A 212 6.99 10.50 -1.22
C LYS A 212 5.75 9.95 -1.93
N THR A 213 4.88 10.84 -2.38
CA THR A 213 3.63 10.49 -3.05
C THR A 213 3.79 10.75 -4.55
N VAL A 214 3.79 9.68 -5.33
CA VAL A 214 3.91 9.80 -6.79
C VAL A 214 2.54 10.17 -7.35
N ARG A 215 2.55 11.08 -8.34
CA ARG A 215 1.32 11.55 -8.97
C ARG A 215 1.52 11.53 -10.48
N VAL A 216 0.65 10.79 -11.17
CA VAL A 216 0.80 10.59 -12.61
C VAL A 216 -0.52 10.91 -13.31
N PRO A 217 -0.51 11.74 -14.36
CA PRO A 217 -1.72 11.95 -15.17
C PRO A 217 -2.17 10.64 -15.80
N TYR A 218 -3.16 9.99 -15.20
CA TYR A 218 -3.61 8.66 -15.59
C TYR A 218 -5.10 8.69 -15.86
N PRO A 219 -5.52 8.73 -17.12
CA PRO A 219 -6.96 8.73 -17.44
C PRO A 219 -7.54 7.34 -17.28
N LYS A 220 -8.49 7.19 -16.36
CA LYS A 220 -9.14 5.92 -16.11
C LYS A 220 -10.32 5.73 -17.06
N ALA A 221 -11.08 4.66 -16.88
CA ALA A 221 -12.18 4.35 -17.78
C ALA A 221 -13.22 5.47 -17.77
N GLY A 222 -13.41 6.10 -18.92
CA GLY A 222 -14.37 7.18 -19.05
C GLY A 222 -13.94 8.51 -18.49
N ALA A 223 -12.75 8.60 -17.90
CA ALA A 223 -12.27 9.85 -17.35
C ALA A 223 -11.86 10.80 -18.48
N VAL A 224 -11.52 12.03 -18.09
CA VAL A 224 -11.11 13.04 -19.06
C VAL A 224 -9.79 12.62 -19.68
N ASN A 225 -9.75 12.51 -21.01
CA ASN A 225 -8.58 12.07 -21.73
C ASN A 225 -7.70 13.24 -22.13
N PRO A 226 -6.42 12.99 -22.37
CA PRO A 226 -5.55 14.06 -22.89
C PRO A 226 -5.89 14.38 -24.34
N THR A 227 -5.51 15.58 -24.75
CA THR A 227 -5.73 16.05 -26.11
C THR A 227 -4.41 16.07 -26.87
N VAL A 228 -4.50 15.87 -28.19
CA VAL A 228 -3.33 15.73 -29.05
C VAL A 228 -3.40 16.77 -30.16
N LYS A 229 -2.26 17.42 -30.42
CA LYS A 229 -2.09 18.30 -31.56
C LYS A 229 -0.86 17.84 -32.33
N PHE A 230 -0.94 17.92 -33.66
CA PHE A 230 0.17 17.50 -34.52
C PHE A 230 0.79 18.72 -35.20
N PHE A 231 2.12 18.71 -35.28
CA PHE A 231 2.86 19.83 -35.84
C PHE A 231 3.99 19.29 -36.71
N VAL A 232 4.36 20.08 -37.71
CA VAL A 232 5.49 19.80 -38.58
C VAL A 232 6.30 21.07 -38.76
N VAL A 233 7.62 20.96 -38.73
CA VAL A 233 8.52 22.10 -38.83
C VAL A 233 9.71 21.72 -39.70
N ASN A 234 10.18 22.68 -40.49
CA ASN A 234 11.32 22.46 -41.37
C ASN A 234 12.61 22.81 -40.66
N THR A 235 13.58 21.90 -40.71
CA THR A 235 14.84 22.09 -40.01
C THR A 235 15.86 22.87 -40.83
N ASP A 236 15.79 22.81 -42.16
CA ASP A 236 16.74 23.51 -43.01
C ASP A 236 16.35 24.97 -43.19
N SER A 237 15.60 25.52 -42.23
CA SER A 237 15.25 26.93 -42.28
C SER A 237 15.18 27.56 -40.90
N LEU A 238 15.74 26.91 -39.88
CA LEU A 238 15.68 27.44 -38.53
C LEU A 238 16.46 28.75 -38.43
N SER A 239 15.98 29.64 -37.57
CA SER A 239 16.56 30.96 -37.39
C SER A 239 17.12 31.09 -35.97
N SER A 240 18.35 31.59 -35.87
CA SER A 240 18.94 31.87 -34.57
C SER A 240 18.50 33.21 -34.00
N VAL A 241 17.88 34.07 -34.82
CA VAL A 241 17.37 35.36 -34.37
C VAL A 241 15.93 35.18 -33.93
N THR A 242 15.04 34.92 -34.87
CA THR A 242 13.64 34.67 -34.58
C THR A 242 13.41 33.18 -34.30
N ASN A 243 12.25 32.87 -33.74
CA ASN A 243 11.93 31.52 -33.32
C ASN A 243 11.33 30.71 -34.47
N ALA A 244 11.61 29.41 -34.46
CA ALA A 244 11.12 28.53 -35.52
C ALA A 244 9.60 28.40 -35.44
N THR A 245 8.98 28.31 -36.62
CA THR A 245 7.54 28.21 -36.74
C THR A 245 7.14 26.79 -37.09
N SER A 246 6.17 26.25 -36.36
CA SER A 246 5.68 24.89 -36.56
C SER A 246 4.27 24.94 -37.13
N ILE A 247 4.09 24.38 -38.32
CA ILE A 247 2.78 24.32 -38.95
C ILE A 247 1.98 23.19 -38.33
N GLN A 248 0.78 23.51 -37.83
CA GLN A 248 -0.07 22.53 -37.16
C GLN A 248 -0.96 21.83 -38.18
N ILE A 249 -0.92 20.50 -38.16
CA ILE A 249 -1.85 19.68 -38.93
C ILE A 249 -3.01 19.31 -38.02
N THR A 250 -4.22 19.71 -38.40
CA THR A 250 -5.39 19.45 -37.59
C THR A 250 -6.02 18.11 -37.98
N ALA A 251 -7.11 17.76 -37.29
CA ALA A 251 -7.80 16.50 -37.53
C ALA A 251 -9.05 16.72 -38.36
N PRO A 252 -9.47 15.71 -39.12
CA PRO A 252 -10.70 15.84 -39.91
C PRO A 252 -11.91 16.06 -39.00
N ALA A 253 -12.97 16.62 -39.60
CA ALA A 253 -14.17 16.92 -38.84
C ALA A 253 -14.81 15.67 -38.26
N SER A 254 -14.69 14.53 -38.96
CA SER A 254 -15.23 13.29 -38.42
C SER A 254 -14.58 12.90 -37.10
N MET A 255 -13.39 13.44 -36.82
CA MET A 255 -12.69 13.19 -35.56
C MET A 255 -12.92 14.29 -34.53
N LEU A 256 -12.93 15.55 -34.96
CA LEU A 256 -13.14 16.66 -34.05
C LEU A 256 -14.55 16.67 -33.45
N ILE A 257 -15.48 15.90 -34.01
CA ILE A 257 -16.85 15.89 -33.50
C ILE A 257 -16.91 15.44 -32.06
N GLY A 258 -15.88 14.73 -31.59
CA GLY A 258 -15.83 14.30 -30.21
C GLY A 258 -14.41 14.00 -29.80
N ASP A 259 -14.28 13.31 -28.67
CA ASP A 259 -12.97 12.92 -28.19
C ASP A 259 -12.32 11.94 -29.16
N HIS A 260 -11.01 12.04 -29.33
CA HIS A 260 -10.30 11.21 -30.30
C HIS A 260 -8.84 11.10 -29.86
N TYR A 261 -8.11 10.26 -30.60
CA TYR A 261 -6.67 10.08 -30.39
C TYR A 261 -5.95 10.19 -31.72
N LEU A 262 -4.62 10.20 -31.64
CA LEU A 262 -3.74 10.01 -32.78
C LEU A 262 -3.03 8.68 -32.61
N CYS A 263 -3.14 7.81 -33.61
CA CYS A 263 -2.65 6.44 -33.46
C CYS A 263 -1.46 6.09 -34.32
N ASP A 264 -1.26 6.73 -35.47
CA ASP A 264 -0.15 6.37 -36.32
C ASP A 264 0.36 7.58 -37.08
N VAL A 265 1.67 7.59 -37.36
CA VAL A 265 2.32 8.62 -38.16
C VAL A 265 3.39 7.93 -39.02
N THR A 266 3.20 7.97 -40.34
CA THR A 266 4.13 7.34 -41.27
C THR A 266 4.37 8.28 -42.44
N TRP A 267 5.65 8.45 -42.79
CA TRP A 267 6.02 9.32 -43.89
C TRP A 267 5.97 8.55 -45.21
N ALA A 268 5.25 9.11 -46.18
CA ALA A 268 5.17 8.48 -47.50
C ALA A 268 6.39 8.86 -48.34
N THR A 269 6.51 10.13 -48.70
CA THR A 269 7.64 10.65 -49.45
C THR A 269 8.27 11.81 -48.69
N GLN A 270 9.20 12.49 -49.35
CA GLN A 270 9.86 13.64 -48.73
C GLN A 270 8.91 14.79 -48.45
N GLU A 271 7.77 14.84 -49.15
CA GLU A 271 6.79 15.89 -48.95
C GLU A 271 5.41 15.36 -48.56
N ARG A 272 5.24 14.05 -48.48
CA ARG A 272 3.97 13.43 -48.11
C ARG A 272 4.11 12.73 -46.77
N ILE A 273 3.14 12.95 -45.89
CA ILE A 273 3.12 12.34 -44.57
C ILE A 273 1.73 11.79 -44.31
N SER A 274 1.65 10.59 -43.74
CA SER A 274 0.40 9.90 -43.48
C SER A 274 0.07 9.97 -41.99
N LEU A 275 -1.18 10.31 -41.67
CA LEU A 275 -1.66 10.35 -40.30
C LEU A 275 -2.93 9.53 -40.20
N GLN A 276 -3.07 8.81 -39.08
CA GLN A 276 -4.27 8.05 -38.77
C GLN A 276 -4.83 8.52 -37.44
N TRP A 277 -6.11 8.87 -37.41
CA TRP A 277 -6.77 9.37 -36.23
C TRP A 277 -7.82 8.37 -35.75
N LEU A 278 -7.97 8.25 -34.44
CA LEU A 278 -8.91 7.32 -33.84
C LEU A 278 -9.84 8.07 -32.90
N ARG A 279 -11.10 7.67 -32.89
CA ARG A 279 -12.11 8.31 -32.05
C ARG A 279 -12.18 7.63 -30.68
N ARG A 280 -12.68 8.39 -29.70
CA ARG A 280 -12.82 7.87 -28.34
C ARG A 280 -13.42 6.47 -28.35
N ILE A 281 -14.63 6.34 -28.90
CA ILE A 281 -15.21 5.03 -29.15
C ILE A 281 -14.48 4.43 -30.35
N GLN A 282 -13.38 3.73 -30.09
CA GLN A 282 -12.44 3.32 -31.13
C GLN A 282 -13.02 2.17 -31.94
N ASN A 283 -13.85 2.53 -32.92
CA ASN A 283 -14.25 1.62 -33.98
C ASN A 283 -14.30 2.30 -35.34
N TYR A 284 -13.92 3.58 -35.42
CA TYR A 284 -13.96 4.34 -36.67
C TYR A 284 -12.65 5.10 -36.79
N SER A 285 -11.80 4.67 -37.72
CA SER A 285 -10.52 5.30 -37.98
C SER A 285 -10.59 6.19 -39.21
N VAL A 286 -9.60 7.07 -39.34
CA VAL A 286 -9.50 7.99 -40.46
C VAL A 286 -8.04 8.13 -40.85
N MET A 287 -7.75 8.02 -42.15
CA MET A 287 -6.40 8.15 -42.69
C MET A 287 -6.32 9.46 -43.46
N ASP A 288 -5.67 10.46 -42.88
CA ASP A 288 -5.44 11.73 -43.54
C ASP A 288 -4.05 11.73 -44.15
N ILE A 289 -3.97 11.97 -45.45
CA ILE A 289 -2.71 12.00 -46.18
C ILE A 289 -2.41 13.45 -46.52
N CYS A 290 -1.32 13.98 -45.96
CA CYS A 290 -0.94 15.37 -46.11
C CYS A 290 0.34 15.49 -46.93
N ASP A 291 0.39 16.50 -47.80
CA ASP A 291 1.55 16.76 -48.63
C ASP A 291 1.91 18.24 -48.54
N TYR A 292 3.21 18.52 -48.61
CA TYR A 292 3.70 19.87 -48.37
C TYR A 292 3.37 20.79 -49.54
N ASP A 293 3.20 22.07 -49.22
CA ASP A 293 2.84 23.11 -50.19
C ASP A 293 3.94 24.16 -50.19
N GLU A 294 4.68 24.25 -51.31
CA GLU A 294 5.77 25.22 -51.42
C GLU A 294 5.28 26.67 -51.46
N SER A 295 3.97 26.89 -51.64
CA SER A 295 3.46 28.26 -51.74
C SER A 295 3.32 28.90 -50.36
N SER A 296 2.34 28.46 -49.58
CA SER A 296 2.07 29.03 -48.27
C SER A 296 2.91 28.41 -47.16
N GLY A 297 3.79 27.47 -47.49
CA GLY A 297 4.56 26.80 -46.46
C GLY A 297 3.73 25.97 -45.51
N ARG A 298 2.52 25.58 -45.92
CA ARG A 298 1.62 24.79 -45.09
C ARG A 298 1.61 23.35 -45.58
N TRP A 299 0.93 22.50 -44.80
CA TRP A 299 0.76 21.09 -45.14
C TRP A 299 -0.73 20.86 -45.40
N ASN A 300 -1.07 20.65 -46.68
CA ASN A 300 -2.45 20.43 -47.08
C ASN A 300 -2.72 18.93 -47.21
N CYS A 301 -3.82 18.48 -46.64
CA CYS A 301 -4.21 17.08 -46.67
C CYS A 301 -5.45 16.97 -47.56
N LEU A 302 -5.24 16.51 -48.79
CA LEU A 302 -6.35 16.36 -49.72
C LEU A 302 -7.46 15.52 -49.12
N VAL A 303 -8.65 16.13 -48.98
CA VAL A 303 -9.82 15.35 -48.64
C VAL A 303 -10.06 14.29 -49.71
N ALA A 304 -9.50 14.49 -50.90
CA ALA A 304 -9.44 13.54 -52.01
C ALA A 304 -8.44 12.42 -51.78
N ARG A 305 -7.84 12.36 -50.58
CA ARG A 305 -6.85 11.34 -50.27
C ARG A 305 -7.13 10.62 -48.95
N GLN A 306 -8.34 10.77 -48.39
CA GLN A 306 -8.65 10.09 -47.14
C GLN A 306 -8.85 8.59 -47.38
N HIS A 307 -8.91 7.85 -46.27
CA HIS A 307 -9.11 6.39 -46.32
C HIS A 307 -9.79 5.98 -45.02
N ILE A 308 -11.12 6.04 -45.00
CA ILE A 308 -11.88 5.65 -43.82
C ILE A 308 -11.69 4.17 -43.57
N GLU A 309 -11.59 3.80 -42.29
CA GLU A 309 -11.42 2.40 -41.88
C GLU A 309 -12.20 2.19 -40.59
N MET A 310 -13.41 1.66 -40.72
CA MET A 310 -14.30 1.43 -39.60
C MET A 310 -14.46 -0.07 -39.36
N SER A 311 -15.21 -0.40 -38.30
CA SER A 311 -15.48 -1.78 -37.96
C SER A 311 -16.88 -1.87 -37.38
N THR A 312 -17.47 -3.06 -37.50
CA THR A 312 -18.80 -3.34 -36.96
C THR A 312 -18.80 -4.46 -35.93
N THR A 313 -18.03 -5.52 -36.15
CA THR A 313 -17.97 -6.63 -35.21
C THR A 313 -17.17 -6.30 -33.96
N GLY A 314 -16.32 -5.26 -34.00
CA GLY A 314 -15.54 -4.89 -32.85
C GLY A 314 -14.82 -3.57 -33.01
N TRP A 315 -13.59 -3.50 -32.51
CA TRP A 315 -12.77 -2.30 -32.61
C TRP A 315 -11.88 -2.36 -33.85
N VAL A 316 -11.42 -1.21 -34.29
CA VAL A 316 -10.60 -1.11 -35.48
C VAL A 316 -9.14 -1.43 -35.12
N GLY A 317 -8.53 -2.33 -35.89
CA GLY A 317 -7.18 -2.75 -35.65
C GLY A 317 -7.08 -3.79 -34.55
N ARG A 318 -5.91 -4.44 -34.47
CA ARG A 318 -5.66 -5.39 -33.40
C ARG A 318 -5.59 -4.64 -32.07
N PHE A 319 -4.53 -3.87 -31.87
CA PHE A 319 -4.44 -2.92 -30.78
C PHE A 319 -4.49 -1.47 -31.25
N ARG A 320 -4.49 -1.25 -32.56
CA ARG A 320 -4.52 0.08 -33.18
C ARG A 320 -4.62 -0.10 -34.68
N PRO A 321 -5.17 0.88 -35.41
CA PRO A 321 -5.17 0.78 -36.87
C PRO A 321 -3.78 0.48 -37.41
N SER A 322 -3.75 -0.31 -38.49
CA SER A 322 -2.48 -0.80 -39.02
C SER A 322 -1.60 0.36 -39.50
N GLU A 323 -0.35 0.00 -39.85
CA GLU A 323 0.63 0.96 -40.37
C GLU A 323 0.68 0.89 -41.88
N PRO A 324 0.62 2.02 -42.57
CA PRO A 324 0.73 2.00 -44.04
C PRO A 324 2.17 1.85 -44.50
N HIS A 325 2.33 1.20 -45.64
CA HIS A 325 3.63 0.98 -46.28
C HIS A 325 3.57 1.56 -47.69
N PHE A 326 3.94 2.84 -47.81
CA PHE A 326 3.88 3.50 -49.10
C PHE A 326 4.99 3.02 -50.03
N THR A 327 4.70 3.03 -51.32
CA THR A 327 5.69 2.67 -52.32
C THR A 327 6.77 3.75 -52.41
N LEU A 328 7.74 3.53 -53.29
CA LEU A 328 8.86 4.47 -53.42
C LEU A 328 8.39 5.84 -53.90
N ASP A 329 7.26 5.93 -54.60
CA ASP A 329 6.76 7.18 -55.13
C ASP A 329 5.66 7.81 -54.30
N GLY A 330 5.09 7.08 -53.34
CA GLY A 330 4.07 7.65 -52.48
C GLY A 330 2.70 7.78 -53.11
N ASN A 331 2.38 6.95 -54.11
CA ASN A 331 1.06 6.95 -54.73
C ASN A 331 0.30 5.65 -54.51
N SER A 332 0.91 4.68 -53.83
CA SER A 332 0.25 3.40 -53.54
C SER A 332 0.93 2.79 -52.33
N PHE A 333 0.14 2.32 -51.37
CA PHE A 333 0.66 1.74 -50.14
C PHE A 333 -0.06 0.44 -49.84
N TYR A 334 0.50 -0.30 -48.88
CA TYR A 334 -0.03 -1.58 -48.44
C TYR A 334 -0.33 -1.50 -46.95
N LYS A 335 -1.50 -2.00 -46.55
CA LYS A 335 -1.97 -1.85 -45.19
C LYS A 335 -2.71 -3.12 -44.78
N ILE A 336 -2.31 -3.70 -43.65
CA ILE A 336 -2.91 -4.93 -43.15
C ILE A 336 -4.25 -4.59 -42.50
N ILE A 337 -5.35 -5.02 -43.12
CA ILE A 337 -6.69 -4.83 -42.56
C ILE A 337 -7.43 -6.15 -42.64
N SER A 338 -8.51 -6.25 -41.85
CA SER A 338 -9.30 -7.47 -41.82
C SER A 338 -10.30 -7.48 -42.97
N ASN A 339 -10.26 -8.54 -43.78
CA ASN A 339 -11.06 -8.60 -44.99
C ASN A 339 -12.54 -8.85 -44.69
N GLU A 340 -13.29 -9.27 -45.71
CA GLU A 340 -14.73 -9.42 -45.56
C GLU A 340 -15.08 -10.55 -44.60
N GLU A 341 -14.42 -11.70 -44.75
CA GLU A 341 -14.71 -12.83 -43.86
C GLU A 341 -14.18 -12.62 -42.45
N GLY A 342 -13.29 -11.66 -42.25
CA GLY A 342 -12.77 -11.33 -40.95
C GLY A 342 -11.32 -11.70 -40.68
N TYR A 343 -10.50 -11.87 -41.72
CA TYR A 343 -9.10 -12.21 -41.57
C TYR A 343 -8.23 -11.07 -42.10
N ARG A 344 -7.18 -10.75 -41.36
CA ARG A 344 -6.35 -9.59 -41.67
C ARG A 344 -5.31 -9.97 -42.72
N HIS A 345 -5.40 -9.34 -43.89
CA HIS A 345 -4.52 -9.64 -45.01
C HIS A 345 -4.06 -8.33 -45.66
N ILE A 346 -2.99 -8.44 -46.44
CA ILE A 346 -2.38 -7.26 -47.07
C ILE A 346 -3.32 -6.74 -48.15
N CYS A 347 -3.77 -5.50 -48.00
CA CYS A 347 -4.57 -4.83 -49.01
C CYS A 347 -3.72 -3.75 -49.69
N TYR A 348 -4.09 -3.42 -50.94
CA TYR A 348 -3.35 -2.49 -51.77
C TYR A 348 -4.23 -1.29 -52.07
N PHE A 349 -3.80 -0.12 -51.64
CA PHE A 349 -4.57 1.11 -51.74
C PHE A 349 -4.04 2.01 -52.84
N GLN A 350 -4.88 2.97 -53.24
CA GLN A 350 -4.51 4.05 -54.14
C GLN A 350 -4.93 5.36 -53.50
N ILE A 351 -4.01 6.32 -53.47
CA ILE A 351 -4.28 7.59 -52.77
C ILE A 351 -5.58 8.22 -53.28
N ASP A 352 -5.90 8.02 -54.55
CA ASP A 352 -7.09 8.61 -55.15
C ASP A 352 -8.30 7.69 -55.14
N LYS A 353 -8.10 6.38 -54.98
CA LYS A 353 -9.18 5.40 -55.02
C LYS A 353 -9.42 4.88 -53.60
N LYS A 354 -10.63 5.11 -53.09
CA LYS A 354 -11.04 4.67 -51.76
C LYS A 354 -11.38 3.18 -51.70
N ASP A 355 -10.89 2.37 -52.64
CA ASP A 355 -11.15 0.94 -52.66
C ASP A 355 -9.81 0.21 -52.69
N CYS A 356 -9.51 -0.50 -51.61
CA CYS A 356 -8.28 -1.28 -51.56
C CYS A 356 -8.54 -2.69 -52.12
N THR A 357 -7.46 -3.31 -52.58
CA THR A 357 -7.52 -4.61 -53.26
C THR A 357 -6.64 -5.61 -52.52
N PHE A 358 -7.27 -6.52 -51.78
CA PHE A 358 -6.53 -7.52 -51.04
C PHE A 358 -5.67 -8.37 -51.97
N ILE A 359 -4.39 -8.53 -51.61
CA ILE A 359 -3.48 -9.38 -52.38
C ILE A 359 -3.22 -10.70 -51.69
N THR A 360 -3.77 -10.92 -50.50
CA THR A 360 -3.67 -12.21 -49.82
C THR A 360 -5.03 -12.52 -49.18
N LYS A 361 -5.26 -13.79 -48.90
CA LYS A 361 -6.50 -14.21 -48.29
C LYS A 361 -6.39 -15.67 -47.86
N GLY A 362 -7.27 -16.05 -46.95
CA GLY A 362 -7.28 -17.40 -46.42
C GLY A 362 -7.70 -17.40 -44.97
N THR A 363 -7.70 -18.60 -44.39
CA THR A 363 -8.06 -18.78 -42.98
C THR A 363 -6.81 -18.62 -42.10
N TRP A 364 -6.18 -17.46 -42.26
CA TRP A 364 -5.02 -17.07 -41.47
C TRP A 364 -4.92 -15.55 -41.52
N GLU A 365 -3.86 -15.02 -40.91
CA GLU A 365 -3.68 -13.58 -40.86
C GLU A 365 -2.24 -13.22 -41.17
N VAL A 366 -2.06 -12.08 -41.83
CA VAL A 366 -0.73 -11.51 -42.03
C VAL A 366 -0.32 -10.77 -40.77
N ILE A 367 0.85 -11.10 -40.23
CA ILE A 367 1.33 -10.49 -39.00
C ILE A 367 1.79 -9.07 -39.28
N GLY A 368 2.88 -8.92 -40.04
CA GLY A 368 3.40 -7.62 -40.38
C GLY A 368 4.02 -7.61 -41.75
N ILE A 369 4.24 -6.40 -42.26
CA ILE A 369 4.85 -6.18 -43.56
C ILE A 369 6.28 -5.70 -43.32
N GLU A 370 7.26 -6.54 -43.69
CA GLU A 370 8.65 -6.30 -43.31
C GLU A 370 9.47 -5.61 -44.40
N ALA A 371 9.03 -5.64 -45.65
CA ALA A 371 9.80 -5.01 -46.72
C ALA A 371 8.93 -4.84 -47.94
N LEU A 372 9.21 -3.78 -48.72
CA LEU A 372 8.49 -3.48 -49.96
C LEU A 372 9.50 -2.97 -50.98
N THR A 373 9.85 -3.83 -51.94
CA THR A 373 10.74 -3.45 -53.03
C THR A 373 9.89 -3.10 -54.27
N SER A 374 10.53 -3.14 -55.44
CA SER A 374 9.81 -2.83 -56.67
C SER A 374 9.04 -4.03 -57.20
N ASP A 375 9.55 -5.24 -56.97
CA ASP A 375 8.96 -6.44 -57.54
C ASP A 375 8.37 -7.38 -56.50
N TYR A 376 8.69 -7.21 -55.22
CA TYR A 376 8.22 -8.15 -54.21
C TYR A 376 7.89 -7.43 -52.91
N LEU A 377 6.77 -7.86 -52.30
CA LEU A 377 6.37 -7.42 -50.97
C LEU A 377 6.66 -8.56 -49.99
N TYR A 378 7.30 -8.22 -48.88
CA TYR A 378 7.68 -9.22 -47.88
C TYR A 378 6.82 -9.05 -46.63
N TYR A 379 6.36 -10.17 -46.08
CA TYR A 379 5.47 -10.13 -44.93
C TYR A 379 5.62 -11.41 -44.12
N ILE A 380 5.22 -11.34 -42.85
CA ILE A 380 5.17 -12.47 -41.94
C ILE A 380 3.72 -12.87 -41.75
N SER A 381 3.46 -14.18 -41.69
CA SER A 381 2.11 -14.66 -41.48
C SER A 381 2.15 -16.07 -40.90
N ASN A 382 1.06 -16.43 -40.23
CA ASN A 382 0.91 -17.74 -39.61
C ASN A 382 0.27 -18.76 -40.56
N GLU A 383 0.48 -18.61 -41.87
CA GLU A 383 -0.21 -19.43 -42.85
C GLU A 383 0.34 -20.84 -42.96
N TYR A 384 1.58 -21.08 -42.51
CA TYR A 384 2.21 -22.37 -42.72
C TYR A 384 1.53 -23.45 -41.87
N LYS A 385 1.13 -24.54 -42.53
CA LYS A 385 0.53 -25.69 -41.86
C LYS A 385 -0.62 -25.29 -40.94
N GLY A 386 -1.32 -24.21 -41.29
CA GLY A 386 -2.51 -23.82 -40.54
C GLY A 386 -2.26 -23.70 -39.04
N MET A 387 -1.06 -23.28 -38.67
CA MET A 387 -0.72 -23.10 -37.25
C MET A 387 -0.66 -21.62 -36.91
N PRO A 388 -1.61 -21.09 -36.14
CA PRO A 388 -1.55 -19.67 -35.78
C PRO A 388 -0.33 -19.31 -34.94
N GLY A 389 0.09 -20.20 -34.05
CA GLY A 389 1.28 -20.00 -33.24
C GLY A 389 2.59 -20.08 -33.97
N GLY A 390 2.58 -20.26 -35.30
CA GLY A 390 3.79 -20.28 -36.07
C GLY A 390 3.99 -18.99 -36.85
N ARG A 391 5.23 -18.76 -37.29
CA ARG A 391 5.60 -17.55 -38.01
C ARG A 391 6.57 -17.92 -39.11
N ASN A 392 6.29 -17.44 -40.33
CA ASN A 392 7.18 -17.63 -41.47
C ASN A 392 7.14 -16.38 -42.34
N LEU A 393 8.11 -16.29 -43.25
CA LEU A 393 8.28 -15.13 -44.11
C LEU A 393 7.93 -15.50 -45.55
N TYR A 394 6.93 -14.82 -46.08
CA TYR A 394 6.52 -15.01 -47.47
C TYR A 394 6.86 -13.78 -48.29
N LYS A 395 7.25 -14.01 -49.54
CA LYS A 395 7.49 -12.93 -50.51
C LYS A 395 6.48 -13.05 -51.62
N ILE A 396 5.74 -11.97 -51.87
CA ILE A 396 4.67 -11.94 -52.86
C ILE A 396 5.05 -11.01 -53.99
N GLN A 397 4.76 -11.43 -55.22
CA GLN A 397 5.07 -10.63 -56.40
C GLN A 397 4.01 -9.56 -56.60
N LEU A 398 4.46 -8.32 -56.84
CA LEU A 398 3.51 -7.22 -57.03
C LEU A 398 2.79 -7.31 -58.36
N SER A 399 3.44 -7.88 -59.38
CA SER A 399 2.83 -8.02 -60.69
C SER A 399 1.93 -9.24 -60.80
N ASP A 400 1.83 -10.05 -59.75
CA ASP A 400 0.98 -11.25 -59.79
C ASP A 400 0.67 -11.63 -58.35
N TYR A 401 -0.56 -11.34 -57.91
CA TYR A 401 -0.98 -11.61 -56.54
C TYR A 401 -1.19 -13.10 -56.30
N THR A 402 -0.58 -13.95 -57.13
CA THR A 402 -0.70 -15.38 -57.01
C THR A 402 0.63 -16.09 -56.82
N LYS A 403 1.75 -15.48 -57.20
CA LYS A 403 3.07 -16.10 -57.05
C LYS A 403 3.66 -15.70 -55.70
N VAL A 404 3.26 -16.45 -54.67
CA VAL A 404 3.73 -16.24 -53.31
C VAL A 404 4.70 -17.36 -52.97
N THR A 405 5.91 -16.99 -52.55
CA THR A 405 6.96 -17.94 -52.20
C THR A 405 7.28 -17.79 -50.72
N CYS A 406 7.37 -18.93 -50.02
CA CYS A 406 7.81 -18.91 -48.63
C CYS A 406 9.32 -19.03 -48.57
N LEU A 407 9.95 -18.15 -47.79
CA LEU A 407 11.40 -18.10 -47.68
C LEU A 407 11.92 -18.78 -46.42
N SER A 408 11.04 -19.26 -45.54
CA SER A 408 11.46 -19.87 -44.29
C SER A 408 10.71 -21.14 -43.90
N CYS A 409 9.61 -21.48 -44.58
CA CYS A 409 8.84 -22.66 -44.18
C CYS A 409 9.66 -23.93 -44.28
N GLU A 410 10.63 -23.98 -45.20
CA GLU A 410 11.32 -25.22 -45.53
C GLU A 410 12.81 -25.20 -45.23
N LEU A 411 13.35 -24.10 -44.71
CA LEU A 411 14.78 -24.06 -44.39
C LEU A 411 15.14 -25.19 -43.43
N ASN A 412 14.57 -25.15 -42.23
CA ASN A 412 14.74 -26.24 -41.25
C ASN A 412 13.40 -26.43 -40.56
N PRO A 413 12.46 -27.12 -41.22
CA PRO A 413 11.11 -27.23 -40.65
C PRO A 413 11.07 -27.95 -39.32
N GLU A 414 12.10 -28.74 -39.00
CA GLU A 414 12.12 -29.48 -37.74
C GLU A 414 12.23 -28.55 -36.55
N ARG A 415 13.24 -27.67 -36.55
CA ARG A 415 13.55 -26.82 -35.42
C ARG A 415 13.27 -25.35 -35.68
N CYS A 416 12.53 -25.01 -36.73
CA CYS A 416 12.27 -23.61 -37.06
C CYS A 416 10.88 -23.49 -37.65
N GLN A 417 9.95 -22.96 -36.85
CA GLN A 417 8.60 -22.67 -37.29
C GLN A 417 8.12 -21.30 -36.85
N TYR A 418 8.98 -20.51 -36.21
CA TYR A 418 8.65 -19.17 -35.73
C TYR A 418 9.80 -18.26 -36.13
N TYR A 419 9.59 -17.44 -37.16
CA TYR A 419 10.67 -16.68 -37.78
C TYR A 419 10.50 -15.19 -37.57
N SER A 420 11.64 -14.49 -37.59
CA SER A 420 11.69 -13.03 -37.63
C SER A 420 12.80 -12.64 -38.59
N VAL A 421 12.71 -11.43 -39.13
CA VAL A 421 13.63 -10.99 -40.17
C VAL A 421 13.97 -9.51 -40.00
N SER A 422 15.20 -9.16 -40.34
CA SER A 422 15.65 -7.78 -40.40
C SER A 422 16.34 -7.56 -41.73
N PHE A 423 15.88 -6.57 -42.50
CA PHE A 423 16.37 -6.32 -43.84
C PHE A 423 17.45 -5.25 -43.84
N SER A 424 18.27 -5.28 -44.89
CA SER A 424 19.28 -4.25 -45.09
C SER A 424 18.59 -2.95 -45.51
N LYS A 425 19.38 -1.94 -45.87
CA LYS A 425 18.82 -0.63 -46.17
C LYS A 425 17.93 -0.68 -47.42
N GLU A 426 18.41 -1.32 -48.48
CA GLU A 426 17.66 -1.42 -49.73
C GLU A 426 17.16 -2.84 -49.99
N ALA A 427 16.98 -3.62 -48.93
CA ALA A 427 16.41 -4.96 -49.02
C ALA A 427 17.21 -5.84 -49.97
N LYS A 428 18.53 -5.70 -49.94
CA LYS A 428 19.40 -6.56 -50.74
C LYS A 428 19.81 -7.81 -49.99
N TYR A 429 19.86 -7.75 -48.66
CA TYR A 429 20.10 -8.91 -47.82
C TYR A 429 19.11 -8.89 -46.68
N TYR A 430 19.02 -10.01 -45.97
CA TYR A 430 18.14 -10.07 -44.80
C TYR A 430 18.59 -11.19 -43.88
N GLN A 431 18.43 -10.95 -42.58
CA GLN A 431 18.75 -11.91 -41.54
C GLN A 431 17.45 -12.53 -41.01
N LEU A 432 17.49 -13.84 -40.77
CA LEU A 432 16.32 -14.58 -40.29
C LEU A 432 16.58 -15.09 -38.88
N ARG A 433 15.67 -14.77 -37.96
CA ARG A 433 15.71 -15.29 -36.60
C ARG A 433 14.72 -16.43 -36.46
N CYS A 434 15.20 -17.57 -35.96
CA CYS A 434 14.40 -18.77 -35.76
C CYS A 434 14.21 -18.93 -34.25
N SER A 435 13.10 -18.40 -33.74
CA SER A 435 12.87 -18.38 -32.29
C SER A 435 12.54 -19.76 -31.74
N GLY A 436 12.07 -20.68 -32.57
CA GLY A 436 11.74 -22.03 -32.13
C GLY A 436 11.21 -22.88 -33.26
N PRO A 437 10.66 -24.07 -32.94
CA PRO A 437 10.53 -24.60 -31.58
C PRO A 437 11.86 -25.11 -31.00
N GLY A 438 12.87 -25.26 -31.86
CA GLY A 438 14.19 -25.63 -31.40
C GLY A 438 14.97 -24.43 -30.91
N LEU A 439 16.25 -24.66 -30.62
CA LEU A 439 17.10 -23.57 -30.17
C LEU A 439 17.19 -22.50 -31.24
N PRO A 440 17.31 -21.23 -30.85
CA PRO A 440 17.30 -20.15 -31.84
C PRO A 440 18.40 -20.32 -32.88
N LEU A 441 18.12 -19.81 -34.08
CA LEU A 441 19.03 -19.92 -35.21
C LEU A 441 19.07 -18.59 -35.95
N TYR A 442 20.27 -18.16 -36.34
CA TYR A 442 20.46 -16.89 -37.04
C TYR A 442 21.21 -17.14 -38.33
N THR A 443 20.54 -16.90 -39.46
CA THR A 443 21.13 -17.08 -40.78
C THR A 443 21.07 -15.77 -41.55
N LEU A 444 21.99 -15.62 -42.50
CA LEU A 444 22.03 -14.47 -43.39
C LEU A 444 21.64 -14.89 -44.80
N HIS A 445 20.91 -14.01 -45.49
CA HIS A 445 20.41 -14.33 -46.82
C HIS A 445 20.59 -13.11 -47.73
N SER A 446 20.66 -13.39 -49.02
CA SER A 446 20.72 -12.37 -50.06
C SER A 446 19.40 -12.36 -50.83
N SER A 447 18.82 -11.17 -50.99
CA SER A 447 17.46 -11.07 -51.49
C SER A 447 17.32 -11.31 -52.99
N VAL A 448 18.40 -11.14 -53.75
CA VAL A 448 18.31 -11.24 -55.21
C VAL A 448 17.60 -12.53 -55.62
N ASN A 449 18.10 -13.67 -55.11
CA ASN A 449 17.48 -14.97 -55.36
C ASN A 449 17.10 -15.67 -54.07
N ASP A 450 16.97 -14.92 -52.98
CA ASP A 450 16.67 -15.49 -51.67
C ASP A 450 17.69 -16.57 -51.30
N LYS A 451 18.94 -16.32 -51.68
CA LYS A 451 20.02 -17.26 -51.45
C LYS A 451 20.48 -17.20 -49.99
N GLY A 452 20.78 -18.38 -49.42
CA GLY A 452 21.27 -18.46 -48.07
C GLY A 452 22.78 -18.34 -48.00
N LEU A 453 23.29 -17.33 -47.28
CA LEU A 453 24.72 -17.05 -47.26
C LEU A 453 25.45 -17.88 -46.22
N ARG A 454 25.09 -17.74 -44.95
CA ARG A 454 25.81 -18.42 -43.88
C ARG A 454 24.97 -18.39 -42.61
N VAL A 455 25.44 -19.12 -41.60
CA VAL A 455 24.82 -19.15 -40.29
C VAL A 455 25.58 -18.19 -39.39
N LEU A 456 24.89 -17.15 -38.90
CA LEU A 456 25.53 -16.18 -38.03
C LEU A 456 25.59 -16.65 -36.58
N GLU A 457 24.61 -17.45 -36.15
CA GLU A 457 24.59 -17.98 -34.80
C GLU A 457 23.60 -19.14 -34.75
N ASP A 458 24.01 -20.24 -34.14
CA ASP A 458 23.17 -21.44 -34.06
C ASP A 458 22.98 -21.92 -32.62
N ASN A 459 23.46 -21.17 -31.63
CA ASN A 459 23.34 -21.58 -30.23
C ASN A 459 23.94 -22.96 -30.00
N SER A 460 24.98 -23.28 -30.77
CA SER A 460 25.65 -24.57 -30.59
C SER A 460 26.32 -24.66 -29.22
N ALA A 461 26.85 -23.53 -28.71
CA ALA A 461 27.46 -23.54 -27.39
C ALA A 461 26.44 -23.90 -26.31
N LEU A 462 25.24 -23.31 -26.38
CA LEU A 462 24.20 -23.65 -25.44
C LEU A 462 23.72 -25.08 -25.64
N ASP A 463 23.49 -25.47 -26.90
CA ASP A 463 22.99 -26.81 -27.20
C ASP A 463 23.86 -27.90 -26.59
N LYS A 464 25.17 -27.66 -26.51
CA LYS A 464 26.06 -28.67 -25.95
C LYS A 464 25.77 -28.95 -24.49
N MET A 465 25.28 -27.95 -23.75
CA MET A 465 25.08 -28.12 -22.32
C MET A 465 23.81 -28.92 -22.02
N LEU A 466 22.72 -28.64 -22.71
CA LEU A 466 21.44 -29.25 -22.38
C LEU A 466 21.42 -30.76 -22.59
N GLN A 467 22.47 -31.35 -23.15
CA GLN A 467 22.47 -32.79 -23.37
C GLN A 467 22.47 -33.58 -22.08
N ASN A 468 23.05 -33.04 -21.02
CA ASN A 468 23.14 -33.74 -19.75
C ASN A 468 21.98 -33.45 -18.80
N VAL A 469 21.28 -32.34 -18.99
CA VAL A 469 20.15 -31.99 -18.14
C VAL A 469 18.88 -32.56 -18.75
N GLN A 470 17.88 -32.82 -17.90
CA GLN A 470 16.61 -33.37 -18.34
C GLN A 470 15.67 -32.21 -18.68
N MET A 471 15.65 -31.84 -19.96
CA MET A 471 14.84 -30.70 -20.39
C MET A 471 13.41 -31.16 -20.73
N PRO A 472 12.43 -30.30 -20.49
CA PRO A 472 11.05 -30.64 -20.82
C PRO A 472 10.77 -30.47 -22.32
N SER A 473 9.82 -31.27 -22.80
CA SER A 473 9.33 -31.18 -24.16
C SER A 473 8.10 -30.28 -24.21
N LYS A 474 7.82 -29.76 -25.41
CA LYS A 474 6.72 -28.82 -25.61
C LYS A 474 5.81 -29.34 -26.73
N LYS A 475 4.60 -29.74 -26.36
CA LYS A 475 3.59 -30.19 -27.31
C LYS A 475 2.63 -29.06 -27.61
N LEU A 476 2.43 -28.77 -28.89
CA LEU A 476 1.48 -27.76 -29.35
C LEU A 476 0.39 -28.45 -30.17
N ASP A 477 -0.85 -28.32 -29.73
CA ASP A 477 -1.96 -28.99 -30.40
C ASP A 477 -3.22 -28.15 -30.18
N PHE A 478 -4.39 -28.75 -30.41
CA PHE A 478 -5.66 -28.03 -30.35
C PHE A 478 -6.74 -28.93 -29.78
N ILE A 479 -7.78 -28.29 -29.27
CA ILE A 479 -9.02 -28.94 -28.85
C ILE A 479 -10.19 -28.22 -29.54
N ILE A 480 -11.39 -28.74 -29.34
CA ILE A 480 -12.58 -28.27 -30.06
C ILE A 480 -13.56 -27.68 -29.06
N LEU A 481 -14.01 -26.46 -29.33
CA LEU A 481 -15.07 -25.80 -28.56
C LEU A 481 -16.14 -25.33 -29.54
N ASN A 482 -17.35 -25.86 -29.40
CA ASN A 482 -18.46 -25.49 -30.27
C ASN A 482 -18.08 -25.64 -31.74
N GLU A 483 -17.45 -26.77 -32.06
CA GLU A 483 -17.00 -27.10 -33.41
C GLU A 483 -15.92 -26.17 -33.93
N THR A 484 -15.45 -25.22 -33.12
CA THR A 484 -14.36 -24.34 -33.48
C THR A 484 -13.05 -24.87 -32.88
N LYS A 485 -11.97 -24.67 -33.62
CA LYS A 485 -10.67 -25.24 -33.28
C LYS A 485 -9.83 -24.21 -32.54
N PHE A 486 -9.53 -24.49 -31.27
CA PHE A 486 -8.71 -23.63 -30.43
C PHE A 486 -7.43 -24.35 -30.05
N TRP A 487 -6.35 -23.58 -29.90
CA TRP A 487 -5.01 -24.12 -29.76
C TRP A 487 -4.51 -24.04 -28.32
N TYR A 488 -3.62 -24.96 -27.98
CA TYR A 488 -3.04 -25.01 -26.64
C TYR A 488 -1.62 -25.56 -26.75
N GLN A 489 -0.85 -25.37 -25.67
CA GLN A 489 0.50 -25.88 -25.58
C GLN A 489 0.72 -26.45 -24.19
N MET A 490 1.57 -27.47 -24.12
CA MET A 490 1.87 -28.15 -22.86
C MET A 490 3.37 -28.32 -22.71
N ILE A 491 3.94 -27.72 -21.67
CA ILE A 491 5.35 -27.95 -21.32
C ILE A 491 5.40 -29.28 -20.61
N LEU A 492 5.73 -30.35 -21.34
CA LEU A 492 5.69 -31.69 -20.77
C LEU A 492 6.98 -31.99 -20.02
N PRO A 493 6.91 -32.52 -18.80
CA PRO A 493 8.13 -32.80 -18.03
C PRO A 493 9.02 -33.80 -18.75
N PRO A 494 10.27 -33.92 -18.34
CA PRO A 494 11.18 -34.88 -18.98
C PRO A 494 10.74 -36.32 -18.75
N HIS A 495 11.05 -37.18 -19.72
CA HIS A 495 10.66 -38.59 -19.67
C HIS A 495 9.17 -38.73 -19.37
N PHE A 496 8.37 -37.97 -20.13
CA PHE A 496 6.93 -37.96 -19.92
C PHE A 496 6.33 -39.34 -20.19
N ASP A 497 5.54 -39.82 -19.24
CA ASP A 497 4.86 -41.11 -19.34
C ASP A 497 3.37 -40.88 -19.26
N LYS A 498 2.66 -41.23 -20.35
CA LYS A 498 1.21 -41.08 -20.37
C LYS A 498 0.51 -41.99 -19.35
N SER A 499 1.25 -42.85 -18.67
CA SER A 499 0.64 -43.72 -17.65
C SER A 499 0.49 -42.99 -16.33
N LYS A 500 1.51 -42.24 -15.92
CA LYS A 500 1.49 -41.55 -14.64
C LYS A 500 0.59 -40.32 -14.70
N LYS A 501 -0.03 -40.00 -13.56
CA LYS A 501 -0.84 -38.81 -13.41
C LYS A 501 0.04 -37.63 -13.04
N TYR A 502 -0.14 -36.50 -13.73
CA TYR A 502 0.68 -35.33 -13.51
C TYR A 502 -0.16 -34.14 -13.04
N PRO A 503 0.39 -33.26 -12.22
CA PRO A 503 -0.31 -32.02 -11.88
C PRO A 503 -0.18 -31.02 -13.03
N LEU A 504 -1.29 -30.36 -13.34
CA LEU A 504 -1.35 -29.42 -14.45
C LEU A 504 -1.47 -28.00 -13.91
N LEU A 505 -0.61 -27.11 -14.40
CA LEU A 505 -0.64 -25.69 -14.09
C LEU A 505 -1.03 -24.93 -15.35
N LEU A 506 -2.10 -24.15 -15.27
CA LEU A 506 -2.59 -23.40 -16.43
C LEU A 506 -1.97 -22.01 -16.41
N ASP A 507 -0.98 -21.80 -17.28
CA ASP A 507 -0.37 -20.49 -17.46
C ASP A 507 -1.24 -19.69 -18.42
N VAL A 508 -1.87 -18.63 -17.93
CA VAL A 508 -2.93 -17.95 -18.66
C VAL A 508 -2.63 -16.46 -18.77
N TYR A 509 -2.88 -15.90 -19.95
CA TYR A 509 -3.02 -14.46 -20.13
C TYR A 509 -4.42 -14.11 -20.61
N ALA A 510 -4.85 -14.65 -21.75
CA ALA A 510 -6.24 -14.58 -22.20
C ALA A 510 -6.67 -13.14 -22.51
N GLY A 511 -5.72 -12.29 -22.87
CA GLY A 511 -6.03 -10.91 -23.21
C GLY A 511 -6.50 -10.77 -24.65
N PRO A 512 -7.18 -9.66 -24.94
CA PRO A 512 -7.63 -9.42 -26.32
C PRO A 512 -6.47 -9.48 -27.30
N CYS A 513 -6.61 -10.35 -28.30
CA CYS A 513 -5.59 -10.52 -29.34
C CYS A 513 -4.27 -11.00 -28.76
N SER A 514 -4.35 -11.94 -27.82
CA SER A 514 -3.16 -12.53 -27.21
C SER A 514 -2.91 -13.91 -27.80
N GLN A 515 -1.73 -14.46 -27.48
CA GLN A 515 -1.37 -15.78 -27.98
C GLN A 515 -0.36 -16.39 -27.01
N LYS A 516 -0.82 -17.33 -26.20
CA LYS A 516 0.05 -18.07 -25.29
C LYS A 516 0.48 -19.42 -25.85
N ALA A 517 -0.08 -19.85 -26.97
CA ALA A 517 0.28 -21.10 -27.62
C ALA A 517 1.04 -20.75 -28.90
N ASP A 518 2.33 -21.06 -28.93
CA ASP A 518 3.17 -20.74 -30.07
C ASP A 518 4.30 -21.75 -30.16
N THR A 519 5.04 -21.69 -31.27
CA THR A 519 6.19 -22.55 -31.50
C THR A 519 7.49 -21.89 -31.05
N VAL A 520 7.46 -21.06 -30.02
CA VAL A 520 8.62 -20.31 -29.58
C VAL A 520 9.34 -21.10 -28.49
N PHE A 521 10.65 -21.26 -28.65
CA PHE A 521 11.48 -21.88 -27.63
C PHE A 521 11.86 -20.85 -26.59
N ARG A 522 11.68 -21.17 -25.31
CA ARG A 522 11.94 -20.23 -24.24
C ARG A 522 12.31 -20.99 -22.98
N LEU A 523 13.18 -20.38 -22.18
CA LEU A 523 13.61 -20.90 -20.88
C LEU A 523 13.04 -19.97 -19.81
N ASN A 524 11.96 -20.41 -19.16
CA ASN A 524 11.27 -19.56 -18.20
C ASN A 524 10.95 -20.31 -16.91
N TRP A 525 10.10 -19.71 -16.06
CA TRP A 525 9.71 -20.37 -14.83
C TRP A 525 8.95 -21.66 -15.11
N ALA A 526 8.22 -21.71 -16.21
CA ALA A 526 7.53 -22.95 -16.57
C ALA A 526 8.51 -24.05 -16.96
N THR A 527 9.72 -23.70 -17.36
CA THR A 527 10.73 -24.72 -17.68
C THR A 527 11.16 -25.47 -16.42
N TYR A 528 11.43 -24.72 -15.35
CA TYR A 528 11.82 -25.36 -14.10
C TYR A 528 10.70 -26.21 -13.52
N LEU A 529 9.47 -25.70 -13.57
CA LEU A 529 8.34 -26.43 -13.01
C LEU A 529 8.20 -27.81 -13.63
N ALA A 530 8.31 -27.90 -14.96
CA ALA A 530 8.19 -29.18 -15.63
C ALA A 530 9.46 -30.00 -15.51
N SER A 531 10.63 -29.36 -15.53
CA SER A 531 11.88 -30.08 -15.49
C SER A 531 12.14 -30.67 -14.10
N THR A 532 12.08 -29.84 -13.07
CA THR A 532 12.43 -30.26 -11.72
C THR A 532 11.23 -30.79 -10.94
N GLU A 533 10.12 -30.07 -10.95
CA GLU A 533 8.96 -30.43 -10.16
C GLU A 533 7.99 -31.35 -10.89
N ASN A 534 8.28 -31.70 -12.14
CA ASN A 534 7.42 -32.60 -12.93
C ASN A 534 5.98 -32.09 -12.96
N ILE A 535 5.83 -30.85 -13.44
CA ILE A 535 4.54 -30.18 -13.50
C ILE A 535 4.22 -29.88 -14.95
N ILE A 536 3.05 -30.33 -15.41
CA ILE A 536 2.56 -30.01 -16.75
C ILE A 536 2.00 -28.59 -16.70
N VAL A 537 2.76 -27.63 -17.19
CA VAL A 537 2.32 -26.24 -17.30
C VAL A 537 1.86 -26.02 -18.74
N ALA A 538 0.59 -25.61 -18.89
CA ALA A 538 -0.02 -25.49 -20.20
C ALA A 538 -0.66 -24.11 -20.36
N SER A 539 -0.86 -23.72 -21.62
CA SER A 539 -1.50 -22.47 -21.97
C SER A 539 -2.56 -22.73 -23.02
N PHE A 540 -3.54 -21.83 -23.11
CA PHE A 540 -4.68 -22.01 -23.98
C PHE A 540 -5.08 -20.68 -24.61
N ASP A 541 -5.46 -20.72 -25.88
CA ASP A 541 -5.89 -19.54 -26.62
C ASP A 541 -7.37 -19.71 -26.97
N GLY A 542 -8.24 -19.24 -26.08
CA GLY A 542 -9.66 -19.28 -26.32
C GLY A 542 -10.14 -18.10 -27.14
N ARG A 543 -11.42 -17.78 -26.99
CA ARG A 543 -11.97 -16.62 -27.67
C ARG A 543 -11.25 -15.36 -27.22
N GLY A 544 -11.21 -14.37 -28.10
CA GLY A 544 -10.47 -13.15 -27.88
C GLY A 544 -9.03 -13.20 -28.35
N SER A 545 -8.43 -14.38 -28.36
CA SER A 545 -7.06 -14.50 -28.86
C SER A 545 -7.01 -14.13 -30.34
N GLY A 546 -5.95 -13.43 -30.73
CA GLY A 546 -5.82 -12.89 -32.07
C GLY A 546 -5.12 -13.83 -33.02
N TYR A 547 -4.85 -13.31 -34.23
CA TYR A 547 -4.14 -14.03 -35.28
C TYR A 547 -4.95 -15.18 -35.85
N GLN A 548 -6.26 -15.21 -35.56
CA GLN A 548 -7.13 -16.27 -36.03
C GLN A 548 -8.42 -15.74 -36.65
N GLY A 549 -8.52 -14.44 -36.86
CA GLY A 549 -9.70 -13.85 -37.46
C GLY A 549 -10.54 -13.10 -36.43
N ASP A 550 -11.29 -12.11 -36.91
CA ASP A 550 -12.18 -11.34 -36.05
C ASP A 550 -13.35 -12.16 -35.52
N LYS A 551 -13.61 -13.33 -36.10
CA LYS A 551 -14.66 -14.19 -35.58
C LYS A 551 -14.33 -14.66 -34.16
N ILE A 552 -13.06 -14.96 -33.90
CA ILE A 552 -12.64 -15.38 -32.57
C ILE A 552 -12.23 -14.19 -31.72
N MET A 553 -11.49 -13.25 -32.28
CA MET A 553 -10.97 -12.12 -31.50
C MET A 553 -12.10 -11.23 -30.99
N HIS A 554 -12.98 -10.77 -31.89
CA HIS A 554 -14.06 -9.88 -31.51
C HIS A 554 -15.16 -10.57 -30.73
N ALA A 555 -14.99 -11.82 -30.33
CA ALA A 555 -16.04 -12.51 -29.58
C ALA A 555 -16.28 -11.86 -28.22
N ILE A 556 -15.25 -11.28 -27.62
CA ILE A 556 -15.34 -10.69 -26.30
C ILE A 556 -15.53 -9.17 -26.37
N ASN A 557 -15.92 -8.64 -27.53
CA ASN A 557 -16.15 -7.22 -27.66
C ASN A 557 -17.28 -6.79 -26.72
N ARG A 558 -16.97 -5.90 -25.78
CA ARG A 558 -17.90 -5.42 -24.77
C ARG A 558 -18.29 -6.52 -23.78
N ARG A 559 -17.61 -7.66 -23.81
CA ARG A 559 -17.88 -8.77 -22.90
C ARG A 559 -16.59 -9.25 -22.27
N LEU A 560 -15.74 -8.32 -21.84
CA LEU A 560 -14.48 -8.68 -21.21
C LEU A 560 -14.74 -9.45 -19.92
N GLY A 561 -13.91 -10.46 -19.67
CA GLY A 561 -14.10 -11.30 -18.50
C GLY A 561 -15.24 -12.29 -18.62
N THR A 562 -15.55 -12.73 -19.83
CA THR A 562 -16.64 -13.68 -20.03
C THR A 562 -16.17 -14.88 -20.84
N PHE A 563 -16.17 -14.75 -22.17
CA PHE A 563 -15.80 -15.88 -23.02
C PHE A 563 -14.35 -16.30 -22.80
N GLU A 564 -13.43 -15.33 -22.69
CA GLU A 564 -12.04 -15.68 -22.46
C GLU A 564 -11.84 -16.36 -21.12
N VAL A 565 -12.72 -16.07 -20.15
CA VAL A 565 -12.65 -16.74 -18.86
C VAL A 565 -13.27 -18.13 -18.94
N GLU A 566 -14.39 -18.26 -19.64
CA GLU A 566 -15.05 -19.56 -19.75
C GLU A 566 -14.21 -20.55 -20.54
N ASP A 567 -13.59 -20.10 -21.62
CA ASP A 567 -12.79 -21.01 -22.44
C ASP A 567 -11.62 -21.59 -21.63
N GLN A 568 -10.98 -20.77 -20.81
CA GLN A 568 -9.91 -21.28 -19.95
C GLN A 568 -10.42 -22.38 -19.04
N ILE A 569 -11.58 -22.15 -18.40
CA ILE A 569 -12.18 -23.18 -17.57
C ILE A 569 -12.52 -24.40 -18.41
N GLU A 570 -13.13 -24.17 -19.58
CA GLU A 570 -13.51 -25.29 -20.44
C GLU A 570 -12.29 -26.06 -20.91
N ALA A 571 -11.20 -25.37 -21.21
CA ALA A 571 -9.98 -26.05 -21.66
C ALA A 571 -9.43 -26.95 -20.56
N ALA A 572 -9.29 -26.41 -19.34
CA ALA A 572 -8.81 -27.21 -18.23
C ALA A 572 -9.78 -28.34 -17.90
N ARG A 573 -11.07 -28.13 -18.17
CA ARG A 573 -12.04 -29.21 -17.97
C ARG A 573 -11.70 -30.41 -18.85
N GLN A 574 -11.33 -30.16 -20.10
CA GLN A 574 -10.97 -31.23 -21.02
C GLN A 574 -9.53 -31.69 -20.84
N PHE A 575 -8.65 -30.84 -20.31
CA PHE A 575 -7.31 -31.28 -19.95
C PHE A 575 -7.33 -32.26 -18.79
N SER A 576 -8.36 -32.23 -17.95
CA SER A 576 -8.44 -33.06 -16.76
C SER A 576 -8.88 -34.49 -17.06
N LYS A 577 -9.19 -34.82 -18.31
CA LYS A 577 -9.65 -36.15 -18.68
C LYS A 577 -8.67 -36.85 -19.61
N MET A 578 -7.39 -36.53 -19.51
CA MET A 578 -6.38 -37.10 -20.40
C MET A 578 -5.63 -38.27 -19.81
N GLY A 579 -5.93 -38.67 -18.58
CA GLY A 579 -5.30 -39.84 -17.99
C GLY A 579 -3.95 -39.57 -17.37
N PHE A 580 -3.19 -38.65 -17.97
CA PHE A 580 -1.89 -38.25 -17.42
C PHE A 580 -1.95 -36.92 -16.68
N VAL A 581 -3.16 -36.44 -16.37
CA VAL A 581 -3.35 -35.19 -15.66
C VAL A 581 -4.14 -35.50 -14.39
N ASP A 582 -3.50 -35.34 -13.24
CA ASP A 582 -4.16 -35.55 -11.95
C ASP A 582 -5.20 -34.46 -11.75
N ASN A 583 -6.46 -34.75 -12.10
CA ASN A 583 -7.51 -33.74 -12.04
C ASN A 583 -7.67 -33.16 -10.64
N LYS A 584 -7.19 -33.86 -9.61
CA LYS A 584 -7.26 -33.35 -8.25
C LYS A 584 -6.21 -32.28 -7.96
N ARG A 585 -5.29 -32.02 -8.89
CA ARG A 585 -4.22 -31.03 -8.69
C ARG A 585 -4.05 -30.24 -10.01
N ILE A 586 -4.96 -29.31 -10.25
CA ILE A 586 -4.92 -28.46 -11.44
C ILE A 586 -4.93 -27.01 -10.95
N ALA A 587 -3.77 -26.35 -11.02
CA ALA A 587 -3.64 -24.96 -10.61
C ALA A 587 -3.71 -24.04 -11.82
N ILE A 588 -3.81 -22.74 -11.53
CA ILE A 588 -3.83 -21.72 -12.57
C ILE A 588 -3.15 -20.48 -12.02
N TRP A 589 -2.48 -19.75 -12.91
CA TRP A 589 -1.79 -18.54 -12.49
C TRP A 589 -1.64 -17.60 -13.69
N GLY A 590 -1.65 -16.30 -13.41
CA GLY A 590 -1.57 -15.32 -14.47
C GLY A 590 -1.01 -14.00 -13.97
N TRP A 591 -0.45 -13.24 -14.90
CA TRP A 591 0.13 -11.94 -14.62
C TRP A 591 -0.58 -10.88 -15.45
N SER A 592 -0.75 -9.70 -14.87
CA SER A 592 -1.38 -8.56 -15.56
C SER A 592 -2.79 -8.98 -15.95
N TYR A 593 -3.17 -8.91 -17.24
CA TYR A 593 -4.48 -9.41 -17.64
C TYR A 593 -4.68 -10.85 -17.18
N GLY A 594 -3.63 -11.66 -17.24
CA GLY A 594 -3.74 -13.04 -16.79
C GLY A 594 -4.11 -13.14 -15.32
N GLY A 595 -3.61 -12.23 -14.50
CA GLY A 595 -4.02 -12.19 -13.11
C GLY A 595 -5.50 -11.90 -12.94
N TYR A 596 -6.06 -11.09 -13.85
CA TYR A 596 -7.49 -10.81 -13.80
C TYR A 596 -8.31 -12.04 -14.18
N VAL A 597 -7.90 -12.76 -15.23
CA VAL A 597 -8.60 -13.97 -15.62
C VAL A 597 -8.45 -15.05 -14.55
N THR A 598 -7.22 -15.23 -14.04
CA THR A 598 -7.01 -16.19 -12.95
C THR A 598 -7.95 -15.91 -11.79
N SER A 599 -8.08 -14.64 -11.40
CA SER A 599 -8.99 -14.29 -10.32
C SER A 599 -10.44 -14.56 -10.71
N MET A 600 -10.83 -14.16 -11.92
CA MET A 600 -12.17 -14.46 -12.41
C MET A 600 -12.42 -15.96 -12.51
N VAL A 601 -11.36 -16.76 -12.64
CA VAL A 601 -11.52 -18.21 -12.73
C VAL A 601 -11.75 -18.81 -11.35
N LEU A 602 -10.89 -18.47 -10.38
CA LEU A 602 -11.00 -19.04 -9.05
C LEU A 602 -12.32 -18.68 -8.38
N GLY A 603 -12.99 -17.63 -8.83
CA GLY A 603 -14.30 -17.27 -8.32
C GLY A 603 -15.46 -17.78 -9.15
N SER A 604 -15.18 -18.44 -10.27
CA SER A 604 -16.25 -18.93 -11.14
C SER A 604 -17.12 -19.98 -10.44
N GLY A 605 -16.56 -20.67 -9.44
CA GLY A 605 -17.30 -21.72 -8.77
C GLY A 605 -17.54 -22.92 -9.66
N SER A 606 -16.45 -23.51 -10.16
CA SER A 606 -16.54 -24.68 -11.03
C SER A 606 -15.85 -25.90 -10.48
N GLY A 607 -15.12 -25.79 -9.37
CA GLY A 607 -14.48 -26.92 -8.74
C GLY A 607 -13.39 -27.56 -9.59
N VAL A 608 -13.10 -26.97 -10.75
CA VAL A 608 -12.08 -27.53 -11.63
C VAL A 608 -10.69 -27.25 -11.08
N PHE A 609 -10.46 -26.05 -10.55
CA PHE A 609 -9.16 -25.64 -10.07
C PHE A 609 -9.11 -25.70 -8.55
N LYS A 610 -7.97 -26.14 -8.02
CA LYS A 610 -7.77 -26.24 -6.58
C LYS A 610 -7.14 -24.97 -6.00
N CYS A 611 -6.07 -24.49 -6.63
CA CYS A 611 -5.33 -23.33 -6.16
C CYS A 611 -5.02 -22.42 -7.34
N GLY A 612 -4.62 -21.19 -7.03
CA GLY A 612 -4.33 -20.23 -8.07
C GLY A 612 -3.47 -19.09 -7.56
N ILE A 613 -2.83 -18.40 -8.51
CA ILE A 613 -1.98 -17.26 -8.21
C ILE A 613 -2.31 -16.15 -9.21
N ALA A 614 -2.54 -14.95 -8.69
CA ALA A 614 -2.86 -13.78 -9.50
C ALA A 614 -1.86 -12.68 -9.17
N VAL A 615 -1.00 -12.34 -10.12
CA VAL A 615 0.02 -11.32 -9.94
C VAL A 615 -0.43 -10.05 -10.67
N ALA A 616 -0.38 -8.92 -9.97
CA ALA A 616 -0.76 -7.61 -10.49
C ALA A 616 -2.04 -7.70 -11.33
N PRO A 617 -3.12 -8.22 -10.78
CA PRO A 617 -4.34 -8.40 -11.57
C PRO A 617 -5.21 -7.15 -11.63
N VAL A 618 -5.99 -7.08 -12.70
CA VAL A 618 -7.09 -6.13 -12.77
C VAL A 618 -8.26 -6.67 -11.96
N SER A 619 -8.95 -5.79 -11.26
CA SER A 619 -10.12 -6.18 -10.48
C SER A 619 -11.40 -5.51 -10.94
N ARG A 620 -11.31 -4.32 -11.52
CA ARG A 620 -12.48 -3.55 -11.96
C ARG A 620 -12.06 -2.73 -13.16
N TRP A 621 -12.78 -2.88 -14.27
CA TRP A 621 -12.35 -2.22 -15.50
C TRP A 621 -12.47 -0.71 -15.41
N GLU A 622 -13.25 -0.18 -14.48
CA GLU A 622 -13.24 1.26 -14.26
C GLU A 622 -11.93 1.74 -13.64
N TYR A 623 -11.09 0.82 -13.15
CA TYR A 623 -9.82 1.20 -12.53
C TYR A 623 -8.71 1.38 -13.55
N TYR A 624 -8.76 0.66 -14.67
CA TYR A 624 -7.69 0.71 -15.64
C TYR A 624 -7.84 1.93 -16.55
N ASP A 625 -6.81 2.17 -17.37
CA ASP A 625 -6.81 3.34 -18.22
C ASP A 625 -7.88 3.22 -19.30
N SER A 626 -8.22 4.36 -19.90
CA SER A 626 -9.36 4.45 -20.80
C SER A 626 -9.07 3.86 -22.17
N VAL A 627 -7.95 4.27 -22.78
CA VAL A 627 -7.66 3.87 -24.17
C VAL A 627 -7.73 2.36 -24.32
N TYR A 628 -7.19 1.62 -23.34
CA TYR A 628 -7.24 0.17 -23.40
C TYR A 628 -8.62 -0.35 -23.00
N THR A 629 -9.13 0.09 -21.85
CA THR A 629 -10.40 -0.43 -21.35
C THR A 629 -11.54 -0.10 -22.31
N GLU A 630 -11.67 1.17 -22.68
CA GLU A 630 -12.79 1.58 -23.53
C GLU A 630 -12.71 0.94 -24.91
N ARG A 631 -11.51 0.61 -25.37
CA ARG A 631 -11.37 -0.01 -26.69
C ARG A 631 -12.21 -1.27 -26.80
N TYR A 632 -12.31 -2.04 -25.72
CA TYR A 632 -13.04 -3.29 -25.71
C TYR A 632 -14.35 -3.24 -24.95
N MET A 633 -14.44 -2.44 -23.89
CA MET A 633 -15.61 -2.41 -23.03
C MET A 633 -16.59 -1.31 -23.41
N GLY A 634 -16.12 -0.21 -23.98
CA GLY A 634 -16.96 0.92 -24.30
C GLY A 634 -16.78 2.04 -23.29
N LEU A 635 -17.89 2.50 -22.71
CA LEU A 635 -17.84 3.57 -21.73
C LEU A 635 -18.67 3.20 -20.50
N PRO A 636 -18.16 3.49 -19.29
CA PRO A 636 -18.93 3.20 -18.09
C PRO A 636 -20.07 4.17 -17.87
N THR A 637 -21.07 4.12 -18.75
CA THR A 637 -22.27 4.95 -18.64
C THR A 637 -23.50 4.09 -18.85
N PRO A 638 -24.59 4.35 -18.11
CA PRO A 638 -25.79 3.52 -18.26
C PRO A 638 -26.33 3.47 -19.67
N GLU A 639 -25.97 4.42 -20.53
CA GLU A 639 -26.40 4.44 -21.91
C GLU A 639 -25.48 3.66 -22.84
N ASP A 640 -24.30 3.26 -22.36
CA ASP A 640 -23.36 2.52 -23.19
C ASP A 640 -23.18 1.09 -22.68
N ASN A 641 -22.22 0.89 -21.77
CA ASN A 641 -21.92 -0.44 -21.29
C ASN A 641 -21.59 -0.45 -19.80
N LEU A 642 -22.12 0.49 -19.03
CA LEU A 642 -21.81 0.54 -17.60
C LEU A 642 -22.20 -0.77 -16.90
N ASP A 643 -23.35 -1.34 -17.26
CA ASP A 643 -23.84 -2.52 -16.55
C ASP A 643 -22.92 -3.72 -16.68
N HIS A 644 -22.11 -3.80 -17.73
CA HIS A 644 -21.12 -4.86 -17.80
C HIS A 644 -19.83 -4.52 -17.09
N TYR A 645 -19.47 -3.23 -17.03
CA TYR A 645 -18.40 -2.81 -16.15
C TYR A 645 -18.63 -3.32 -14.74
N ARG A 646 -19.88 -3.21 -14.26
CA ARG A 646 -20.24 -3.65 -12.92
C ARG A 646 -20.38 -5.16 -12.83
N ASN A 647 -20.61 -5.85 -13.94
CA ASN A 647 -20.77 -7.30 -13.91
C ASN A 647 -19.43 -8.03 -13.92
N SER A 648 -18.39 -7.43 -14.49
CA SER A 648 -17.12 -8.10 -14.70
C SER A 648 -16.11 -7.85 -13.58
N THR A 649 -16.54 -7.28 -12.47
CA THR A 649 -15.63 -7.08 -11.34
C THR A 649 -15.36 -8.40 -10.65
N VAL A 650 -14.12 -8.59 -10.21
CA VAL A 650 -13.77 -9.80 -9.48
C VAL A 650 -14.21 -9.72 -8.03
N MET A 651 -14.47 -8.52 -7.50
CA MET A 651 -14.91 -8.39 -6.13
C MET A 651 -16.31 -8.97 -5.93
N SER A 652 -17.20 -8.77 -6.91
CA SER A 652 -18.54 -9.32 -6.85
C SER A 652 -18.57 -10.84 -6.93
N ARG A 653 -17.41 -11.48 -6.95
CA ARG A 653 -17.28 -12.92 -7.10
C ARG A 653 -16.44 -13.52 -5.98
N ALA A 654 -16.43 -12.86 -4.82
CA ALA A 654 -15.55 -13.26 -3.72
C ALA A 654 -16.07 -14.49 -2.98
N GLU A 655 -17.39 -14.57 -2.77
CA GLU A 655 -17.96 -15.66 -1.99
C GLU A 655 -17.45 -17.01 -2.45
N ASN A 656 -17.32 -17.20 -3.77
CA ASN A 656 -16.90 -18.48 -4.31
C ASN A 656 -15.41 -18.76 -4.11
N PHE A 657 -14.65 -17.82 -3.56
CA PHE A 657 -13.23 -18.05 -3.30
C PHE A 657 -13.00 -19.01 -2.13
N LYS A 658 -14.05 -19.38 -1.40
CA LYS A 658 -13.92 -20.30 -0.28
C LYS A 658 -13.54 -21.71 -0.71
N GLN A 659 -13.67 -22.03 -2.00
CA GLN A 659 -13.40 -23.37 -2.49
C GLN A 659 -11.96 -23.57 -2.96
N VAL A 660 -11.18 -22.50 -3.09
CA VAL A 660 -9.86 -22.57 -3.67
C VAL A 660 -8.86 -21.81 -2.81
N GLU A 661 -7.58 -22.17 -2.96
CA GLU A 661 -6.49 -21.42 -2.35
C GLU A 661 -6.09 -20.29 -3.27
N TYR A 662 -5.98 -19.08 -2.72
CA TYR A 662 -5.71 -17.88 -3.50
C TYR A 662 -4.40 -17.26 -3.04
N LEU A 663 -3.67 -16.68 -4.00
CA LEU A 663 -2.43 -15.98 -3.71
C LEU A 663 -2.42 -14.70 -4.53
N LEU A 664 -2.60 -13.56 -3.86
CA LEU A 664 -2.68 -12.26 -4.53
C LEU A 664 -1.36 -11.52 -4.32
N ILE A 665 -0.73 -11.12 -5.43
CA ILE A 665 0.56 -10.45 -5.40
C ILE A 665 0.47 -9.18 -6.23
N HIS A 666 1.05 -8.10 -5.72
CA HIS A 666 0.98 -6.82 -6.41
C HIS A 666 2.13 -5.94 -5.95
N GLY A 667 2.50 -4.99 -6.80
CA GLY A 667 3.56 -4.04 -6.50
C GLY A 667 2.97 -2.73 -6.01
N THR A 668 3.54 -2.23 -4.91
CA THR A 668 3.03 -1.01 -4.28
C THR A 668 3.28 0.24 -5.11
N ALA A 669 4.06 0.14 -6.19
CA ALA A 669 4.35 1.27 -7.05
C ALA A 669 3.94 0.98 -8.50
N ASP A 670 2.91 0.15 -8.68
CA ASP A 670 2.49 -0.27 -10.00
C ASP A 670 1.74 0.85 -10.72
N ASP A 671 2.48 1.64 -11.51
CA ASP A 671 1.87 2.73 -12.27
C ASP A 671 0.84 2.22 -13.28
N ASN A 672 0.94 0.96 -13.68
CA ASN A 672 0.11 0.43 -14.78
C ASN A 672 -1.20 -0.13 -14.22
N VAL A 673 -1.12 -1.27 -13.54
CA VAL A 673 -2.26 -1.83 -12.82
C VAL A 673 -2.07 -1.42 -11.37
N HIS A 674 -2.67 -0.28 -11.00
CA HIS A 674 -2.46 0.31 -9.69
C HIS A 674 -2.68 -0.72 -8.59
N PHE A 675 -1.93 -0.56 -7.49
CA PHE A 675 -2.13 -1.39 -6.32
C PHE A 675 -3.58 -1.33 -5.83
N GLN A 676 -4.29 -0.24 -6.16
CA GLN A 676 -5.71 -0.15 -5.83
C GLN A 676 -6.47 -1.38 -6.28
N GLN A 677 -6.09 -1.94 -7.44
CA GLN A 677 -6.79 -3.09 -7.98
C GLN A 677 -6.81 -4.25 -6.99
N SER A 678 -5.62 -4.69 -6.56
CA SER A 678 -5.55 -5.79 -5.61
C SER A 678 -6.03 -5.36 -4.23
N ALA A 679 -5.88 -4.07 -3.89
CA ALA A 679 -6.40 -3.59 -2.61
C ALA A 679 -7.90 -3.82 -2.49
N GLN A 680 -8.64 -3.59 -3.58
CA GLN A 680 -10.08 -3.83 -3.57
C GLN A 680 -10.41 -5.32 -3.55
N ILE A 681 -9.53 -6.14 -4.13
CA ILE A 681 -9.77 -7.58 -4.12
C ILE A 681 -9.65 -8.13 -2.70
N SER A 682 -8.55 -7.83 -2.02
CA SER A 682 -8.36 -8.33 -0.66
C SER A 682 -9.48 -7.86 0.26
N LYS A 683 -9.91 -6.61 0.11
CA LYS A 683 -10.97 -6.09 0.97
C LYS A 683 -12.27 -6.83 0.75
N ALA A 684 -12.58 -7.18 -0.51
CA ALA A 684 -13.80 -7.92 -0.79
C ALA A 684 -13.74 -9.33 -0.21
N LEU A 685 -12.59 -9.99 -0.30
CA LEU A 685 -12.44 -11.31 0.31
C LEU A 685 -12.56 -11.23 1.82
N VAL A 686 -12.09 -10.14 2.43
CA VAL A 686 -12.17 -9.99 3.88
C VAL A 686 -13.63 -9.89 4.32
N ASP A 687 -14.45 -9.14 3.57
CA ASP A 687 -15.83 -8.89 3.96
C ASP A 687 -16.73 -10.11 3.78
N VAL A 688 -16.18 -11.26 3.36
CA VAL A 688 -16.99 -12.48 3.23
C VAL A 688 -16.29 -13.62 3.95
N GLY A 689 -15.25 -13.30 4.72
CA GLY A 689 -14.55 -14.31 5.49
C GLY A 689 -13.83 -15.35 4.65
N VAL A 690 -13.13 -14.93 3.60
CA VAL A 690 -12.38 -15.82 2.74
C VAL A 690 -10.91 -15.67 3.08
N ASP A 691 -10.27 -16.76 3.48
CA ASP A 691 -8.84 -16.75 3.74
C ASP A 691 -8.08 -16.86 2.43
N PHE A 692 -6.90 -16.22 2.39
CA PHE A 692 -6.08 -16.24 1.19
C PHE A 692 -4.67 -15.81 1.55
N GLN A 693 -3.74 -16.15 0.66
CA GLN A 693 -2.36 -15.69 0.77
C GLN A 693 -2.19 -14.38 0.01
N ALA A 694 -1.23 -13.58 0.45
CA ALA A 694 -0.98 -12.29 -0.17
C ALA A 694 0.49 -11.93 -0.04
N MET A 695 0.92 -10.96 -0.83
CA MET A 695 2.31 -10.51 -0.83
C MET A 695 2.48 -9.23 -1.62
N TRP A 696 2.79 -8.13 -0.93
CA TRP A 696 3.10 -6.87 -1.59
C TRP A 696 4.60 -6.73 -1.75
N TYR A 697 5.01 -5.99 -2.78
CA TYR A 697 6.41 -5.73 -3.04
C TYR A 697 6.63 -4.22 -3.06
N THR A 698 7.34 -3.72 -2.04
CA THR A 698 7.47 -2.28 -1.83
C THR A 698 8.16 -1.61 -3.01
N ASP A 699 7.55 -0.54 -3.51
CA ASP A 699 8.14 0.29 -4.56
C ASP A 699 8.46 -0.50 -5.82
N GLU A 700 7.68 -1.53 -6.11
CA GLU A 700 7.82 -2.29 -7.34
C GLU A 700 6.71 -1.92 -8.31
N ASP A 701 7.03 -1.98 -9.60
CA ASP A 701 6.10 -1.59 -10.64
C ASP A 701 5.37 -2.83 -11.19
N HIS A 702 4.69 -2.66 -12.31
CA HIS A 702 3.93 -3.76 -12.91
C HIS A 702 4.84 -4.89 -13.39
N GLY A 703 6.13 -4.64 -13.53
CA GLY A 703 7.04 -5.67 -14.00
C GLY A 703 7.65 -6.49 -12.88
N ILE A 704 7.83 -5.87 -11.71
CA ILE A 704 8.49 -6.52 -10.59
C ILE A 704 9.79 -7.14 -11.09
N ALA A 705 10.63 -6.32 -11.72
CA ALA A 705 11.81 -6.81 -12.43
C ALA A 705 13.11 -6.57 -11.66
N SER A 706 13.02 -6.10 -10.42
CA SER A 706 14.22 -5.96 -9.61
C SER A 706 14.89 -7.30 -9.43
N SER A 707 16.23 -7.30 -9.43
CA SER A 707 16.96 -8.56 -9.29
C SER A 707 16.51 -9.31 -8.04
N THR A 708 16.33 -8.61 -6.93
CA THR A 708 15.89 -9.24 -5.70
C THR A 708 14.40 -9.57 -5.75
N ALA A 709 13.59 -8.63 -6.21
CA ALA A 709 12.14 -8.85 -6.27
C ALA A 709 11.82 -10.01 -7.20
N HIS A 710 12.43 -10.03 -8.39
CA HIS A 710 12.18 -11.11 -9.35
C HIS A 710 12.50 -12.47 -8.74
N GLN A 711 13.63 -12.58 -8.05
CA GLN A 711 13.97 -13.84 -7.40
C GLN A 711 13.00 -14.16 -6.27
N HIS A 712 12.50 -13.13 -5.59
CA HIS A 712 11.65 -13.35 -4.43
C HIS A 712 10.27 -13.86 -4.84
N ILE A 713 9.66 -13.25 -5.85
CA ILE A 713 8.29 -13.60 -6.21
C ILE A 713 8.23 -14.99 -6.81
N TYR A 714 9.25 -15.38 -7.57
CA TYR A 714 9.25 -16.71 -8.17
C TYR A 714 9.63 -17.79 -7.17
N THR A 715 10.49 -17.46 -6.20
CA THR A 715 10.70 -18.38 -5.08
C THR A 715 9.46 -18.49 -4.22
N HIS A 716 8.68 -17.42 -4.11
CA HIS A 716 7.47 -17.44 -3.31
C HIS A 716 6.38 -18.26 -3.98
N MET A 717 6.10 -18.00 -5.26
CA MET A 717 5.06 -18.73 -5.96
C MET A 717 5.41 -20.20 -6.08
N SER A 718 6.69 -20.51 -6.28
CA SER A 718 7.10 -21.91 -6.44
C SER A 718 6.68 -22.74 -5.23
N HIS A 719 6.93 -22.23 -4.02
CA HIS A 719 6.50 -22.93 -2.81
C HIS A 719 4.98 -23.10 -2.79
N PHE A 720 4.26 -22.03 -3.10
CA PHE A 720 2.80 -22.09 -3.12
C PHE A 720 2.32 -23.19 -4.05
N ILE A 721 3.01 -23.40 -5.17
CA ILE A 721 2.62 -24.45 -6.10
C ILE A 721 3.03 -25.82 -5.56
N LYS A 722 4.28 -25.94 -5.10
CA LYS A 722 4.72 -27.20 -4.51
C LYS A 722 3.85 -27.57 -3.31
N GLN A 723 3.51 -26.59 -2.48
CA GLN A 723 2.62 -26.85 -1.34
C GLN A 723 1.25 -27.34 -1.83
N CYS A 724 0.68 -26.67 -2.83
CA CYS A 724 -0.65 -27.04 -3.30
C CYS A 724 -0.66 -28.44 -3.88
N PHE A 725 0.34 -28.78 -4.69
CA PHE A 725 0.43 -30.11 -5.30
C PHE A 725 0.97 -31.16 -4.35
N SER A 726 1.38 -30.79 -3.14
CA SER A 726 1.91 -31.73 -2.16
C SER A 726 3.25 -32.31 -2.62
N LEU A 727 4.17 -31.40 -3.02
CA LEU A 727 5.48 -31.80 -3.50
C LEU A 727 6.55 -31.47 -2.47
N PRO A 728 7.59 -32.31 -2.36
CA PRO A 728 8.70 -32.08 -1.42
C PRO A 728 9.41 -30.76 -1.66
N SER B 1 -17.60 -31.24 30.37
CA SER B 1 -17.35 -30.07 29.53
C SER B 1 -16.65 -30.48 28.23
N ARG B 2 -17.23 -31.47 27.54
CA ARG B 2 -16.62 -32.04 26.35
C ARG B 2 -16.40 -31.01 25.25
N LYS B 3 -16.98 -29.82 25.35
CA LYS B 3 -16.77 -28.76 24.37
C LYS B 3 -15.66 -27.82 24.86
N THR B 4 -14.93 -27.25 23.91
CA THR B 4 -13.82 -26.37 24.21
C THR B 4 -14.07 -24.98 23.65
N TYR B 5 -13.34 -24.00 24.19
CA TYR B 5 -13.44 -22.62 23.74
C TYR B 5 -12.73 -22.47 22.40
N THR B 6 -13.51 -22.35 21.32
CA THR B 6 -12.98 -22.38 19.97
C THR B 6 -12.78 -20.97 19.43
N LEU B 7 -12.22 -20.89 18.22
CA LEU B 7 -12.01 -19.60 17.57
C LEU B 7 -13.33 -18.97 17.16
N THR B 8 -14.32 -19.78 16.79
CA THR B 8 -15.64 -19.24 16.47
C THR B 8 -16.28 -18.61 17.69
N ASP B 9 -16.14 -19.25 18.86
CA ASP B 9 -16.67 -18.68 20.09
C ASP B 9 -16.00 -17.36 20.44
N TYR B 10 -14.79 -17.12 19.94
CA TYR B 10 -14.10 -15.85 20.18
C TYR B 10 -14.42 -14.83 19.10
N LEU B 11 -14.33 -15.22 17.83
CA LEU B 11 -14.61 -14.28 16.74
C LEU B 11 -16.07 -13.88 16.73
N LYS B 12 -16.97 -14.86 16.63
CA LYS B 12 -18.40 -14.58 16.73
C LYS B 12 -18.81 -14.14 18.13
N ASN B 13 -17.93 -14.30 19.12
CA ASN B 13 -18.17 -13.86 20.49
C ASN B 13 -19.42 -14.55 21.07
N THR B 14 -19.29 -15.87 21.22
CA THR B 14 -20.38 -16.66 21.78
C THR B 14 -20.59 -16.33 23.25
N TYR B 15 -19.54 -16.50 24.07
CA TYR B 15 -19.61 -16.24 25.50
C TYR B 15 -19.25 -14.79 25.73
N ARG B 16 -20.26 -13.96 26.00
CA ARG B 16 -20.09 -12.52 26.13
C ARG B 16 -19.97 -12.13 27.58
N LEU B 17 -19.09 -11.17 27.86
CA LEU B 17 -18.84 -10.69 29.21
C LEU B 17 -19.70 -9.46 29.49
N LYS B 18 -20.41 -9.47 30.61
CA LYS B 18 -21.27 -8.35 30.96
C LYS B 18 -20.52 -7.37 31.87
N LEU B 19 -20.97 -6.11 31.84
CA LEU B 19 -20.39 -5.08 32.69
C LEU B 19 -21.46 -4.38 33.51
N TYR B 20 -21.10 -3.22 34.05
CA TYR B 20 -22.05 -2.39 34.78
C TYR B 20 -21.57 -0.94 34.76
N SER B 21 -21.49 -0.37 33.56
CA SER B 21 -20.94 0.97 33.38
C SER B 21 -22.01 1.99 33.76
N LEU B 22 -21.84 2.62 34.91
CA LEU B 22 -22.77 3.63 35.42
C LEU B 22 -22.20 5.02 35.17
N ARG B 23 -23.00 6.04 35.50
CA ARG B 23 -22.60 7.44 35.37
C ARG B 23 -23.11 8.19 36.59
N TRP B 24 -22.19 8.49 37.53
CA TRP B 24 -22.56 9.25 38.71
C TRP B 24 -23.01 10.65 38.32
N ILE B 25 -24.29 10.96 38.53
CA ILE B 25 -24.77 12.31 38.26
C ILE B 25 -24.59 13.22 39.46
N SER B 26 -24.33 12.67 40.64
CA SER B 26 -24.12 13.45 41.84
C SER B 26 -23.39 12.57 42.86
N ASP B 27 -23.36 13.03 44.10
CA ASP B 27 -22.80 12.22 45.18
C ASP B 27 -23.78 11.19 45.71
N HIS B 28 -24.93 11.02 45.07
CA HIS B 28 -26.00 10.20 45.66
C HIS B 28 -26.65 9.28 44.64
N GLU B 29 -26.63 9.66 43.36
CA GLU B 29 -27.32 8.90 42.33
C GLU B 29 -26.42 8.76 41.11
N TYR B 30 -26.81 7.84 40.22
CA TYR B 30 -26.08 7.61 38.98
C TYR B 30 -27.04 7.10 37.91
N LEU B 31 -26.60 7.19 36.66
CA LEU B 31 -27.36 6.71 35.51
C LEU B 31 -26.78 5.39 35.02
N TYR B 32 -27.68 4.50 34.58
CA TYR B 32 -27.27 3.20 34.05
C TYR B 32 -28.32 2.71 33.08
N LYS B 33 -27.87 2.30 31.89
CA LYS B 33 -28.79 1.83 30.85
C LYS B 33 -29.26 0.42 31.20
N GLN B 34 -30.58 0.22 31.20
CA GLN B 34 -31.17 -1.05 31.58
C GLN B 34 -31.44 -1.91 30.35
N GLU B 35 -32.55 -1.63 29.65
CA GLU B 35 -32.92 -2.35 28.44
C GLU B 35 -33.34 -1.30 27.40
N ASN B 36 -32.35 -0.59 26.86
CA ASN B 36 -32.53 0.56 25.98
C ASN B 36 -33.01 1.79 26.73
N ASN B 37 -33.23 1.69 28.04
CA ASN B 37 -33.73 2.79 28.85
C ASN B 37 -32.64 3.29 29.79
N ILE B 38 -32.62 4.60 29.99
CA ILE B 38 -31.69 5.23 30.93
C ILE B 38 -32.40 5.39 32.26
N LEU B 39 -31.83 4.83 33.31
CA LEU B 39 -32.41 4.86 34.64
C LEU B 39 -31.57 5.72 35.58
N VAL B 40 -32.14 6.00 36.75
CA VAL B 40 -31.47 6.75 37.81
C VAL B 40 -31.57 5.93 39.08
N PHE B 41 -30.43 5.49 39.59
CA PHE B 41 -30.38 4.65 40.78
C PHE B 41 -29.96 5.46 42.00
N ASN B 42 -30.56 5.12 43.14
CA ASN B 42 -30.22 5.75 44.41
C ASN B 42 -29.20 4.87 45.14
N ALA B 43 -27.99 5.41 45.33
CA ALA B 43 -26.93 4.62 45.95
C ALA B 43 -27.26 4.21 47.38
N GLU B 44 -28.13 4.95 48.07
CA GLU B 44 -28.38 4.65 49.47
C GLU B 44 -29.16 3.34 49.63
N TYR B 45 -30.21 3.15 48.86
CA TYR B 45 -31.08 2.00 49.04
C TYR B 45 -31.33 1.19 47.77
N GLY B 46 -30.76 1.58 46.64
CA GLY B 46 -30.88 0.81 45.42
C GLY B 46 -32.18 0.95 44.67
N ASN B 47 -33.08 1.83 45.10
CA ASN B 47 -34.28 2.09 44.34
C ASN B 47 -33.94 2.83 43.05
N SER B 48 -34.87 2.81 42.10
CA SER B 48 -34.61 3.39 40.79
C SER B 48 -35.89 3.89 40.17
N SER B 49 -35.79 5.03 39.48
CA SER B 49 -36.84 5.57 38.64
C SER B 49 -36.44 5.38 37.17
N VAL B 50 -36.98 6.21 36.29
CA VAL B 50 -36.65 6.18 34.87
C VAL B 50 -36.40 7.60 34.40
N PHE B 51 -35.18 7.87 33.94
CA PHE B 51 -34.84 9.20 33.44
C PHE B 51 -35.24 9.38 31.98
N LEU B 52 -35.27 8.29 31.22
CA LEU B 52 -35.64 8.35 29.81
C LEU B 52 -35.96 6.94 29.34
N GLU B 53 -37.02 6.80 28.55
CA GLU B 53 -37.46 5.50 28.07
C GLU B 53 -36.90 5.23 26.67
N ASN B 54 -37.00 3.95 26.27
CA ASN B 54 -36.63 3.59 24.91
C ASN B 54 -37.57 4.21 23.88
N SER B 55 -38.81 4.47 24.28
CA SER B 55 -39.82 5.07 23.39
C SER B 55 -39.90 6.58 23.60
N THR B 56 -38.76 7.25 23.68
CA THR B 56 -38.69 8.70 23.77
C THR B 56 -38.17 9.31 22.48
N PHE B 57 -36.97 8.92 22.05
CA PHE B 57 -36.46 9.26 20.73
C PHE B 57 -36.66 8.13 19.74
N ASP B 58 -37.60 7.22 20.01
CA ASP B 58 -37.88 6.11 19.10
C ASP B 58 -38.25 6.61 17.71
N GLU B 59 -38.88 7.78 17.62
CA GLU B 59 -39.26 8.37 16.34
C GLU B 59 -38.41 9.58 15.99
N PHE B 60 -37.21 9.67 16.58
CA PHE B 60 -36.31 10.78 16.28
C PHE B 60 -35.73 10.69 14.88
N GLY B 61 -35.75 9.50 14.27
CA GLY B 61 -35.27 9.34 12.91
C GLY B 61 -33.77 9.23 12.76
N HIS B 62 -33.02 9.13 13.85
CA HIS B 62 -31.57 9.01 13.81
C HIS B 62 -31.13 7.91 14.76
N SER B 63 -30.26 7.03 14.25
CA SER B 63 -29.65 5.99 15.08
C SER B 63 -28.70 6.65 16.06
N ILE B 64 -29.18 6.91 17.28
CA ILE B 64 -28.42 7.67 18.26
C ILE B 64 -27.22 6.83 18.72
N ASN B 65 -26.02 7.39 18.56
CA ASN B 65 -24.80 6.68 18.96
C ASN B 65 -24.54 6.85 20.45
N ASP B 66 -24.81 8.02 21.00
CA ASP B 66 -24.51 8.30 22.40
C ASP B 66 -25.34 9.49 22.86
N TYR B 67 -25.52 9.59 24.17
CA TYR B 67 -26.21 10.70 24.80
C TYR B 67 -25.23 11.46 25.69
N SER B 68 -25.74 12.52 26.34
CA SER B 68 -24.92 13.31 27.25
C SER B 68 -25.82 14.22 28.09
N ILE B 69 -26.13 13.79 29.31
CA ILE B 69 -27.00 14.57 30.18
C ILE B 69 -26.24 15.77 30.73
N SER B 70 -27.00 16.77 31.16
CA SER B 70 -26.41 17.95 31.77
C SER B 70 -26.23 17.73 33.27
N PRO B 71 -25.33 18.48 33.90
CA PRO B 71 -25.13 18.31 35.35
C PRO B 71 -26.40 18.55 36.15
N ASP B 72 -27.09 19.66 35.91
CA ASP B 72 -28.33 19.93 36.63
C ASP B 72 -29.43 18.97 36.22
N GLY B 73 -29.67 18.83 34.92
CA GLY B 73 -30.69 17.92 34.43
C GLY B 73 -31.78 18.60 33.64
N GLN B 74 -31.48 19.78 33.10
CA GLN B 74 -32.45 20.54 32.32
C GLN B 74 -32.33 20.28 30.83
N PHE B 75 -31.20 19.74 30.37
CA PHE B 75 -31.00 19.44 28.96
C PHE B 75 -30.20 18.15 28.84
N ILE B 76 -30.33 17.49 27.69
CA ILE B 76 -29.58 16.27 27.39
C ILE B 76 -29.05 16.37 25.97
N LEU B 77 -27.75 16.11 25.80
CA LEU B 77 -27.09 16.23 24.51
C LEU B 77 -27.14 14.88 23.79
N LEU B 78 -27.74 14.86 22.61
CA LEU B 78 -27.83 13.65 21.79
C LEU B 78 -26.75 13.67 20.73
N GLU B 79 -26.08 12.53 20.56
CA GLU B 79 -24.96 12.41 19.63
C GLU B 79 -25.33 11.38 18.57
N TYR B 80 -25.44 11.83 17.32
CA TYR B 80 -25.73 10.95 16.20
C TYR B 80 -24.82 11.30 15.04
N ASN B 81 -24.85 10.45 14.01
CA ASN B 81 -23.97 10.61 12.84
C ASN B 81 -22.50 10.58 13.26
N TYR B 82 -22.15 9.56 14.05
CA TYR B 82 -20.78 9.38 14.51
C TYR B 82 -19.87 9.06 13.34
N VAL B 83 -18.71 9.72 13.29
CA VAL B 83 -17.74 9.56 12.23
C VAL B 83 -16.35 9.48 12.89
N LYS B 84 -15.82 8.27 13.00
CA LYS B 84 -14.53 8.09 13.66
C LYS B 84 -13.41 8.74 12.86
N GLN B 85 -12.44 9.31 13.57
CA GLN B 85 -11.25 9.85 12.94
C GLN B 85 -10.02 9.07 13.39
N TRP B 86 -9.40 9.50 14.48
CA TRP B 86 -8.26 8.79 15.04
C TRP B 86 -8.71 7.96 16.24
N ARG B 87 -7.79 7.66 17.15
CA ARG B 87 -8.12 6.85 18.33
C ARG B 87 -9.24 7.49 19.13
N HIS B 88 -8.99 8.68 19.69
CA HIS B 88 -9.94 9.35 20.55
C HIS B 88 -10.82 10.36 19.84
N SER B 89 -10.43 10.80 18.65
CA SER B 89 -11.12 11.89 17.96
C SER B 89 -12.24 11.35 17.08
N TYR B 90 -13.16 12.24 16.73
CA TYR B 90 -14.30 11.93 15.86
C TYR B 90 -15.13 13.20 15.71
N THR B 91 -16.03 13.18 14.73
CA THR B 91 -16.95 14.28 14.47
C THR B 91 -18.35 13.72 14.32
N ALA B 92 -19.28 14.23 15.13
CA ALA B 92 -20.65 13.75 15.11
C ALA B 92 -21.61 14.94 15.07
N SER B 93 -22.87 14.65 14.78
CA SER B 93 -23.94 15.63 14.80
C SER B 93 -24.67 15.57 16.14
N TYR B 94 -25.12 16.72 16.61
CA TYR B 94 -25.66 16.84 17.96
C TYR B 94 -27.01 17.53 17.94
N ASP B 95 -27.84 17.17 18.91
CA ASP B 95 -29.17 17.76 19.10
C ASP B 95 -29.45 17.86 20.60
N ILE B 96 -30.00 19.00 21.01
CA ILE B 96 -30.33 19.23 22.41
C ILE B 96 -31.80 18.93 22.63
N TYR B 97 -32.12 18.44 23.82
CA TYR B 97 -33.48 18.02 24.18
C TYR B 97 -33.81 18.58 25.55
N ASP B 98 -34.85 19.39 25.64
CA ASP B 98 -35.23 20.07 26.88
C ASP B 98 -36.06 19.12 27.73
N LEU B 99 -35.52 18.73 28.89
CA LEU B 99 -36.23 17.80 29.76
C LEU B 99 -37.46 18.45 30.40
N ASN B 100 -37.35 19.72 30.76
CA ASN B 100 -38.47 20.45 31.34
C ASN B 100 -39.53 20.82 30.32
N LYS B 101 -39.34 20.45 29.05
CA LYS B 101 -40.33 20.67 28.01
C LYS B 101 -40.59 19.45 27.13
N ARG B 102 -39.68 18.46 27.13
CA ARG B 102 -39.84 17.27 26.30
C ARG B 102 -39.96 17.65 24.83
N GLN B 103 -39.04 18.50 24.37
CA GLN B 103 -39.05 19.00 23.00
C GLN B 103 -37.62 19.18 22.54
N LEU B 104 -37.34 18.77 21.30
CA LEU B 104 -36.01 18.95 20.73
C LEU B 104 -35.77 20.43 20.44
N ILE B 105 -34.65 20.94 20.92
CA ILE B 105 -34.32 22.36 20.70
C ILE B 105 -33.93 22.55 19.25
N THR B 106 -34.46 23.62 18.63
CA THR B 106 -34.24 23.89 17.22
C THR B 106 -33.64 25.26 16.94
N GLU B 107 -33.74 26.21 17.85
CA GLU B 107 -33.23 27.55 17.61
C GLU B 107 -31.70 27.55 17.68
N GLU B 108 -31.05 27.96 16.60
CA GLU B 108 -29.61 28.01 16.50
C GLU B 108 -28.98 26.68 16.91
N ARG B 109 -29.28 25.65 16.10
CA ARG B 109 -28.85 24.30 16.39
C ARG B 109 -27.32 24.18 16.34
N ILE B 110 -26.80 23.21 17.07
CA ILE B 110 -25.37 22.93 17.05
C ILE B 110 -24.98 22.44 15.66
N PRO B 111 -23.98 23.04 15.01
CA PRO B 111 -23.65 22.64 13.64
C PRO B 111 -23.25 21.18 13.56
N ASN B 112 -23.36 20.63 12.35
CA ASN B 112 -22.86 19.31 12.08
C ASN B 112 -21.34 19.33 11.96
N ASN B 113 -20.74 18.15 11.87
CA ASN B 113 -19.29 18.02 11.79
C ASN B 113 -18.60 18.64 13.01
N THR B 114 -19.28 18.65 14.15
CA THR B 114 -18.69 19.20 15.36
C THR B 114 -17.65 18.24 15.92
N GLN B 115 -16.48 18.77 16.24
CA GLN B 115 -15.36 17.92 16.63
C GLN B 115 -15.39 17.57 18.11
N TRP B 116 -15.88 18.48 18.97
CA TRP B 116 -15.94 18.19 20.39
C TRP B 116 -17.01 19.07 21.03
N VAL B 117 -17.74 18.50 22.00
CA VAL B 117 -18.77 19.21 22.74
C VAL B 117 -18.70 18.76 24.19
N THR B 118 -19.15 19.65 25.09
CA THR B 118 -19.15 19.34 26.51
C THR B 118 -19.84 20.47 27.26
N TRP B 119 -20.61 20.11 28.29
CA TRP B 119 -21.26 21.09 29.13
C TRP B 119 -20.26 21.74 30.06
N SER B 120 -20.77 22.63 30.92
CA SER B 120 -20.01 23.08 32.07
C SER B 120 -20.17 22.07 33.20
N PRO B 121 -19.20 22.02 34.13
CA PRO B 121 -19.30 21.03 35.21
C PRO B 121 -20.58 21.13 36.01
N VAL B 122 -21.17 22.32 36.09
CA VAL B 122 -22.42 22.54 36.81
C VAL B 122 -23.30 23.45 35.96
N GLY B 123 -24.60 23.17 35.97
CA GLY B 123 -25.55 23.96 35.21
C GLY B 123 -25.79 23.43 33.81
N HIS B 124 -25.84 24.33 32.82
CA HIS B 124 -26.07 23.90 31.45
C HIS B 124 -25.36 24.81 30.45
N LYS B 125 -24.21 25.37 30.81
CA LYS B 125 -23.39 26.09 29.85
C LYS B 125 -22.75 25.11 28.88
N LEU B 126 -22.68 25.49 27.61
CA LEU B 126 -22.23 24.60 26.56
C LEU B 126 -21.11 25.23 25.75
N ALA B 127 -20.08 24.43 25.46
CA ALA B 127 -18.95 24.87 24.66
C ALA B 127 -18.56 23.75 23.70
N TYR B 128 -18.55 24.05 22.41
CA TYR B 128 -18.23 23.08 21.38
C TYR B 128 -17.18 23.66 20.43
N VAL B 129 -16.61 22.80 19.61
CA VAL B 129 -15.57 23.17 18.65
C VAL B 129 -16.06 22.81 17.26
N TRP B 130 -16.07 23.79 16.36
CA TRP B 130 -16.49 23.61 14.98
C TRP B 130 -15.49 24.29 14.06
N ASN B 131 -14.98 23.53 13.08
CA ASN B 131 -13.97 24.04 12.15
C ASN B 131 -12.77 24.61 12.91
N ASN B 132 -12.39 23.94 13.99
CA ASN B 132 -11.22 24.33 14.78
C ASN B 132 -11.39 25.70 15.42
N ASP B 133 -12.62 26.04 15.79
CA ASP B 133 -12.92 27.29 16.49
C ASP B 133 -13.86 27.00 17.65
N ILE B 134 -13.61 27.64 18.78
CA ILE B 134 -14.35 27.38 20.00
C ILE B 134 -15.60 28.25 20.03
N TYR B 135 -16.72 27.63 20.41
CA TYR B 135 -18.00 28.32 20.54
C TYR B 135 -18.56 28.10 21.94
N VAL B 136 -19.09 29.16 22.54
CA VAL B 136 -19.70 29.10 23.86
C VAL B 136 -21.18 29.37 23.71
N LYS B 137 -22.01 28.46 24.20
CA LYS B 137 -23.46 28.56 24.12
C LYS B 137 -24.01 28.56 25.54
N ILE B 138 -24.21 29.77 26.09
CA ILE B 138 -24.69 29.89 27.46
C ILE B 138 -26.02 29.14 27.63
N GLU B 139 -26.99 29.42 26.77
CA GLU B 139 -28.26 28.74 26.82
C GLU B 139 -28.43 27.80 25.63
N PRO B 140 -28.92 26.58 25.85
CA PRO B 140 -28.93 25.59 24.77
C PRO B 140 -29.73 25.99 23.54
N ASN B 141 -30.45 27.12 23.57
CA ASN B 141 -31.19 27.57 22.40
C ASN B 141 -30.85 29.00 21.99
N LEU B 142 -29.93 29.66 22.68
CA LEU B 142 -29.49 31.00 22.31
C LEU B 142 -28.24 30.94 21.46
N PRO B 143 -27.98 31.98 20.66
CA PRO B 143 -26.84 31.96 19.74
C PRO B 143 -25.51 31.65 20.42
N SER B 144 -24.55 31.17 19.64
CA SER B 144 -23.23 30.81 20.15
C SER B 144 -22.27 31.99 20.03
N TYR B 145 -21.22 31.96 20.84
CA TYR B 145 -20.22 33.01 20.89
C TYR B 145 -18.93 32.52 20.24
N ARG B 146 -18.42 33.30 19.29
CA ARG B 146 -17.24 32.93 18.50
C ARG B 146 -15.98 33.26 19.29
N ILE B 147 -15.57 32.33 20.15
CA ILE B 147 -14.41 32.53 21.01
C ILE B 147 -13.16 32.74 20.18
N THR B 148 -12.73 31.70 19.46
CA THR B 148 -11.52 31.77 18.65
C THR B 148 -11.88 32.03 17.19
N TRP B 149 -10.94 32.63 16.45
CA TRP B 149 -11.17 33.05 15.08
C TRP B 149 -10.03 32.64 14.16
N THR B 150 -9.18 31.69 14.57
CA THR B 150 -8.05 31.28 13.76
C THR B 150 -8.17 29.84 13.28
N GLY B 151 -9.35 29.24 13.38
CA GLY B 151 -9.56 27.88 12.93
C GLY B 151 -9.13 27.64 11.50
N LYS B 152 -8.36 26.58 11.27
CA LYS B 152 -7.85 26.27 9.93
C LYS B 152 -7.50 24.80 9.89
N GLU B 153 -8.13 24.07 8.96
CA GLU B 153 -7.94 22.62 8.90
C GLU B 153 -6.47 22.27 8.76
N ASP B 154 -6.00 21.33 9.58
CA ASP B 154 -4.64 20.81 9.53
C ASP B 154 -3.59 21.90 9.76
N ILE B 155 -3.96 23.01 10.40
CA ILE B 155 -3.02 24.10 10.62
C ILE B 155 -3.17 24.64 12.04
N ILE B 156 -4.34 25.18 12.35
CA ILE B 156 -4.61 25.80 13.65
C ILE B 156 -5.70 25.00 14.34
N TYR B 157 -5.39 24.45 15.52
CA TYR B 157 -6.32 23.67 16.32
C TYR B 157 -6.68 24.48 17.56
N ASN B 158 -7.92 24.96 17.62
CA ASN B 158 -8.43 25.69 18.76
C ASN B 158 -9.46 24.81 19.48
N GLY B 159 -9.17 24.49 20.75
CA GLY B 159 -10.05 23.67 21.54
C GLY B 159 -9.91 22.17 21.31
N ILE B 160 -9.25 21.76 20.24
CA ILE B 160 -9.02 20.34 19.96
C ILE B 160 -7.53 20.12 19.82
N THR B 161 -7.09 18.89 20.13
CA THR B 161 -5.70 18.51 19.99
C THR B 161 -5.43 18.05 18.56
N ASP B 162 -4.20 18.28 18.10
CA ASP B 162 -3.77 17.75 16.82
C ASP B 162 -3.50 16.25 16.98
N TRP B 163 -2.87 15.64 15.99
CA TRP B 163 -2.68 14.19 16.05
C TRP B 163 -1.73 13.80 17.16
N VAL B 164 -0.68 14.61 17.40
CA VAL B 164 0.35 14.23 18.36
C VAL B 164 -0.17 14.38 19.78
N TYR B 165 -0.72 15.55 20.11
CA TYR B 165 -1.26 15.76 21.46
C TYR B 165 -2.45 14.86 21.75
N GLU B 166 -3.07 14.28 20.73
CA GLU B 166 -4.21 13.39 20.95
C GLU B 166 -3.77 11.97 21.29
N GLU B 167 -2.68 11.51 20.68
CA GLU B 167 -2.23 10.13 20.87
C GLU B 167 -1.25 9.98 22.02
N GLU B 168 -0.33 10.94 22.19
CA GLU B 168 0.79 10.76 23.10
C GLU B 168 0.71 11.61 24.36
N VAL B 169 -0.05 12.70 24.36
CA VAL B 169 -0.08 13.61 25.50
C VAL B 169 -1.36 13.41 26.31
N PHE B 170 -2.42 14.10 25.91
CA PHE B 170 -3.67 14.08 26.66
C PHE B 170 -4.49 12.80 26.45
N SER B 171 -4.20 12.04 25.39
CA SER B 171 -4.97 10.85 25.08
C SER B 171 -6.44 11.20 24.85
N ALA B 172 -6.68 12.38 24.28
CA ALA B 172 -8.05 12.84 24.06
C ALA B 172 -8.06 13.88 22.95
N TYR B 173 -9.20 13.98 22.28
CA TYR B 173 -9.39 15.02 21.27
C TYR B 173 -9.69 16.37 21.89
N SER B 174 -10.07 16.40 23.16
CA SER B 174 -10.51 17.63 23.81
C SER B 174 -9.33 18.44 24.31
N ALA B 175 -9.34 19.74 24.01
CA ALA B 175 -8.39 20.70 24.57
C ALA B 175 -9.14 21.78 25.36
N LEU B 176 -10.27 21.42 25.94
CA LEU B 176 -11.08 22.32 26.76
C LEU B 176 -11.01 21.90 28.22
N TRP B 177 -11.05 22.89 29.10
CA TRP B 177 -10.98 22.66 30.54
C TRP B 177 -11.85 23.69 31.24
N TRP B 178 -13.06 23.28 31.62
CA TRP B 178 -13.94 24.15 32.39
C TRP B 178 -13.42 24.32 33.81
N SER B 179 -13.73 25.47 34.40
CA SER B 179 -13.56 25.62 35.83
C SER B 179 -14.74 24.96 36.55
N PRO B 180 -14.55 24.56 37.81
CA PRO B 180 -15.64 23.88 38.52
C PRO B 180 -16.98 24.60 38.40
N ASN B 181 -17.01 25.90 38.68
CA ASN B 181 -18.25 26.66 38.56
C ASN B 181 -18.66 26.92 37.11
N GLY B 182 -17.76 26.67 36.15
CA GLY B 182 -18.05 26.94 34.76
C GLY B 182 -17.86 28.38 34.34
N THR B 183 -17.42 29.26 35.24
CA THR B 183 -17.20 30.65 34.89
C THR B 183 -16.10 30.77 33.84
N PHE B 184 -14.96 30.14 34.09
CA PHE B 184 -13.81 30.22 33.19
C PHE B 184 -13.71 28.96 32.35
N LEU B 185 -13.40 29.14 31.07
CA LEU B 185 -13.20 28.04 30.12
C LEU B 185 -11.76 28.10 29.65
N ALA B 186 -10.89 27.29 30.24
CA ALA B 186 -9.50 27.20 29.81
C ALA B 186 -9.40 26.32 28.58
N TYR B 187 -8.54 26.72 27.65
CA TYR B 187 -8.33 25.95 26.43
C TYR B 187 -6.92 26.16 25.94
N ALA B 188 -6.49 25.30 25.02
CA ALA B 188 -5.18 25.37 24.41
C ALA B 188 -5.32 25.53 22.90
N GLN B 189 -4.27 26.07 22.29
CA GLN B 189 -4.21 26.28 20.85
C GLN B 189 -2.95 25.64 20.30
N PHE B 190 -3.10 24.79 19.29
CA PHE B 190 -1.97 24.12 18.66
C PHE B 190 -1.80 24.62 17.23
N ASN B 191 -0.55 24.65 16.78
CA ASN B 191 -0.21 25.16 15.46
C ASN B 191 0.73 24.17 14.79
N ASP B 192 0.22 23.44 13.80
CA ASP B 192 0.99 22.47 13.03
C ASP B 192 1.48 23.04 11.70
N THR B 193 1.63 24.36 11.62
CA THR B 193 1.94 25.01 10.34
C THR B 193 3.19 24.40 9.70
N GLU B 194 4.29 24.40 10.42
CA GLU B 194 5.56 23.89 9.90
C GLU B 194 5.73 22.39 10.09
N VAL B 195 4.72 21.71 10.63
CA VAL B 195 4.83 20.26 10.86
C VAL B 195 4.72 19.53 9.53
N PRO B 196 5.61 18.59 9.24
CA PRO B 196 5.49 17.80 8.00
C PRO B 196 4.17 17.03 7.97
N LEU B 197 3.84 16.54 6.77
CA LEU B 197 2.60 15.83 6.52
C LEU B 197 2.89 14.40 6.12
N ILE B 198 2.26 13.45 6.80
CA ILE B 198 2.28 12.05 6.37
C ILE B 198 1.22 11.85 5.30
N GLU B 199 1.59 11.16 4.22
CA GLU B 199 0.69 10.96 3.09
C GLU B 199 0.60 9.48 2.78
N TYR B 200 -0.61 8.92 2.90
CA TYR B 200 -0.88 7.55 2.51
C TYR B 200 -2.18 7.50 1.74
N SER B 201 -2.37 6.44 0.97
CA SER B 201 -3.52 6.31 0.09
C SER B 201 -4.69 5.67 0.82
N PHE B 202 -5.90 6.14 0.50
CA PHE B 202 -7.14 5.55 0.98
C PHE B 202 -7.94 5.09 -0.23
N TYR B 203 -8.46 3.87 -0.16
CA TYR B 203 -9.05 3.23 -1.33
C TYR B 203 -10.57 3.24 -1.33
N SER B 204 -11.22 3.17 -0.17
CA SER B 204 -12.66 3.37 -0.08
C SER B 204 -13.44 2.24 -0.74
N ASP B 205 -14.76 2.40 -0.81
CA ASP B 205 -15.62 1.43 -1.47
C ASP B 205 -15.18 1.22 -2.91
N GLU B 206 -15.61 0.09 -3.49
CA GLU B 206 -15.30 -0.19 -4.89
C GLU B 206 -15.59 1.02 -5.76
N SER B 207 -16.70 1.73 -5.51
CA SER B 207 -17.18 2.76 -6.40
C SER B 207 -16.23 3.95 -6.52
N LEU B 208 -15.21 4.05 -5.67
CA LEU B 208 -14.26 5.16 -5.75
C LEU B 208 -13.24 4.86 -6.84
N GLN B 209 -13.35 5.55 -7.97
CA GLN B 209 -12.49 5.27 -9.11
C GLN B 209 -11.03 5.57 -8.79
N TYR B 210 -10.76 6.78 -8.28
CA TYR B 210 -9.40 7.19 -7.98
C TYR B 210 -9.14 7.12 -6.48
N PRO B 211 -8.04 6.50 -6.07
CA PRO B 211 -7.73 6.44 -4.63
C PRO B 211 -7.48 7.83 -4.06
N LYS B 212 -8.05 8.07 -2.88
CA LYS B 212 -7.85 9.33 -2.18
C LYS B 212 -6.54 9.30 -1.40
N THR B 213 -5.87 10.44 -1.34
CA THR B 213 -4.62 10.57 -0.59
C THR B 213 -4.89 11.32 0.72
N VAL B 214 -4.65 10.64 1.83
CA VAL B 214 -4.84 11.23 3.15
C VAL B 214 -3.55 11.92 3.57
N ARG B 215 -3.66 13.19 3.96
CA ARG B 215 -2.52 13.98 4.43
C ARG B 215 -2.81 14.43 5.85
N VAL B 216 -1.89 14.14 6.76
CA VAL B 216 -2.09 14.41 8.19
C VAL B 216 -0.84 15.07 8.76
N PRO B 217 -0.96 16.21 9.45
CA PRO B 217 0.19 16.76 10.16
C PRO B 217 0.73 15.78 11.18
N TYR B 218 1.90 15.22 10.91
CA TYR B 218 2.47 14.16 11.72
C TYR B 218 3.96 14.40 11.91
N PRO B 219 4.40 14.77 13.13
CA PRO B 219 5.83 15.01 13.33
C PRO B 219 6.59 13.75 13.69
N LYS B 220 7.42 13.26 12.77
CA LYS B 220 8.26 12.11 13.06
C LYS B 220 9.46 12.53 13.91
N ALA B 221 10.18 11.54 14.41
CA ALA B 221 11.31 11.80 15.30
C ALA B 221 12.31 12.75 14.64
N GLY B 222 12.48 13.92 15.24
CA GLY B 222 13.41 14.90 14.71
C GLY B 222 12.75 16.10 14.07
N ALA B 223 11.66 15.86 13.36
CA ALA B 223 10.95 16.94 12.69
C ALA B 223 10.44 17.96 13.71
N VAL B 224 9.97 19.09 13.22
CA VAL B 224 9.46 20.14 14.09
C VAL B 224 8.11 19.73 14.66
N ASN B 225 7.92 19.98 15.95
CA ASN B 225 6.67 19.68 16.62
C ASN B 225 5.72 20.87 16.56
N PRO B 226 4.43 20.64 16.78
CA PRO B 226 3.50 21.76 16.84
C PRO B 226 3.77 22.64 18.06
N THR B 227 3.39 23.91 17.93
CA THR B 227 3.56 24.89 19.00
C THR B 227 2.22 25.17 19.65
N VAL B 228 2.23 25.38 20.96
CA VAL B 228 1.02 25.50 21.76
C VAL B 228 1.04 26.79 22.54
N LYS B 229 -0.10 27.50 22.55
CA LYS B 229 -0.35 28.62 23.43
C LYS B 229 -1.60 28.32 24.25
N PHE B 230 -1.65 28.87 25.47
CA PHE B 230 -2.75 28.61 26.38
C PHE B 230 -3.56 29.88 26.61
N PHE B 231 -4.87 29.71 26.75
CA PHE B 231 -5.77 30.85 26.90
C PHE B 231 -6.87 30.50 27.90
N VAL B 232 -7.47 31.54 28.47
CA VAL B 232 -8.63 31.42 29.34
C VAL B 232 -9.59 32.56 29.01
N VAL B 233 -10.88 32.28 29.14
CA VAL B 233 -11.92 33.25 28.83
C VAL B 233 -13.00 33.15 29.90
N ASN B 234 -13.60 34.30 30.23
CA ASN B 234 -14.67 34.37 31.22
C ASN B 234 -15.99 34.20 30.48
N THR B 235 -16.61 33.02 30.65
CA THR B 235 -17.86 32.73 29.96
C THR B 235 -19.02 33.60 30.43
N ASP B 236 -18.84 34.38 31.49
CA ASP B 236 -19.90 35.26 31.96
C ASP B 236 -19.89 36.58 31.19
N SER B 237 -18.75 37.28 31.21
CA SER B 237 -18.63 38.57 30.54
C SER B 237 -18.55 38.40 29.03
N LEU B 238 -19.62 37.85 28.43
CA LEU B 238 -19.69 37.65 26.99
C LEU B 238 -20.33 38.87 26.34
N SER B 239 -19.56 39.60 25.54
CA SER B 239 -20.03 40.85 24.97
C SER B 239 -20.92 40.62 23.75
N SER B 240 -20.54 39.69 22.87
CA SER B 240 -21.33 39.38 21.69
C SER B 240 -21.30 40.50 20.66
N VAL B 241 -20.69 41.63 21.01
CA VAL B 241 -20.47 42.69 20.03
C VAL B 241 -18.98 42.70 19.71
N THR B 242 -18.18 42.91 20.74
CA THR B 242 -16.75 42.70 20.65
C THR B 242 -16.35 41.27 20.99
N ASN B 243 -17.33 40.38 21.13
CA ASN B 243 -17.12 38.94 21.31
C ASN B 243 -16.38 38.70 22.62
N ALA B 244 -15.18 38.12 22.61
CA ALA B 244 -14.53 37.72 23.85
C ALA B 244 -13.05 38.08 23.79
N THR B 245 -12.49 38.39 24.96
CA THR B 245 -11.07 38.63 25.12
C THR B 245 -10.44 37.39 25.75
N SER B 246 -9.57 36.72 25.00
CA SER B 246 -8.97 35.46 25.44
C SER B 246 -7.66 35.75 26.16
N ILE B 247 -7.70 35.82 27.49
CA ILE B 247 -6.50 36.04 28.27
C ILE B 247 -5.54 34.88 28.06
N GLN B 248 -4.29 35.20 27.75
CA GLN B 248 -3.28 34.19 27.48
C GLN B 248 -2.37 34.01 28.69
N ILE B 249 -2.15 32.76 29.07
CA ILE B 249 -1.22 32.42 30.15
C ILE B 249 0.09 31.98 29.50
N THR B 250 1.10 32.84 29.57
CA THR B 250 2.38 32.54 28.94
C THR B 250 3.10 31.40 29.66
N ALA B 251 3.90 30.66 28.90
CA ALA B 251 4.67 29.57 29.46
C ALA B 251 5.88 30.11 30.22
N PRO B 252 6.40 29.34 31.18
CA PRO B 252 7.55 29.82 31.96
C PRO B 252 8.77 30.04 31.09
N ALA B 253 9.62 30.98 31.53
CA ALA B 253 10.85 31.27 30.80
C ALA B 253 11.73 30.03 30.67
N SER B 254 11.68 29.14 31.65
CA SER B 254 12.46 27.90 31.57
C SER B 254 12.08 27.06 30.36
N MET B 255 10.85 27.21 29.85
CA MET B 255 10.36 26.42 28.73
C MET B 255 10.49 27.16 27.40
N LEU B 256 10.21 28.46 27.37
CA LEU B 256 10.18 29.21 26.12
C LEU B 256 11.54 29.27 25.43
N ILE B 257 12.61 28.83 26.07
CA ILE B 257 13.92 28.89 25.45
C ILE B 257 14.04 27.93 24.27
N GLY B 258 13.20 26.91 24.21
CA GLY B 258 13.24 25.95 23.14
C GLY B 258 11.95 25.19 22.99
N ASP B 259 12.02 24.10 22.23
CA ASP B 259 10.84 23.28 22.01
C ASP B 259 10.31 22.72 23.33
N HIS B 260 8.99 22.70 23.47
CA HIS B 260 8.34 22.27 24.70
C HIS B 260 6.92 21.86 24.38
N TYR B 261 6.30 21.16 25.33
CA TYR B 261 4.91 20.72 25.20
C TYR B 261 4.07 21.31 26.33
N LEU B 262 2.76 21.13 26.20
CA LEU B 262 1.79 21.37 27.27
C LEU B 262 1.23 20.00 27.65
N CYS B 263 1.63 19.51 28.82
CA CYS B 263 1.40 18.12 29.17
C CYS B 263 0.27 17.90 30.16
N ASP B 264 -0.24 18.93 30.83
CA ASP B 264 -1.29 18.72 31.81
C ASP B 264 -1.95 20.05 32.16
N VAL B 265 -3.27 19.99 32.38
CA VAL B 265 -4.06 21.15 32.79
C VAL B 265 -5.03 20.69 33.86
N THR B 266 -4.87 21.20 35.08
CA THR B 266 -5.70 20.83 36.21
C THR B 266 -6.16 22.07 36.96
N TRP B 267 -7.46 22.22 37.14
CA TRP B 267 -8.01 23.34 37.89
C TRP B 267 -7.89 23.06 39.39
N ALA B 268 -7.36 24.04 40.13
CA ALA B 268 -7.21 23.92 41.57
C ALA B 268 -8.47 24.40 42.30
N THR B 269 -8.87 25.64 42.05
CA THR B 269 -10.07 26.22 42.64
C THR B 269 -10.83 26.98 41.57
N GLN B 270 -11.81 27.77 41.99
CA GLN B 270 -12.61 28.54 41.04
C GLN B 270 -11.80 29.62 40.35
N GLU B 271 -10.65 30.00 40.91
CA GLU B 271 -9.82 31.05 40.33
C GLU B 271 -8.34 30.66 40.26
N ARG B 272 -8.02 29.39 40.45
CA ARG B 272 -6.64 28.92 40.42
C ARG B 272 -6.57 27.67 39.55
N ILE B 273 -5.64 27.67 38.59
CA ILE B 273 -5.46 26.56 37.66
C ILE B 273 -3.98 26.23 37.59
N SER B 274 -3.66 24.94 37.53
CA SER B 274 -2.30 24.45 37.47
C SER B 274 -2.01 23.92 36.07
N LEU B 275 -0.92 24.41 35.47
CA LEU B 275 -0.48 23.99 34.15
C LEU B 275 0.91 23.35 34.27
N GLN B 276 1.04 22.12 33.77
CA GLN B 276 2.31 21.43 33.73
C GLN B 276 2.89 21.51 32.32
N TRP B 277 4.15 21.92 32.21
CA TRP B 277 4.83 22.05 30.93
C TRP B 277 5.95 21.03 30.83
N LEU B 278 6.18 20.55 29.61
CA LEU B 278 7.21 19.55 29.33
C LEU B 278 8.09 20.03 28.19
N ARG B 279 9.39 19.82 28.32
CA ARG B 279 10.35 20.24 27.32
C ARG B 279 10.51 19.17 26.24
N ARG B 280 11.18 19.55 25.15
CA ARG B 280 11.48 18.59 24.09
C ARG B 280 12.23 17.39 24.64
N ILE B 281 13.30 17.64 25.39
CA ILE B 281 13.98 16.58 26.11
C ILE B 281 13.14 16.23 27.32
N GLN B 282 12.32 15.19 27.20
CA GLN B 282 11.34 14.87 28.23
C GLN B 282 11.98 14.41 29.53
N ASN B 283 12.59 15.37 30.27
CA ASN B 283 13.11 15.06 31.60
C ASN B 283 13.04 16.26 32.53
N TYR B 284 12.32 17.31 32.18
CA TYR B 284 12.26 18.53 32.98
C TYR B 284 10.88 19.14 32.78
N SER B 285 9.98 18.91 33.73
CA SER B 285 8.65 19.47 33.71
C SER B 285 8.54 20.57 34.77
N VAL B 286 7.66 21.54 34.52
CA VAL B 286 7.47 22.67 35.42
C VAL B 286 5.97 22.93 35.54
N MET B 287 5.44 22.80 36.74
CA MET B 287 4.04 23.10 37.02
C MET B 287 3.91 24.58 37.37
N ASP B 288 2.96 25.25 36.71
CA ASP B 288 2.67 26.65 36.98
C ASP B 288 1.29 26.75 37.63
N ILE B 289 1.20 27.52 38.70
CA ILE B 289 -0.04 27.73 39.44
C ILE B 289 -0.38 29.21 39.34
N CYS B 290 -1.47 29.52 38.64
CA CYS B 290 -1.81 30.90 38.30
C CYS B 290 -3.17 31.26 38.89
N ASP B 291 -3.28 32.50 39.38
CA ASP B 291 -4.49 33.01 40.00
C ASP B 291 -5.10 34.11 39.14
N TYR B 292 -6.43 34.18 39.17
CA TYR B 292 -7.15 35.19 38.40
C TYR B 292 -7.16 36.51 39.14
N ASP B 293 -6.55 37.53 38.54
CA ASP B 293 -6.55 38.87 39.14
C ASP B 293 -7.94 39.48 38.98
N GLU B 294 -8.58 39.81 40.10
CA GLU B 294 -9.92 40.36 40.08
C GLU B 294 -9.94 41.85 39.76
N SER B 295 -8.79 42.53 39.81
CA SER B 295 -8.71 43.95 39.52
C SER B 295 -8.42 44.22 38.04
N SER B 296 -7.37 43.60 37.50
CA SER B 296 -6.98 43.79 36.11
C SER B 296 -7.55 42.72 35.18
N GLY B 297 -8.17 41.68 35.71
CA GLY B 297 -8.67 40.61 34.87
C GLY B 297 -7.56 39.84 34.17
N ARG B 298 -6.46 39.59 34.86
CA ARG B 298 -5.29 38.92 34.30
C ARG B 298 -5.09 37.57 34.98
N TRP B 299 -4.03 36.87 34.56
CA TRP B 299 -3.67 35.57 35.13
C TRP B 299 -2.15 35.57 35.34
N ASN B 300 -1.74 35.78 36.58
CA ASN B 300 -0.33 35.76 36.95
C ASN B 300 0.03 34.43 37.60
N CYS B 301 1.27 34.00 37.40
CA CYS B 301 1.77 32.73 37.93
C CYS B 301 3.02 33.03 38.75
N LEU B 302 2.85 33.11 40.07
CA LEU B 302 3.96 33.43 40.95
C LEU B 302 5.01 32.34 40.92
N VAL B 303 6.28 32.74 40.84
CA VAL B 303 7.36 31.76 40.78
C VAL B 303 7.40 30.92 42.06
N ALA B 304 7.01 31.50 43.20
CA ALA B 304 6.96 30.72 44.42
C ALA B 304 5.99 29.57 44.31
N ARG B 305 4.87 29.78 43.62
CA ARG B 305 3.87 28.74 43.41
C ARG B 305 4.19 27.85 42.21
N GLN B 306 5.45 27.83 41.79
CA GLN B 306 5.90 27.06 40.63
C GLN B 306 6.77 25.90 41.12
N HIS B 307 6.46 24.69 40.67
CA HIS B 307 7.09 23.47 41.16
C HIS B 307 7.85 22.79 40.05
N ILE B 308 9.08 22.36 40.35
CA ILE B 308 9.96 21.71 39.39
C ILE B 308 9.93 20.22 39.63
N GLU B 309 9.81 19.44 38.56
CA GLU B 309 9.84 17.98 38.61
C GLU B 309 10.74 17.49 37.49
N MET B 310 11.92 16.99 37.84
CA MET B 310 12.88 16.51 36.87
C MET B 310 13.23 15.05 37.18
N SER B 311 13.94 14.43 36.23
CA SER B 311 14.41 13.07 36.36
C SER B 311 15.78 12.95 35.72
N THR B 312 16.69 12.24 36.39
CA THR B 312 18.05 12.08 35.90
C THR B 312 18.32 10.73 35.25
N THR B 313 17.60 9.69 35.66
CA THR B 313 17.79 8.36 35.10
C THR B 313 16.89 8.07 33.90
N GLY B 314 15.99 8.98 33.55
CA GLY B 314 15.13 8.76 32.41
C GLY B 314 14.14 9.89 32.25
N TRP B 315 13.04 9.58 31.57
CA TRP B 315 11.98 10.55 31.37
C TRP B 315 11.10 10.68 32.62
N VAL B 316 10.55 11.86 32.83
CA VAL B 316 9.70 12.12 33.98
C VAL B 316 8.32 11.54 33.73
N GLY B 317 7.79 10.83 34.73
CA GLY B 317 6.48 10.22 34.62
C GLY B 317 6.51 8.90 33.88
N ARG B 318 5.41 8.16 34.00
CA ARG B 318 5.28 6.91 33.25
C ARG B 318 5.06 7.18 31.77
N PHE B 319 4.10 8.04 31.45
CA PHE B 319 3.92 8.55 30.10
C PHE B 319 3.78 10.06 30.03
N ARG B 320 3.70 10.73 31.18
CA ARG B 320 3.53 12.17 31.29
C ARG B 320 3.53 12.54 32.78
N PRO B 321 3.92 13.75 33.13
CA PRO B 321 3.87 14.15 34.54
C PRO B 321 2.50 13.88 35.14
N SER B 322 2.49 13.47 36.40
CA SER B 322 1.26 13.07 37.07
C SER B 322 0.33 14.26 37.26
N GLU B 323 -0.97 13.96 37.39
CA GLU B 323 -1.95 15.02 37.59
C GLU B 323 -2.03 15.38 39.08
N PRO B 324 -2.08 16.66 39.41
CA PRO B 324 -2.17 17.05 40.81
C PRO B 324 -3.60 16.98 41.33
N HIS B 325 -3.71 16.69 42.62
CA HIS B 325 -5.00 16.62 43.31
C HIS B 325 -4.97 17.66 44.42
N PHE B 326 -5.62 18.80 44.19
CA PHE B 326 -5.62 19.89 45.15
C PHE B 326 -6.68 19.68 46.22
N THR B 327 -6.53 20.44 47.32
CA THR B 327 -7.44 20.37 48.44
C THR B 327 -8.59 21.35 48.23
N LEU B 328 -9.42 21.53 49.27
CA LEU B 328 -10.57 22.42 49.15
C LEU B 328 -10.12 23.87 48.97
N ASP B 329 -9.22 24.34 49.83
CA ASP B 329 -8.72 25.72 49.72
C ASP B 329 -7.79 25.90 48.53
N GLY B 330 -7.34 24.82 47.89
CA GLY B 330 -6.46 24.95 46.75
C GLY B 330 -5.09 25.50 47.07
N ASN B 331 -4.58 25.23 48.28
CA ASN B 331 -3.23 25.66 48.67
C ASN B 331 -2.28 24.50 48.84
N SER B 332 -2.70 23.27 48.58
CA SER B 332 -1.84 22.11 48.67
C SER B 332 -2.43 21.00 47.81
N PHE B 333 -1.55 20.10 47.35
CA PHE B 333 -1.98 19.05 46.44
C PHE B 333 -1.15 17.81 46.67
N TYR B 334 -1.79 16.65 46.51
CA TYR B 334 -1.12 15.35 46.56
C TYR B 334 -0.88 14.88 45.13
N LYS B 335 0.38 14.55 44.81
CA LYS B 335 0.74 14.14 43.47
C LYS B 335 1.65 12.93 43.52
N ILE B 336 1.59 12.12 42.48
CA ILE B 336 2.43 10.92 42.37
C ILE B 336 3.76 11.33 41.74
N ILE B 337 4.86 11.02 42.42
CA ILE B 337 6.20 11.26 41.88
C ILE B 337 7.10 10.13 42.33
N SER B 338 8.25 10.02 41.65
CA SER B 338 9.19 8.93 41.90
C SER B 338 9.98 9.22 43.17
N ASN B 339 10.10 8.20 44.03
CA ASN B 339 10.89 8.31 45.24
C ASN B 339 12.38 8.44 44.90
N GLU B 340 13.16 8.83 45.91
CA GLU B 340 14.61 8.78 45.78
C GLU B 340 15.12 7.35 45.67
N GLU B 341 14.31 6.36 46.09
CA GLU B 341 14.65 4.96 45.90
C GLU B 341 14.25 4.44 44.53
N GLY B 342 13.54 5.23 43.73
CA GLY B 342 13.18 4.84 42.39
C GLY B 342 11.77 4.30 42.22
N TYR B 343 10.90 4.50 43.20
CA TYR B 343 9.52 4.04 43.13
C TYR B 343 8.57 5.23 43.18
N ARG B 344 7.38 5.02 42.61
CA ARG B 344 6.40 6.09 42.42
C ARG B 344 5.37 6.01 43.53
N HIS B 345 5.42 6.97 44.46
CA HIS B 345 4.51 7.05 45.58
C HIS B 345 3.93 8.45 45.68
N ILE B 346 2.87 8.58 46.47
CA ILE B 346 2.17 9.85 46.61
C ILE B 346 2.99 10.78 47.47
N CYS B 347 3.16 12.02 47.02
CA CYS B 347 3.85 13.05 47.78
C CYS B 347 2.88 14.20 48.09
N TYR B 348 3.02 14.76 49.28
CA TYR B 348 2.19 15.88 49.73
C TYR B 348 2.94 17.18 49.47
N PHE B 349 2.31 18.08 48.70
CA PHE B 349 2.91 19.34 48.32
C PHE B 349 2.19 20.52 48.97
N GLN B 350 2.85 21.66 48.96
CA GLN B 350 2.25 22.93 49.36
C GLN B 350 2.49 23.94 48.25
N ILE B 351 1.52 24.84 48.08
CA ILE B 351 1.56 25.79 46.95
C ILE B 351 2.92 26.49 46.89
N ASP B 352 3.39 26.99 48.05
CA ASP B 352 4.60 27.80 48.11
C ASP B 352 5.69 27.13 48.93
N LYS B 353 5.72 25.81 48.96
CA LYS B 353 6.78 25.05 49.64
C LYS B 353 7.20 23.91 48.73
N LYS B 354 8.43 23.98 48.22
CA LYS B 354 8.86 23.05 47.18
C LYS B 354 9.03 21.63 47.72
N ASP B 355 9.62 21.50 48.91
CA ASP B 355 9.91 20.18 49.47
C ASP B 355 8.60 19.49 49.83
N CYS B 356 8.23 18.48 49.05
CA CYS B 356 7.04 17.69 49.34
C CYS B 356 7.40 16.54 50.28
N THR B 357 6.37 16.02 50.95
CA THR B 357 6.53 14.94 51.92
C THR B 357 5.66 13.77 51.51
N PHE B 358 6.27 12.61 51.29
CA PHE B 358 5.54 11.45 50.79
C PHE B 358 4.61 10.90 51.86
N ILE B 359 3.35 10.68 51.48
CA ILE B 359 2.40 10.03 52.37
C ILE B 359 2.38 8.52 52.18
N THR B 360 3.11 7.99 51.20
CA THR B 360 3.23 6.56 50.99
C THR B 360 4.69 6.24 50.67
N LYS B 361 5.05 4.97 50.85
CA LYS B 361 6.42 4.55 50.61
C LYS B 361 6.50 3.03 50.70
N GLY B 362 7.41 2.45 49.94
CA GLY B 362 7.61 1.02 49.92
C GLY B 362 8.09 0.56 48.55
N THR B 363 8.41 -0.73 48.48
CA THR B 363 8.83 -1.37 47.23
C THR B 363 7.64 -1.65 46.30
N TRP B 364 6.67 -0.75 46.27
CA TRP B 364 5.52 -0.85 45.38
C TRP B 364 5.25 0.54 44.83
N GLU B 365 4.29 0.65 43.91
CA GLU B 365 3.98 1.91 43.26
C GLU B 365 2.49 2.21 43.37
N VAL B 366 2.17 3.50 43.38
CA VAL B 366 0.80 3.98 43.37
C VAL B 366 0.35 4.11 41.92
N ILE B 367 -0.68 3.34 41.55
CA ILE B 367 -1.18 3.40 40.17
C ILE B 367 -1.82 4.75 39.90
N GLY B 368 -2.64 5.24 40.85
CA GLY B 368 -3.27 6.54 40.67
C GLY B 368 -4.19 6.93 41.82
N ILE B 369 -4.30 8.23 42.04
CA ILE B 369 -5.22 8.76 43.06
C ILE B 369 -6.63 8.77 42.49
N GLU B 370 -7.56 8.12 43.18
CA GLU B 370 -8.92 7.99 42.68
C GLU B 370 -9.90 9.00 43.29
N ALA B 371 -9.71 9.39 44.54
CA ALA B 371 -10.57 10.37 45.17
C ALA B 371 -9.84 11.00 46.35
N LEU B 372 -10.10 12.28 46.56
CA LEU B 372 -9.46 13.05 47.63
C LEU B 372 -10.52 13.79 48.43
N THR B 373 -10.65 13.42 49.71
CA THR B 373 -11.56 14.07 50.63
C THR B 373 -10.78 14.94 51.61
N SER B 374 -11.49 15.53 52.57
CA SER B 374 -10.88 16.40 53.56
C SER B 374 -10.14 15.64 54.65
N ASP B 375 -10.24 14.31 54.67
CA ASP B 375 -9.56 13.51 55.70
C ASP B 375 -8.98 12.20 55.20
N TYR B 376 -9.43 11.67 54.06
CA TYR B 376 -8.90 10.43 53.51
C TYR B 376 -8.57 10.62 52.04
N LEU B 377 -7.60 9.84 51.56
CA LEU B 377 -7.19 9.86 50.17
C LEU B 377 -7.24 8.42 49.64
N TYR B 378 -8.18 8.16 48.73
CA TYR B 378 -8.34 6.84 48.15
C TYR B 378 -7.45 6.71 46.92
N TYR B 379 -6.75 5.59 46.80
CA TYR B 379 -5.83 5.38 45.70
C TYR B 379 -5.74 3.89 45.40
N ILE B 380 -5.19 3.58 44.22
CA ILE B 380 -4.95 2.22 43.76
C ILE B 380 -3.45 1.97 43.75
N SER B 381 -3.04 0.75 44.10
CA SER B 381 -1.62 0.44 44.14
C SER B 381 -1.44 -1.07 44.01
N ASN B 382 -0.28 -1.46 43.48
CA ASN B 382 0.10 -2.86 43.35
C ASN B 382 0.88 -3.32 44.58
N GLU B 383 0.38 -2.97 45.77
CA GLU B 383 1.05 -3.26 47.02
C GLU B 383 0.70 -4.63 47.57
N TYR B 384 -0.59 -4.98 47.57
CA TYR B 384 -1.05 -6.21 48.21
C TYR B 384 -0.28 -7.42 47.70
N LYS B 385 0.12 -8.28 48.64
CA LYS B 385 0.86 -9.52 48.34
C LYS B 385 2.11 -9.26 47.52
N GLY B 386 2.57 -8.01 47.46
CA GLY B 386 3.76 -7.67 46.72
C GLY B 386 3.70 -8.09 45.26
N MET B 387 2.50 -8.08 44.67
CA MET B 387 2.33 -8.49 43.29
C MET B 387 2.25 -7.26 42.40
N PRO B 388 3.19 -7.08 41.48
CA PRO B 388 3.12 -5.92 40.58
C PRO B 388 1.95 -5.98 39.61
N GLY B 389 1.37 -7.16 39.39
CA GLY B 389 0.26 -7.29 38.46
C GLY B 389 -1.10 -7.28 39.14
N GLY B 390 -1.14 -6.80 40.39
CA GLY B 390 -2.38 -6.71 41.11
C GLY B 390 -2.83 -5.28 41.33
N ARG B 391 -4.12 -5.07 41.55
CA ARG B 391 -4.66 -3.73 41.78
C ARG B 391 -5.66 -3.80 42.92
N ASN B 392 -5.43 -2.99 43.96
CA ASN B 392 -6.35 -2.91 45.08
C ASN B 392 -6.52 -1.45 45.47
N LEU B 393 -7.71 -1.15 46.01
CA LEU B 393 -8.04 0.21 46.46
C LEU B 393 -7.63 0.38 47.92
N TYR B 394 -6.93 1.47 48.21
CA TYR B 394 -6.43 1.74 49.55
C TYR B 394 -6.99 3.06 50.07
N LYS B 395 -7.12 3.13 51.39
CA LYS B 395 -7.66 4.30 52.07
C LYS B 395 -6.68 4.73 53.13
N ILE B 396 -6.19 5.96 53.02
CA ILE B 396 -5.17 6.48 53.93
C ILE B 396 -5.69 7.77 54.57
N GLN B 397 -5.54 7.87 55.88
CA GLN B 397 -5.97 9.05 56.61
C GLN B 397 -4.95 10.17 56.44
N LEU B 398 -5.43 11.37 56.14
CA LEU B 398 -4.55 12.50 55.87
C LEU B 398 -3.91 13.08 57.11
N SER B 399 -4.36 12.68 58.31
CA SER B 399 -3.77 13.14 59.55
C SER B 399 -2.79 12.14 60.15
N ASP B 400 -2.76 10.91 59.65
CA ASP B 400 -1.85 9.87 60.15
C ASP B 400 -1.58 8.92 59.00
N TYR B 401 -0.34 8.91 58.51
CA TYR B 401 0.03 8.07 57.38
C TYR B 401 0.28 6.62 57.77
N THR B 402 0.16 6.28 59.05
CA THR B 402 0.14 4.89 59.49
C THR B 402 -1.25 4.28 59.37
N LYS B 403 -2.28 5.10 59.14
CA LYS B 403 -3.66 4.63 59.01
C LYS B 403 -3.93 4.13 57.61
N VAL B 404 -3.06 3.27 57.08
CA VAL B 404 -3.22 2.69 55.75
C VAL B 404 -4.13 1.48 55.85
N THR B 405 -5.31 1.56 55.23
CA THR B 405 -6.29 0.49 55.25
C THR B 405 -6.75 0.19 53.84
N CYS B 406 -6.62 -1.07 53.42
CA CYS B 406 -7.07 -1.50 52.11
C CYS B 406 -8.55 -1.86 52.16
N LEU B 407 -9.28 -1.44 51.12
CA LEU B 407 -10.72 -1.64 51.07
C LEU B 407 -11.14 -2.82 50.21
N SER B 408 -10.27 -3.30 49.32
CA SER B 408 -10.62 -4.38 48.40
C SER B 408 -9.70 -5.59 48.50
N CYS B 409 -8.63 -5.54 49.29
CA CYS B 409 -7.70 -6.65 49.34
C CYS B 409 -8.38 -7.93 49.82
N GLU B 410 -9.31 -7.82 50.76
CA GLU B 410 -9.85 -8.98 51.45
C GLU B 410 -11.30 -9.28 51.09
N LEU B 411 -11.93 -8.48 50.22
CA LEU B 411 -13.30 -8.75 49.83
C LEU B 411 -13.45 -10.19 49.32
N ASN B 412 -12.61 -10.58 48.36
CA ASN B 412 -12.59 -11.96 47.87
C ASN B 412 -11.23 -12.23 47.25
N PRO B 413 -10.22 -12.58 48.06
CA PRO B 413 -8.86 -12.73 47.53
C PRO B 413 -8.72 -13.94 46.61
N GLU B 414 -9.82 -14.68 46.42
CA GLU B 414 -9.78 -15.82 45.52
C GLU B 414 -9.95 -15.38 44.08
N ARG B 415 -11.08 -14.76 43.75
CA ARG B 415 -11.41 -14.37 42.39
C ARG B 415 -11.18 -12.90 42.11
N CYS B 416 -10.63 -12.14 43.06
CA CYS B 416 -10.43 -10.71 42.88
C CYS B 416 -9.11 -10.29 43.50
N GLN B 417 -8.16 -9.89 42.65
CA GLN B 417 -6.93 -9.24 43.09
C GLN B 417 -6.50 -8.17 42.08
N TYR B 418 -7.47 -7.59 41.37
CA TYR B 418 -7.21 -6.54 40.38
C TYR B 418 -8.46 -5.69 40.32
N TYR B 419 -8.43 -4.53 40.98
CA TYR B 419 -9.62 -3.73 41.21
C TYR B 419 -9.56 -2.39 40.47
N SER B 420 -10.71 -1.98 39.94
CA SER B 420 -10.93 -0.64 39.41
C SER B 420 -12.11 -0.03 40.15
N VAL B 421 -12.09 1.30 40.29
CA VAL B 421 -13.07 1.98 41.15
C VAL B 421 -13.60 3.22 40.47
N SER B 422 -14.83 3.59 40.84
CA SER B 422 -15.49 4.79 40.34
C SER B 422 -16.26 5.42 41.50
N PHE B 423 -15.81 6.57 41.97
CA PHE B 423 -16.41 7.24 43.12
C PHE B 423 -17.53 8.18 42.69
N SER B 424 -18.26 8.69 43.68
CA SER B 424 -19.35 9.63 43.44
C SER B 424 -18.80 11.04 43.23
N LYS B 425 -19.64 12.05 43.41
CA LYS B 425 -19.19 13.42 43.26
C LYS B 425 -18.25 13.81 44.40
N GLU B 426 -18.69 13.61 45.64
CA GLU B 426 -17.86 13.81 46.82
C GLU B 426 -17.42 12.50 47.46
N ALA B 427 -17.46 11.40 46.71
CA ALA B 427 -16.95 10.12 47.17
C ALA B 427 -17.76 9.57 48.36
N LYS B 428 -19.07 9.81 48.33
CA LYS B 428 -19.93 9.20 49.34
C LYS B 428 -20.03 7.70 49.14
N TYR B 429 -20.03 7.26 47.89
CA TYR B 429 -20.04 5.84 47.53
C TYR B 429 -18.97 5.60 46.48
N TYR B 430 -18.67 4.32 46.25
CA TYR B 430 -17.71 3.97 45.21
C TYR B 430 -18.04 2.57 44.69
N GLN B 431 -18.01 2.44 43.36
CA GLN B 431 -18.19 1.16 42.70
C GLN B 431 -16.85 0.50 42.49
N LEU B 432 -16.76 -0.79 42.81
CA LEU B 432 -15.55 -1.57 42.61
C LEU B 432 -15.71 -2.44 41.37
N ARG B 433 -14.70 -2.41 40.50
CA ARG B 433 -14.70 -3.14 39.24
C ARG B 433 -13.58 -4.16 39.29
N CYS B 434 -13.89 -5.35 39.79
CA CYS B 434 -12.93 -6.45 39.86
C CYS B 434 -12.83 -7.11 38.50
N SER B 435 -11.69 -6.92 37.82
CA SER B 435 -11.51 -7.44 36.48
C SER B 435 -10.94 -8.85 36.44
N GLY B 436 -10.34 -9.31 37.53
CA GLY B 436 -9.78 -10.65 37.60
C GLY B 436 -9.31 -10.98 39.00
N PRO B 437 -8.72 -12.19 39.18
CA PRO B 437 -8.48 -13.19 38.14
C PRO B 437 -9.72 -14.00 37.80
N GLY B 438 -10.67 -14.07 38.73
CA GLY B 438 -11.91 -14.76 38.47
C GLY B 438 -12.80 -13.96 37.53
N LEU B 439 -14.04 -14.42 37.42
CA LEU B 439 -15.00 -13.70 36.60
C LEU B 439 -15.18 -12.28 37.12
N PRO B 440 -15.34 -11.29 36.25
CA PRO B 440 -15.49 -9.91 36.71
C PRO B 440 -16.67 -9.77 37.67
N LEU B 441 -16.49 -8.93 38.68
CA LEU B 441 -17.51 -8.71 39.70
C LEU B 441 -17.65 -7.22 39.98
N TYR B 442 -18.89 -6.74 39.99
CA TYR B 442 -19.19 -5.33 40.20
C TYR B 442 -20.01 -5.18 41.47
N THR B 443 -19.56 -4.28 42.35
CA THR B 443 -20.20 -4.08 43.65
C THR B 443 -20.29 -2.58 43.93
N LEU B 444 -21.08 -2.25 44.95
CA LEU B 444 -21.26 -0.87 45.38
C LEU B 444 -21.01 -0.78 46.90
N HIS B 445 -20.28 0.25 47.30
CA HIS B 445 -19.90 0.45 48.70
C HIS B 445 -20.16 1.89 49.09
N SER B 446 -20.34 2.10 50.40
CA SER B 446 -20.55 3.43 50.97
C SER B 446 -19.30 3.82 51.74
N SER B 447 -18.70 4.96 51.35
CA SER B 447 -17.45 5.40 51.96
C SER B 447 -17.62 5.83 53.41
N VAL B 448 -18.82 6.24 53.80
CA VAL B 448 -19.03 6.71 55.17
C VAL B 448 -18.64 5.62 56.18
N ASN B 449 -18.96 4.36 55.86
CA ASN B 449 -18.63 3.24 56.73
C ASN B 449 -17.86 2.13 56.04
N ASP B 450 -17.71 2.17 54.72
CA ASP B 450 -16.95 1.17 53.97
C ASP B 450 -17.54 -0.23 54.18
N LYS B 451 -18.79 -0.37 53.81
CA LYS B 451 -19.49 -1.66 53.86
C LYS B 451 -20.15 -1.93 52.52
N GLY B 452 -20.11 -3.20 52.11
CA GLY B 452 -20.70 -3.58 50.84
C GLY B 452 -22.21 -3.47 50.87
N LEU B 453 -22.77 -2.65 49.99
CA LEU B 453 -24.22 -2.46 49.98
C LEU B 453 -24.93 -3.56 49.20
N ARG B 454 -24.56 -3.75 47.93
CA ARG B 454 -25.23 -4.73 47.09
C ARG B 454 -24.32 -5.05 45.91
N VAL B 455 -24.49 -6.26 45.37
CA VAL B 455 -23.71 -6.71 44.23
C VAL B 455 -24.37 -6.20 42.95
N LEU B 456 -23.60 -5.49 42.13
CA LEU B 456 -24.14 -4.92 40.90
C LEU B 456 -24.20 -5.96 39.77
N GLU B 457 -23.13 -6.76 39.64
CA GLU B 457 -23.07 -7.78 38.60
C GLU B 457 -21.95 -8.77 38.90
N ASP B 458 -22.30 -10.04 39.06
CA ASP B 458 -21.32 -11.09 39.33
C ASP B 458 -21.07 -11.97 38.11
N ASN B 459 -21.64 -11.62 36.96
CA ASN B 459 -21.50 -12.42 35.75
C ASN B 459 -21.88 -13.88 36.00
N SER B 460 -22.89 -14.08 36.85
CA SER B 460 -23.37 -15.44 37.10
C SER B 460 -23.85 -16.11 35.81
N ALA B 461 -24.39 -15.33 34.88
CA ALA B 461 -24.81 -15.89 33.60
C ALA B 461 -23.61 -16.44 32.83
N LEU B 462 -22.49 -15.70 32.84
CA LEU B 462 -21.28 -16.19 32.18
C LEU B 462 -20.78 -17.46 32.86
N ASP B 463 -20.81 -17.50 34.20
CA ASP B 463 -20.37 -18.69 34.91
C ASP B 463 -21.22 -19.90 34.57
N LYS B 464 -22.49 -19.68 34.21
CA LYS B 464 -23.39 -20.79 33.91
C LYS B 464 -23.12 -21.41 32.55
N MET B 465 -22.63 -20.61 31.58
CA MET B 465 -22.39 -21.12 30.24
C MET B 465 -20.98 -21.65 30.04
N LEU B 466 -20.03 -21.30 30.93
CA LEU B 466 -18.70 -21.89 30.88
C LEU B 466 -18.65 -23.29 31.47
N GLN B 467 -19.79 -23.81 31.94
CA GLN B 467 -19.81 -25.17 32.49
C GLN B 467 -19.42 -26.20 31.44
N ASN B 468 -20.07 -26.15 30.28
CA ASN B 468 -19.79 -27.07 29.18
C ASN B 468 -18.63 -26.62 28.31
N VAL B 469 -17.59 -26.04 28.91
CA VAL B 469 -16.42 -25.57 28.17
C VAL B 469 -15.17 -25.97 28.94
N GLN B 470 -14.13 -26.36 28.20
CA GLN B 470 -12.84 -26.69 28.80
C GLN B 470 -12.01 -25.42 28.81
N MET B 471 -12.15 -24.64 29.89
CA MET B 471 -11.45 -23.37 30.00
C MET B 471 -9.99 -23.58 30.36
N PRO B 472 -9.11 -22.69 29.91
CA PRO B 472 -7.71 -22.77 30.33
C PRO B 472 -7.49 -22.08 31.67
N SER B 473 -6.52 -22.59 32.41
CA SER B 473 -6.12 -21.99 33.68
C SER B 473 -4.95 -21.04 33.45
N LYS B 474 -4.88 -20.00 34.27
CA LYS B 474 -3.85 -18.97 34.17
C LYS B 474 -3.00 -18.97 35.42
N LYS B 475 -1.68 -19.10 35.23
CA LYS B 475 -0.73 -19.06 36.33
C LYS B 475 0.13 -17.81 36.25
N LEU B 476 0.31 -17.15 37.40
CA LEU B 476 1.12 -15.93 37.50
C LEU B 476 2.29 -16.21 38.43
N ASP B 477 3.50 -16.16 37.90
CA ASP B 477 4.70 -16.45 38.68
C ASP B 477 5.83 -15.57 38.17
N PHE B 478 7.02 -15.74 38.74
CA PHE B 478 8.17 -14.94 38.38
C PHE B 478 9.42 -15.80 38.30
N ILE B 479 10.38 -15.35 37.48
CA ILE B 479 11.72 -15.92 37.46
C ILE B 479 12.68 -14.86 37.98
N ILE B 480 13.96 -15.20 38.06
CA ILE B 480 14.97 -14.28 38.59
C ILE B 480 16.11 -14.17 37.59
N LEU B 481 16.48 -12.94 37.25
CA LEU B 481 17.57 -12.65 36.31
C LEU B 481 18.45 -11.58 36.94
N ASN B 482 19.69 -11.94 37.26
CA ASN B 482 20.67 -11.01 37.82
C ASN B 482 20.14 -10.33 39.08
N GLU B 483 19.72 -11.15 40.05
CA GLU B 483 19.30 -10.71 41.37
C GLU B 483 18.01 -9.90 41.35
N THR B 484 17.28 -9.89 40.23
CA THR B 484 16.05 -9.11 40.09
C THR B 484 14.88 -10.04 39.79
N LYS B 485 13.72 -9.72 40.36
CA LYS B 485 12.53 -10.53 40.22
C LYS B 485 11.69 -10.00 39.06
N PHE B 486 11.62 -10.76 37.97
CA PHE B 486 10.83 -10.41 36.81
C PHE B 486 9.65 -11.36 36.70
N TRP B 487 8.48 -10.81 36.39
CA TRP B 487 7.23 -11.55 36.41
C TRP B 487 6.81 -12.00 35.01
N TYR B 488 6.08 -13.10 34.97
CA TYR B 488 5.55 -13.64 33.73
C TYR B 488 4.20 -14.29 34.01
N GLN B 489 3.56 -14.77 32.95
CA GLN B 489 2.29 -15.46 33.10
C GLN B 489 2.14 -16.46 31.97
N MET B 490 1.27 -17.44 32.17
CA MET B 490 1.00 -18.46 31.17
C MET B 490 -0.47 -18.77 31.13
N ILE B 491 -0.99 -19.05 29.94
CA ILE B 491 -2.36 -19.52 29.77
C ILE B 491 -2.32 -21.02 29.49
N LEU B 492 -2.30 -21.82 30.56
CA LEU B 492 -2.10 -23.25 30.39
C LEU B 492 -3.36 -23.90 29.81
N PRO B 493 -3.20 -24.82 28.87
CA PRO B 493 -4.36 -25.51 28.29
C PRO B 493 -5.07 -26.33 29.36
N PRO B 494 -6.36 -26.62 29.17
CA PRO B 494 -7.08 -27.41 30.17
C PRO B 494 -6.47 -28.78 30.35
N HIS B 495 -6.59 -29.31 31.57
CA HIS B 495 -6.02 -30.61 31.91
C HIS B 495 -4.51 -30.60 31.71
N PHE B 496 -3.86 -29.58 32.25
CA PHE B 496 -2.42 -29.41 32.08
C PHE B 496 -1.66 -30.56 32.73
N ASP B 497 -0.57 -30.98 32.08
CA ASP B 497 0.22 -32.10 32.55
C ASP B 497 1.69 -31.85 32.22
N LYS B 498 2.57 -32.24 33.15
CA LYS B 498 4.01 -32.13 32.92
C LYS B 498 4.57 -33.32 32.16
N SER B 499 3.80 -34.39 31.99
CA SER B 499 4.29 -35.56 31.27
C SER B 499 4.32 -35.35 29.76
N LYS B 500 3.83 -34.22 29.26
CA LYS B 500 3.80 -33.94 27.84
C LYS B 500 4.62 -32.69 27.52
N LYS B 501 4.83 -32.47 26.23
CA LYS B 501 5.54 -31.30 25.72
C LYS B 501 4.55 -30.45 24.92
N TYR B 502 4.42 -29.18 25.31
CA TYR B 502 3.41 -28.32 24.70
C TYR B 502 4.04 -27.26 23.81
N PRO B 503 3.39 -26.91 22.70
CA PRO B 503 3.84 -25.75 21.92
C PRO B 503 3.55 -24.47 22.69
N LEU B 504 4.56 -23.61 22.78
CA LEU B 504 4.47 -22.39 23.58
C LEU B 504 4.54 -21.16 22.68
N LEU B 505 3.56 -20.28 22.81
CA LEU B 505 3.52 -19.02 22.08
C LEU B 505 3.78 -17.87 23.04
N LEU B 506 4.74 -17.02 22.70
CA LEU B 506 5.15 -15.91 23.55
C LEU B 506 4.46 -14.64 23.07
N ASP B 507 3.33 -14.30 23.70
CA ASP B 507 2.64 -13.05 23.43
C ASP B 507 3.42 -11.92 24.08
N VAL B 508 3.80 -10.92 23.28
CA VAL B 508 4.72 -9.87 23.75
C VAL B 508 4.19 -8.50 23.37
N TYR B 509 4.53 -7.52 24.21
CA TYR B 509 4.40 -6.10 23.87
C TYR B 509 5.70 -5.40 24.23
N ALA B 510 6.06 -5.44 25.51
CA ALA B 510 7.37 -5.05 26.01
C ALA B 510 7.66 -3.56 25.84
N GLY B 511 6.64 -2.75 25.61
CA GLY B 511 6.83 -1.32 25.48
C GLY B 511 7.23 -0.68 26.79
N PRO B 512 7.67 0.59 26.73
CA PRO B 512 8.03 1.30 27.96
C PRO B 512 6.84 1.42 28.90
N CYS B 513 7.06 1.04 30.16
CA CYS B 513 6.03 1.10 31.20
C CYS B 513 4.80 0.28 30.82
N SER B 514 5.03 -0.90 30.26
CA SER B 514 3.98 -1.83 29.90
C SER B 514 3.95 -2.99 30.89
N GLN B 515 2.91 -3.81 30.79
CA GLN B 515 2.75 -4.94 31.69
C GLN B 515 1.79 -5.94 31.03
N LYS B 516 2.34 -6.98 30.41
CA LYS B 516 1.54 -8.05 29.84
C LYS B 516 1.27 -9.18 30.82
N ALA B 517 1.91 -9.17 31.98
CA ALA B 517 1.70 -10.17 33.02
C ALA B 517 0.89 -9.54 34.14
N ASP B 518 -0.31 -10.06 34.38
CA ASP B 518 -1.20 -9.50 35.39
C ASP B 518 -2.12 -10.61 35.87
N THR B 519 -3.24 -10.22 36.50
CA THR B 519 -4.23 -11.18 36.98
C THR B 519 -5.57 -11.08 36.26
N VAL B 520 -5.74 -10.08 35.39
CA VAL B 520 -7.02 -9.83 34.73
C VAL B 520 -7.52 -11.09 34.04
N PHE B 521 -8.83 -11.27 34.03
CA PHE B 521 -9.46 -12.40 33.34
C PHE B 521 -9.91 -11.94 31.95
N ARG B 522 -9.51 -12.67 30.93
CA ARG B 522 -9.79 -12.29 29.55
C ARG B 522 -10.23 -13.49 28.75
N LEU B 523 -11.08 -13.24 27.75
CA LEU B 523 -11.49 -14.24 26.76
C LEU B 523 -11.08 -13.71 25.39
N ASN B 524 -10.00 -14.24 24.84
CA ASN B 524 -9.44 -13.70 23.62
C ASN B 524 -8.78 -14.83 22.84
N TRP B 525 -7.95 -14.46 21.86
CA TRP B 525 -7.30 -15.45 21.00
C TRP B 525 -6.43 -16.39 21.82
N ALA B 526 -5.81 -15.87 22.88
CA ALA B 526 -4.96 -16.72 23.72
C ALA B 526 -5.77 -17.80 24.42
N THR B 527 -7.02 -17.50 24.79
CA THR B 527 -7.87 -18.52 25.39
C THR B 527 -8.15 -19.65 24.40
N TYR B 528 -8.40 -19.29 23.14
CA TYR B 528 -8.67 -20.31 22.12
C TYR B 528 -7.42 -21.14 21.84
N LEU B 529 -6.26 -20.49 21.71
CA LEU B 529 -5.04 -21.24 21.43
C LEU B 529 -4.72 -22.23 22.55
N ALA B 530 -5.05 -21.90 23.79
CA ALA B 530 -4.80 -22.82 24.89
C ALA B 530 -5.90 -23.85 25.02
N SER B 531 -7.16 -23.41 24.95
CA SER B 531 -8.28 -24.33 25.15
C SER B 531 -8.36 -25.34 24.01
N THR B 532 -8.38 -24.88 22.76
CA THR B 532 -8.57 -25.76 21.62
C THR B 532 -7.25 -26.39 21.15
N GLU B 533 -6.32 -25.55 20.69
CA GLU B 533 -5.09 -26.04 20.08
C GLU B 533 -4.05 -26.49 21.10
N ASN B 534 -4.30 -26.32 22.40
CA ASN B 534 -3.41 -26.79 23.45
C ASN B 534 -2.03 -26.13 23.36
N ILE B 535 -2.04 -24.81 23.18
CA ILE B 535 -0.82 -24.02 23.07
C ILE B 535 -0.66 -23.21 24.34
N ILE B 536 0.56 -23.18 24.88
CA ILE B 536 0.86 -22.43 26.09
C ILE B 536 1.18 -21.00 25.67
N VAL B 537 0.20 -20.11 25.81
CA VAL B 537 0.41 -18.70 25.55
C VAL B 537 1.00 -18.06 26.79
N ALA B 538 2.21 -17.49 26.64
CA ALA B 538 2.93 -16.92 27.77
C ALA B 538 3.34 -15.48 27.45
N SER B 539 3.46 -14.68 28.50
CA SER B 539 3.92 -13.30 28.40
C SER B 539 4.93 -13.04 29.50
N PHE B 540 5.75 -12.01 29.28
CA PHE B 540 6.84 -11.69 30.21
C PHE B 540 6.95 -10.18 30.35
N ASP B 541 7.18 -9.72 31.58
CA ASP B 541 7.30 -8.30 31.90
C ASP B 541 8.65 -8.07 32.57
N GLY B 542 9.66 -7.75 31.78
CA GLY B 542 10.97 -7.47 32.30
C GLY B 542 11.71 -6.40 31.53
N ARG B 543 12.49 -5.57 32.24
CA ARG B 543 13.31 -4.56 31.61
C ARG B 543 12.49 -3.64 30.73
N GLY B 544 12.01 -2.53 31.30
CA GLY B 544 11.13 -1.62 30.61
C GLY B 544 9.68 -1.68 31.05
N SER B 545 9.31 -2.70 31.83
CA SER B 545 7.95 -2.80 32.35
C SER B 545 7.74 -1.76 33.45
N GLY B 546 6.54 -1.23 33.52
CA GLY B 546 6.22 -0.23 34.52
C GLY B 546 5.70 -0.84 35.82
N TYR B 547 5.50 0.04 36.80
CA TYR B 547 4.92 -0.32 38.09
C TYR B 547 5.82 -1.23 38.91
N GLN B 548 7.10 -1.35 38.54
CA GLN B 548 8.08 -2.09 39.30
C GLN B 548 9.24 -1.21 39.77
N GLY B 549 9.15 0.09 39.56
CA GLY B 549 10.20 1.01 39.92
C GLY B 549 10.89 1.59 38.71
N ASP B 550 11.60 2.71 38.94
CA ASP B 550 12.32 3.37 37.86
C ASP B 550 13.55 2.59 37.44
N LYS B 551 14.19 1.89 38.37
CA LYS B 551 15.40 1.14 38.04
C LYS B 551 15.13 0.06 37.00
N ILE B 552 13.88 -0.35 36.84
CA ILE B 552 13.50 -1.30 35.80
C ILE B 552 12.87 -0.58 34.60
N MET B 553 12.09 0.47 34.87
CA MET B 553 11.40 1.17 33.79
C MET B 553 12.36 2.08 33.02
N HIS B 554 13.29 2.73 33.72
CA HIS B 554 14.26 3.62 33.10
C HIS B 554 15.52 2.88 32.65
N ALA B 555 15.44 1.55 32.51
CA ALA B 555 16.61 0.79 32.07
C ALA B 555 16.84 0.95 30.57
N ILE B 556 15.77 0.93 29.78
CA ILE B 556 15.88 1.01 28.33
C ILE B 556 15.94 2.47 27.90
N ASN B 557 16.08 3.37 28.87
CA ASN B 557 16.10 4.80 28.58
C ASN B 557 17.14 5.12 27.53
N ARG B 558 16.70 5.73 26.42
CA ARG B 558 17.59 6.04 25.30
C ARG B 558 18.30 4.79 24.76
N ARG B 559 17.61 3.64 24.79
CA ARG B 559 18.22 2.40 24.37
C ARG B 559 17.16 1.36 24.00
N LEU B 560 16.15 1.79 23.26
CA LEU B 560 15.09 0.87 22.84
C LEU B 560 15.66 -0.18 21.88
N GLY B 561 15.12 -1.40 21.99
CA GLY B 561 15.51 -2.47 21.10
C GLY B 561 16.63 -3.35 21.57
N THR B 562 17.01 -3.27 22.85
CA THR B 562 18.09 -4.11 23.36
C THR B 562 17.67 -4.85 24.62
N PHE B 563 17.10 -4.12 25.59
CA PHE B 563 16.66 -4.76 26.83
C PHE B 563 15.34 -5.49 26.65
N GLU B 564 14.37 -4.85 25.98
CA GLU B 564 13.10 -5.51 25.69
C GLU B 564 13.31 -6.75 24.84
N VAL B 565 14.20 -6.67 23.86
CA VAL B 565 14.44 -7.81 22.97
C VAL B 565 15.21 -8.90 23.70
N GLU B 566 16.13 -8.51 24.58
CA GLU B 566 17.00 -9.50 25.22
C GLU B 566 16.24 -10.31 26.25
N ASP B 567 15.37 -9.67 27.04
CA ASP B 567 14.67 -10.38 28.10
C ASP B 567 13.64 -11.36 27.54
N GLN B 568 12.94 -10.97 26.46
CA GLN B 568 11.99 -11.90 25.85
C GLN B 568 12.69 -13.15 25.37
N ILE B 569 13.89 -13.01 24.80
CA ILE B 569 14.67 -14.18 24.41
C ILE B 569 15.12 -14.95 25.66
N GLU B 570 15.56 -14.22 26.68
CA GLU B 570 15.98 -14.86 27.93
C GLU B 570 14.81 -15.60 28.57
N ALA B 571 13.65 -14.95 28.67
CA ALA B 571 12.49 -15.60 29.27
C ALA B 571 12.07 -16.82 28.47
N ALA B 572 12.05 -16.71 27.14
CA ALA B 572 11.72 -17.87 26.31
C ALA B 572 12.72 -19.00 26.52
N ARG B 573 14.00 -18.65 26.68
CA ARG B 573 15.00 -19.67 27.00
C ARG B 573 14.72 -20.28 28.37
N GLN B 574 14.30 -19.46 29.33
CA GLN B 574 13.96 -19.97 30.65
C GLN B 574 12.78 -20.93 30.57
N PHE B 575 11.71 -20.51 29.89
CA PHE B 575 10.52 -21.36 29.81
C PHE B 575 10.78 -22.63 29.01
N SER B 576 11.68 -22.57 28.03
CA SER B 576 12.03 -23.75 27.25
C SER B 576 12.79 -24.78 28.07
N LYS B 577 13.30 -24.42 29.24
CA LYS B 577 14.02 -25.34 30.12
C LYS B 577 13.23 -25.66 31.39
N MET B 578 11.91 -25.52 31.35
CA MET B 578 11.07 -25.90 32.49
C MET B 578 10.72 -27.39 32.49
N GLY B 579 10.57 -27.99 31.31
CA GLY B 579 10.28 -29.41 31.22
C GLY B 579 9.08 -29.73 30.36
N PHE B 580 7.96 -29.05 30.60
CA PHE B 580 6.73 -29.28 29.86
C PHE B 580 6.64 -28.46 28.58
N VAL B 581 7.67 -27.69 28.25
CA VAL B 581 7.68 -26.84 27.06
C VAL B 581 8.52 -27.50 25.99
N ASP B 582 7.96 -27.63 24.80
CA ASP B 582 8.66 -28.24 23.68
C ASP B 582 9.63 -27.24 23.04
N ASN B 583 10.81 -27.72 22.68
CA ASN B 583 11.80 -26.87 22.01
C ASN B 583 11.51 -26.73 20.53
N LYS B 584 10.98 -27.79 19.91
CA LYS B 584 10.75 -27.78 18.47
C LYS B 584 9.66 -26.80 18.05
N ARG B 585 8.77 -26.41 18.97
CA ARG B 585 7.60 -25.60 18.65
C ARG B 585 7.48 -24.46 19.65
N ILE B 586 8.26 -23.40 19.44
CA ILE B 586 8.18 -22.18 20.22
C ILE B 586 8.05 -21.00 19.26
N ALA B 587 7.06 -20.15 19.50
CA ALA B 587 6.82 -19.00 18.62
C ALA B 587 6.77 -17.70 19.42
N ILE B 588 6.42 -16.61 18.75
CA ILE B 588 6.30 -15.31 19.38
C ILE B 588 5.51 -14.40 18.46
N TRP B 589 4.53 -13.68 19.01
CA TRP B 589 3.72 -12.77 18.21
C TRP B 589 3.42 -11.53 19.03
N GLY B 590 3.44 -10.37 18.36
CA GLY B 590 3.20 -9.10 19.02
C GLY B 590 2.52 -8.13 18.10
N TRP B 591 1.74 -7.22 18.70
CA TRP B 591 1.05 -6.17 17.99
C TRP B 591 1.70 -4.83 18.32
N SER B 592 1.84 -3.98 17.31
CA SER B 592 2.40 -2.64 17.50
C SER B 592 3.79 -2.81 18.10
N TYR B 593 4.12 -2.13 19.20
CA TYR B 593 5.43 -2.29 19.82
C TYR B 593 5.78 -3.77 19.98
N GLY B 594 4.80 -4.59 20.36
CA GLY B 594 5.05 -6.02 20.40
C GLY B 594 5.46 -6.58 19.07
N GLY B 595 4.92 -6.02 17.98
CA GLY B 595 5.36 -6.39 16.65
C GLY B 595 6.78 -5.94 16.37
N TYR B 596 7.17 -4.79 16.91
CA TYR B 596 8.56 -4.36 16.80
C TYR B 596 9.48 -5.28 17.58
N VAL B 597 9.07 -5.68 18.79
CA VAL B 597 9.86 -6.62 19.57
C VAL B 597 9.88 -7.99 18.90
N THR B 598 8.72 -8.44 18.42
CA THR B 598 8.66 -9.74 17.74
C THR B 598 9.62 -9.78 16.55
N SER B 599 9.66 -8.72 15.77
CA SER B 599 10.58 -8.67 14.63
C SER B 599 12.03 -8.59 15.10
N MET B 600 12.30 -7.70 16.07
CA MET B 600 13.65 -7.60 16.61
C MET B 600 14.12 -8.92 17.20
N VAL B 601 13.21 -9.64 17.86
CA VAL B 601 13.58 -10.91 18.48
C VAL B 601 13.93 -11.94 17.42
N LEU B 602 13.15 -12.01 16.34
CA LEU B 602 13.46 -12.95 15.27
C LEU B 602 14.70 -12.52 14.51
N GLY B 603 14.89 -11.22 14.31
CA GLY B 603 16.06 -10.73 13.63
C GLY B 603 17.35 -10.81 14.43
N SER B 604 17.26 -11.17 15.71
CA SER B 604 18.44 -11.29 16.56
C SER B 604 19.27 -12.53 16.23
N GLY B 605 18.72 -13.47 15.47
CA GLY B 605 19.44 -14.69 15.18
C GLY B 605 19.77 -15.52 16.40
N SER B 606 19.07 -15.31 17.51
CA SER B 606 19.31 -16.08 18.72
C SER B 606 18.95 -17.54 18.55
N GLY B 607 18.16 -17.88 17.53
CA GLY B 607 17.75 -19.25 17.32
C GLY B 607 17.00 -19.82 18.51
N VAL B 608 15.72 -19.49 18.63
CA VAL B 608 14.88 -20.00 19.71
C VAL B 608 13.49 -20.31 19.16
N PHE B 609 12.98 -19.42 18.32
CA PHE B 609 11.60 -19.48 17.86
C PHE B 609 11.52 -20.06 16.47
N LYS B 610 10.59 -21.00 16.27
CA LYS B 610 10.39 -21.58 14.95
C LYS B 610 9.74 -20.59 13.99
N CYS B 611 8.78 -19.81 14.48
CA CYS B 611 8.07 -18.84 13.66
C CYS B 611 7.84 -17.59 14.49
N GLY B 612 7.13 -16.63 13.90
CA GLY B 612 6.82 -15.38 14.57
C GLY B 612 5.90 -14.49 13.76
N ILE B 613 4.97 -13.80 14.44
CA ILE B 613 4.00 -12.93 13.79
C ILE B 613 4.18 -11.53 14.35
N ALA B 614 4.34 -10.56 13.44
CA ALA B 614 4.42 -9.15 13.80
C ALA B 614 3.25 -8.42 13.13
N VAL B 615 2.47 -7.71 13.93
CA VAL B 615 1.27 -7.02 13.46
C VAL B 615 1.47 -5.53 13.66
N ALA B 616 1.50 -4.77 12.57
CA ALA B 616 1.71 -3.33 12.60
C ALA B 616 2.96 -2.98 13.42
N PRO B 617 4.13 -3.48 13.02
CA PRO B 617 5.35 -3.26 13.81
C PRO B 617 6.04 -1.95 13.44
N VAL B 618 6.92 -1.54 14.34
CA VAL B 618 7.79 -0.39 14.11
C VAL B 618 9.06 -0.88 13.45
N SER B 619 9.55 -0.13 12.46
CA SER B 619 10.79 -0.49 11.77
C SER B 619 11.97 0.23 12.42
N ARG B 620 12.14 1.50 12.07
CA ARG B 620 13.11 2.37 12.71
C ARG B 620 12.37 3.46 13.47
N TRP B 621 12.99 3.94 14.56
CA TRP B 621 12.36 4.96 15.39
C TRP B 621 12.40 6.34 14.76
N GLU B 622 13.00 6.48 13.58
CA GLU B 622 12.85 7.72 12.82
C GLU B 622 11.47 7.82 12.19
N TYR B 623 10.78 6.69 12.03
CA TYR B 623 9.47 6.69 11.37
C TYR B 623 8.33 7.03 12.32
N TYR B 624 8.49 6.74 13.61
CA TYR B 624 7.40 6.98 14.54
C TYR B 624 7.40 8.44 15.01
N ASP B 625 6.26 8.86 15.55
CA ASP B 625 6.10 10.25 15.93
C ASP B 625 7.14 10.65 16.97
N SER B 626 7.33 11.97 17.11
CA SER B 626 8.43 12.49 17.90
C SER B 626 8.19 12.32 19.39
N VAL B 627 7.05 12.80 19.89
CA VAL B 627 6.85 12.88 21.33
C VAL B 627 7.04 11.52 21.98
N TYR B 628 6.44 10.48 21.41
CA TYR B 628 6.61 9.14 21.97
C TYR B 628 8.06 8.66 21.81
N THR B 629 8.58 8.71 20.58
CA THR B 629 9.92 8.20 20.31
C THR B 629 10.98 8.98 21.09
N GLU B 630 10.95 10.30 20.99
CA GLU B 630 11.97 11.12 21.64
C GLU B 630 11.90 11.04 23.15
N ARG B 631 10.75 10.64 23.71
CA ARG B 631 10.65 10.47 25.15
C ARG B 631 11.56 9.33 25.63
N TYR B 632 11.81 8.34 24.78
CA TYR B 632 12.63 7.20 25.12
C TYR B 632 13.91 7.11 24.31
N MET B 633 14.14 8.05 23.37
CA MET B 633 15.29 7.99 22.49
C MET B 633 16.03 9.30 22.34
N GLY B 634 15.55 10.38 22.97
CA GLY B 634 16.18 11.66 22.72
C GLY B 634 15.98 12.11 21.28
N LEU B 635 16.91 12.93 20.81
CA LEU B 635 16.74 13.35 19.43
C LEU B 635 17.62 12.52 18.49
N PRO B 636 17.17 12.32 17.24
CA PRO B 636 17.95 11.56 16.25
C PRO B 636 19.07 12.38 15.61
N THR B 637 19.90 13.00 16.45
CA THR B 637 20.97 13.87 15.98
C THR B 637 22.32 13.32 16.44
N PRO B 638 23.40 13.63 15.70
CA PRO B 638 24.71 13.12 16.12
C PRO B 638 25.10 13.52 17.52
N GLU B 639 24.74 14.73 17.94
CA GLU B 639 25.05 15.21 19.29
C GLU B 639 24.11 14.64 20.34
N ASP B 640 23.17 13.77 19.96
CA ASP B 640 22.22 13.21 20.94
C ASP B 640 22.27 11.69 20.92
N ASN B 641 21.41 11.07 20.09
CA ASN B 641 21.34 9.61 20.07
C ASN B 641 21.04 9.06 18.68
N LEU B 642 21.55 9.71 17.63
CA LEU B 642 21.30 9.24 16.26
C LEU B 642 21.95 7.88 16.02
N ASP B 643 23.10 7.62 16.64
CA ASP B 643 23.80 6.36 16.39
C ASP B 643 22.96 5.16 16.82
N HIS B 644 22.25 5.28 17.94
CA HIS B 644 21.39 4.19 18.38
C HIS B 644 20.11 4.12 17.55
N TYR B 645 19.56 5.28 17.18
CA TYR B 645 18.43 5.31 16.25
C TYR B 645 18.66 4.38 15.08
N ARG B 646 19.89 4.32 14.58
CA ARG B 646 20.20 3.55 13.38
C ARG B 646 20.57 2.11 13.68
N ASN B 647 21.15 1.83 14.84
CA ASN B 647 21.51 0.47 15.21
C ASN B 647 20.35 -0.29 15.83
N SER B 648 19.15 0.30 15.88
CA SER B 648 17.99 -0.33 16.47
C SER B 648 16.89 -0.62 15.46
N THR B 649 17.19 -0.54 14.17
CA THR B 649 16.20 -0.84 13.15
C THR B 649 16.05 -2.35 12.98
N VAL B 650 14.85 -2.76 12.55
CA VAL B 650 14.63 -4.18 12.27
C VAL B 650 15.13 -4.56 10.89
N MET B 651 15.25 -3.61 9.97
CA MET B 651 15.77 -3.91 8.64
C MET B 651 17.21 -4.40 8.71
N SER B 652 18.01 -3.84 9.63
CA SER B 652 19.41 -4.22 9.76
C SER B 652 19.60 -5.66 10.24
N ARG B 653 18.51 -6.39 10.48
CA ARG B 653 18.58 -7.80 10.85
C ARG B 653 17.88 -8.70 9.85
N ALA B 654 17.59 -8.19 8.64
CA ALA B 654 16.92 -9.01 7.64
C ALA B 654 17.70 -10.27 7.33
N GLU B 655 19.03 -10.24 7.48
CA GLU B 655 19.85 -11.40 7.17
C GLU B 655 19.50 -12.58 8.08
N ASN B 656 19.10 -12.31 9.32
CA ASN B 656 18.87 -13.36 10.31
C ASN B 656 17.47 -13.96 10.25
N PHE B 657 16.64 -13.54 9.31
CA PHE B 657 15.29 -14.08 9.17
C PHE B 657 15.24 -15.35 8.34
N LYS B 658 16.38 -15.81 7.82
CA LYS B 658 16.37 -17.03 7.03
C LYS B 658 16.03 -18.25 7.88
N GLN B 659 16.37 -18.20 9.17
CA GLN B 659 16.14 -19.34 10.05
C GLN B 659 14.67 -19.46 10.45
N VAL B 660 14.01 -18.33 10.71
CA VAL B 660 12.67 -18.30 11.27
C VAL B 660 11.66 -18.05 10.16
N GLU B 661 10.45 -18.58 10.36
CA GLU B 661 9.32 -18.31 9.48
C GLU B 661 8.65 -17.02 9.94
N TYR B 662 8.52 -16.06 9.04
CA TYR B 662 8.04 -14.73 9.37
C TYR B 662 6.67 -14.49 8.76
N LEU B 663 5.79 -13.82 9.52
CA LEU B 663 4.50 -13.38 9.03
C LEU B 663 4.35 -11.91 9.39
N LEU B 664 4.27 -11.05 8.38
CA LEU B 664 4.16 -9.61 8.55
C LEU B 664 2.75 -9.17 8.18
N ILE B 665 2.09 -8.46 9.09
CA ILE B 665 0.73 -7.97 8.89
C ILE B 665 0.69 -6.50 9.26
N HIS B 666 0.01 -5.70 8.44
CA HIS B 666 -0.08 -4.27 8.70
C HIS B 666 -1.29 -3.70 7.97
N GLY B 667 -1.96 -2.74 8.62
CA GLY B 667 -3.09 -2.09 8.00
C GLY B 667 -2.67 -1.02 7.02
N THR B 668 -3.39 -0.94 5.89
CA THR B 668 -3.03 0.00 4.84
C THR B 668 -3.23 1.44 5.29
N ALA B 669 -4.34 1.73 5.97
CA ALA B 669 -4.66 3.07 6.44
C ALA B 669 -4.17 3.33 7.85
N ASP B 670 -3.06 2.73 8.24
CA ASP B 670 -2.52 2.92 9.58
C ASP B 670 -1.86 4.30 9.67
N ASP B 671 -2.42 5.15 10.52
CA ASP B 671 -1.89 6.49 10.74
C ASP B 671 -0.98 6.59 11.95
N ASN B 672 -1.00 5.59 12.83
CA ASN B 672 -0.14 5.62 14.02
C ASN B 672 1.27 5.13 13.67
N VAL B 673 1.39 3.85 13.35
CA VAL B 673 2.62 3.27 12.82
C VAL B 673 2.34 3.01 11.34
N HIS B 674 2.85 3.89 10.48
CA HIS B 674 2.46 3.89 9.07
C HIS B 674 2.88 2.58 8.38
N PHE B 675 2.08 2.20 7.38
CA PHE B 675 2.43 1.03 6.57
C PHE B 675 3.85 1.16 6.02
N GLN B 676 4.33 2.38 5.86
CA GLN B 676 5.72 2.61 5.46
C GLN B 676 6.68 1.75 6.24
N GLN B 677 6.41 1.53 7.53
CA GLN B 677 7.33 0.77 8.36
C GLN B 677 7.41 -0.68 7.93
N SER B 678 6.25 -1.33 7.75
CA SER B 678 6.26 -2.71 7.28
C SER B 678 6.75 -2.81 5.85
N ALA B 679 6.49 -1.79 5.02
CA ALA B 679 6.98 -1.82 3.64
C ALA B 679 8.50 -1.87 3.59
N GLN B 680 9.17 -1.11 4.47
CA GLN B 680 10.62 -1.15 4.53
C GLN B 680 11.12 -2.49 5.08
N ILE B 681 10.34 -3.13 5.96
CA ILE B 681 10.72 -4.43 6.50
C ILE B 681 10.74 -5.48 5.39
N SER B 682 9.66 -5.56 4.61
CA SER B 682 9.59 -6.54 3.55
C SER B 682 10.63 -6.27 2.48
N LYS B 683 10.85 -5.00 2.14
CA LYS B 683 11.86 -4.67 1.14
C LYS B 683 13.25 -5.12 1.58
N ALA B 684 13.55 -4.97 2.87
CA ALA B 684 14.83 -5.46 3.38
C ALA B 684 14.91 -6.98 3.29
N LEU B 685 13.83 -7.67 3.61
CA LEU B 685 13.82 -9.13 3.51
C LEU B 685 13.98 -9.58 2.07
N VAL B 686 13.39 -8.83 1.12
CA VAL B 686 13.51 -9.18 -0.28
C VAL B 686 14.93 -8.97 -0.79
N ASP B 687 15.59 -7.91 -0.30
CA ASP B 687 16.94 -7.60 -0.77
C ASP B 687 17.98 -8.61 -0.30
N VAL B 688 17.66 -9.39 0.73
CA VAL B 688 18.56 -10.43 1.23
C VAL B 688 18.03 -11.81 0.89
N GLY B 689 16.95 -11.91 0.12
CA GLY B 689 16.43 -13.18 -0.32
C GLY B 689 16.00 -14.12 0.78
N VAL B 690 15.02 -13.69 1.58
CA VAL B 690 14.46 -14.52 2.64
C VAL B 690 12.95 -14.56 2.47
N ASP B 691 12.40 -15.76 2.30
CA ASP B 691 10.97 -15.91 2.11
C ASP B 691 10.22 -15.63 3.41
N PHE B 692 8.98 -15.18 3.27
CA PHE B 692 8.17 -14.88 4.44
C PHE B 692 6.72 -14.71 4.00
N GLN B 693 5.82 -14.82 4.98
CA GLN B 693 4.39 -14.63 4.75
C GLN B 693 4.00 -13.18 5.05
N ALA B 694 3.16 -12.61 4.18
CA ALA B 694 2.75 -11.23 4.32
C ALA B 694 1.24 -11.11 4.13
N MET B 695 0.67 -10.06 4.71
CA MET B 695 -0.77 -9.84 4.62
C MET B 695 -1.05 -8.37 4.93
N TRP B 696 -1.51 -7.62 3.93
CA TRP B 696 -1.95 -6.25 4.13
C TRP B 696 -3.46 -6.22 4.36
N TYR B 697 -3.93 -5.12 4.92
CA TYR B 697 -5.36 -4.93 5.20
C TYR B 697 -5.79 -3.56 4.69
N THR B 698 -6.60 -3.56 3.64
CA THR B 698 -6.98 -2.33 2.95
C THR B 698 -7.80 -1.44 3.87
N ASP B 699 -7.41 -0.17 3.96
CA ASP B 699 -8.17 0.85 4.67
C ASP B 699 -8.22 0.58 6.17
N GLU B 700 -7.55 -0.47 6.63
CA GLU B 700 -7.47 -0.74 8.06
C GLU B 700 -6.35 0.09 8.69
N ASP B 701 -6.63 0.63 9.87
CA ASP B 701 -5.69 1.46 10.59
C ASP B 701 -4.96 0.62 11.65
N HIS B 702 -4.34 1.28 12.63
CA HIS B 702 -3.53 0.58 13.60
C HIS B 702 -4.35 -0.33 14.52
N GLY B 703 -5.67 -0.21 14.51
CA GLY B 703 -6.49 -1.06 15.34
C GLY B 703 -6.89 -2.35 14.65
N ILE B 704 -7.14 -2.28 13.34
CA ILE B 704 -7.68 -3.41 12.61
C ILE B 704 -8.94 -3.87 13.34
N ALA B 705 -9.79 -2.92 13.70
CA ALA B 705 -10.94 -3.18 14.57
C ALA B 705 -12.24 -3.38 13.80
N SER B 706 -12.20 -3.40 12.48
CA SER B 706 -13.40 -3.67 11.70
C SER B 706 -13.95 -5.05 12.08
N SER B 707 -15.27 -5.20 11.92
CA SER B 707 -15.89 -6.48 12.24
C SER B 707 -15.37 -7.58 11.34
N THR B 708 -15.25 -7.31 10.03
CA THR B 708 -14.80 -8.33 9.10
C THR B 708 -13.29 -8.49 9.09
N ALA B 709 -12.55 -7.40 9.35
CA ALA B 709 -11.09 -7.47 9.35
C ALA B 709 -10.55 -8.13 10.62
N HIS B 710 -11.22 -7.91 11.75
CA HIS B 710 -10.77 -8.52 13.00
C HIS B 710 -10.85 -10.04 12.92
N GLN B 711 -11.98 -10.57 12.44
CA GLN B 711 -12.10 -12.01 12.30
C GLN B 711 -11.14 -12.57 11.26
N HIS B 712 -10.79 -11.77 10.25
CA HIS B 712 -9.95 -12.26 9.17
C HIS B 712 -8.50 -12.43 9.62
N ILE B 713 -7.97 -11.44 10.35
CA ILE B 713 -6.57 -11.49 10.74
C ILE B 713 -6.31 -12.64 11.71
N TYR B 714 -7.18 -12.81 12.70
CA TYR B 714 -6.98 -13.89 13.66
C TYR B 714 -7.22 -15.26 13.01
N THR B 715 -8.09 -15.32 12.00
CA THR B 715 -8.22 -16.57 11.25
C THR B 715 -6.94 -16.89 10.49
N HIS B 716 -6.31 -15.86 9.90
CA HIS B 716 -5.07 -16.06 9.17
C HIS B 716 -3.91 -16.37 10.12
N MET B 717 -3.86 -15.69 11.26
CA MET B 717 -2.81 -15.97 12.24
C MET B 717 -2.99 -17.34 12.88
N SER B 718 -4.23 -17.80 13.03
CA SER B 718 -4.46 -19.13 13.58
C SER B 718 -3.91 -20.21 12.66
N HIS B 719 -4.09 -20.04 11.35
CA HIS B 719 -3.52 -20.99 10.40
C HIS B 719 -2.00 -20.95 10.41
N PHE B 720 -1.42 -19.75 10.46
CA PHE B 720 0.04 -19.65 10.51
C PHE B 720 0.60 -20.31 11.76
N ILE B 721 -0.13 -20.26 12.88
CA ILE B 721 0.33 -20.91 14.10
C ILE B 721 0.11 -22.42 14.02
N LYS B 722 -1.06 -22.84 13.55
CA LYS B 722 -1.37 -24.27 13.52
C LYS B 722 -0.45 -25.04 12.59
N GLN B 723 0.03 -24.39 11.52
CA GLN B 723 0.93 -25.07 10.60
C GLN B 723 2.38 -25.03 11.09
N CYS B 724 2.75 -23.98 11.83
CA CYS B 724 4.09 -23.91 12.40
C CYS B 724 4.25 -24.81 13.60
N PHE B 725 3.14 -25.13 14.30
CA PHE B 725 3.16 -26.05 15.41
C PHE B 725 2.67 -27.44 15.01
N SER B 726 2.45 -27.68 13.71
CA SER B 726 2.04 -29.00 13.22
C SER B 726 0.80 -29.51 13.95
N LEU B 727 -0.10 -28.60 14.32
CA LEU B 727 -1.31 -28.97 15.05
C LEU B 727 -2.44 -29.28 14.08
N PRO B 728 -3.17 -30.39 14.28
CA PRO B 728 -4.32 -30.76 13.44
C PRO B 728 -5.48 -29.77 13.61
C10 8O3 C . -0.83 -4.02 -24.66
C13 8O3 C . 0.59 -2.81 -26.37
C17 8O3 C . -0.24 -5.18 -26.79
C01 8O3 C . -2.94 -4.98 -17.93
C02 8O3 C . -1.63 -4.53 -17.90
C03 8O3 C . -0.96 -4.29 -19.08
C04 8O3 C . -1.59 -4.48 -20.30
C05 8O3 C . -2.91 -4.92 -20.33
C06 8O3 C . -3.58 -5.17 -19.14
C07 8O3 C . -0.85 -4.22 -21.61
C08 8O3 C . -1.61 -3.17 -22.45
C09 8O3 C . -0.81 -2.83 -23.71
N11 8O3 C . -0.15 -4.00 -25.94
O12 8O3 C . -1.43 -5.00 -24.35
C14 8O3 C . 0.95 -2.90 -27.85
N15 8O3 C . 1.12 -4.18 -28.49
C16 8O3 C . 0.96 -5.38 -27.69
O18 8O3 C . 1.08 -1.90 -28.49
N19 8O3 C . -1.81 -1.96 -21.65
F20 8O3 C . -4.87 -5.61 -19.16
F21 8O3 C . -3.61 -5.22 -16.76
F22 8O3 C . 0.33 -3.86 -19.04
H132 8O3 C . 0.04 -2.03 -26.22
H131 8O3 C . 1.40 -2.75 -25.84
H171 8O3 C . -0.32 -5.96 -26.21
H172 8O3 C . -1.03 -5.12 -27.33
H021 8O3 C . -1.20 -4.40 -17.09
H051 8O3 C . -3.34 -5.06 -21.14
H071 8O3 C . 0.04 -3.90 -21.42
H072 8O3 C . -0.79 -5.04 -22.12
H1 8O3 C . -2.47 -3.53 -22.70
H092 8O3 C . -1.22 -2.06 -24.14
H091 8O3 C . 0.11 -2.61 -23.47
H2 8O3 C . 1.33 -4.24 -29.33
H161 8O3 C . 1.76 -5.54 -27.17
H162 8O3 C . 0.80 -6.14 -28.28
H3 8O3 C . -1.03 -1.69 -21.33
H4 8O3 C . -2.36 -2.14 -20.99
C10 8O3 D . 2.57 -8.56 -21.71
C13 8O3 D . 3.21 -9.77 -19.68
C17 8O3 D . 2.38 -11.09 -21.71
C01 8O3 D . 4.46 -3.74 -27.01
C02 8O3 D . 4.57 -4.98 -27.62
C03 8O3 D . 4.32 -6.14 -26.90
C04 8O3 D . 3.96 -6.06 -25.56
C05 8O3 D . 3.84 -4.81 -24.96
C06 8O3 D . 4.10 -3.66 -25.67
C07 8O3 D . 3.67 -7.33 -24.76
C08 8O3 D . 2.55 -7.10 -23.74
C09 8O3 D . 2.08 -8.44 -23.15
N11 8O3 D . 2.72 -9.83 -21.04
O12 8O3 D . 2.87 -7.58 -21.11
C14 8O3 D . 2.80 -10.99 -18.86
N15 8O3 D . 2.56 -12.26 -19.51
C16 8O3 D . 2.73 -12.38 -20.95
O18 8O3 D . 2.69 -10.89 -17.68
N19 8O3 D . 1.38 -6.45 -24.34
F20 8O3 D . 3.99 -2.44 -25.07
F21 8O3 D . 4.71 -2.61 -27.73
F22 8O3 D . 4.43 -7.35 -27.51
H132 8O3 D . 2.86 -8.97 -19.25
H131 8O3 D . 4.18 -9.72 -19.69
H171 8O3 D . 1.42 -11.09 -21.88
H172 8O3 D . 2.85 -11.12 -22.55
H021 8O3 D . 4.81 -5.04 -28.52
H051 8O3 D . 3.60 -4.76 -24.06
H071 8O3 D . 3.41 -8.05 -25.37
H072 8O3 D . 4.47 -7.59 -24.28
H1 8O3 D . 2.89 -6.54 -23.03
H092 8O3 D . 1.11 -8.46 -23.16
H091 8O3 D . 2.42 -9.17 -23.68
H2 8O3 D . 2.34 -12.95 -19.04
H161 8O3 D . 2.16 -13.10 -21.27
H162 8O3 D . 3.65 -12.61 -21.14
H3 8O3 D . 1.20 -6.84 -25.11
H4 8O3 D . 1.56 -5.59 -24.47
C10 8O3 E . -2.26 -1.69 24.64
C13 8O3 E . -3.19 -3.83 23.72
C17 8O3 E . -1.34 -2.68 22.48
C01 8O3 E . -4.23 4.67 27.43
C02 8O3 E . -3.98 4.62 26.07
C03 8O3 E . -3.63 3.42 25.46
C04 8O3 E . -3.54 2.27 26.23
C05 8O3 E . -3.80 2.32 27.59
C06 8O3 E . -4.14 3.52 28.19
C07 8O3 E . -3.18 0.89 25.64
C08 8O3 E . -2.06 0.86 24.58
C09 8O3 E . -1.31 -0.49 24.62
N11 8O3 E . -2.24 -2.73 23.61
O12 8O3 E . -3.03 -1.81 25.52
C14 8O3 E . -3.90 -3.92 22.37
N15 8O3 E . -3.07 -3.86 21.20
C16 8O3 E . -1.63 -3.72 21.39
O18 8O3 E . -5.07 -4.02 22.31
N19 8O3 E . -1.08 1.92 24.80
F20 8O3 E . -4.40 3.56 29.52
F21 8O3 E . -4.57 5.86 28.01
F22 8O3 E . -3.38 3.39 24.12
H132 8O3 E . -3.83 -3.65 24.42
H131 8O3 E . -2.71 -4.65 23.90
H171 8O3 E . -1.38 -1.80 22.08
H172 8O3 E . -0.44 -2.83 22.80
H021 8O3 E . -4.03 5.40 25.56
H051 8O3 E . -3.75 1.55 28.10
H071 8O3 E . -2.92 0.31 26.37
H072 8O3 E . -3.98 0.52 25.23
H1 8O3 E . -2.45 0.97 23.70
H092 8O3 E . -0.74 -0.54 23.82
H091 8O3 E . -0.75 -0.51 25.40
H2 8O3 E . -3.41 -3.90 20.41
H161 8O3 E . -1.22 -3.46 20.56
H162 8O3 E . -1.27 -4.59 21.67
H3 8O3 E . -0.82 1.91 25.65
H4 8O3 E . -1.44 2.70 24.61
C10 8O3 F . 0.83 4.94 24.55
C13 8O3 F . -0.77 6.51 25.72
C17 8O3 F . 0.25 4.51 26.92
C01 8O3 F . 3.35 2.03 18.59
C02 8O3 F . 2.00 2.26 18.42
C03 8O3 F . 1.26 2.80 19.45
C04 8O3 F . 1.86 3.12 20.64
C05 8O3 F . 3.21 2.89 20.82
C06 8O3 F . 3.96 2.34 19.78
C07 8O3 F . 1.04 3.72 21.79
C08 8O3 F . 1.63 5.07 22.20
C09 8O3 F . 0.75 5.74 23.25
N11 8O3 F . 0.09 5.33 25.73
O12 8O3 F . 1.52 3.97 24.60
C14 8O3 F . -1.15 6.91 27.14
N15 8O3 F . -1.22 5.91 28.19
C16 8O3 F . -0.92 4.53 27.86
O18 8O3 F . -1.39 8.04 27.39
N19 8O3 F . 1.71 5.94 21.03
F20 8O3 F . 5.30 2.11 19.95
F21 8O3 F . 4.08 1.48 17.56
F22 8O3 F . -0.09 3.02 19.28
H132 8O3 F . -0.29 7.24 25.30
H131 8O3 F . -1.58 6.32 25.22
H171 8O3 F . 0.41 3.59 26.64
H172 8O3 F . 1.02 4.83 27.40
H021 8O3 F . 1.59 2.04 17.62
H051 8O3 F . 3.63 3.10 21.62
H071 8O3 F . 0.12 3.84 21.50
H072 8O3 F . 1.06 3.12 22.55
H1 8O3 F . 2.51 4.94 22.56
H092 8O3 F . 1.05 6.64 23.41
H091 8O3 F . -0.18 5.76 22.94
H2 8O3 F . -1.44 6.13 29.00
H161 8O3 F . -1.69 4.11 27.44
H162 8O3 F . -0.70 4.04 28.67
H3 8O3 F . 0.92 5.98 20.64
H4 8O3 F . 2.31 5.61 20.46
#